data_4K4G
#
_entry.id   4K4G
#
_cell.length_a   194.570
_cell.length_b   97.810
_cell.length_c   105.070
_cell.angle_alpha   90.00
_cell.angle_beta   90.00
_cell.angle_gamma   90.00
#
_symmetry.space_group_name_H-M   'P 21 21 2'
#
loop_
_entity.id
_entity.type
_entity.pdbx_description
1 polymer 'DNA polymerase lambda'
2 polymer "DNA (5'-D(*CP*GP*GP*CP*GP*GP*TP*AP*CP*TP*G)-3')"
3 polymer "DNA (5'-D(*CP*AP*GP*TP*AP*C)-3')"
4 polymer "DNA (5'-D(P*GP*CP*CP*G)-3')"
5 non-polymer 4-amino-1-{2-deoxy-5-O-[(R)-hydroxy{[(S)-hydroxy(phosphonooxy)phosphoryl]oxy}phosphoryl]-beta-L-erythro-pentofuranosyl}pyrimidin-2(1H)-one
6 non-polymer 'CALCIUM ION'
7 non-polymer 'ACETATE ION'
8 non-polymer 'CACODYLATE ION'
9 water water
#
loop_
_entity_poly.entity_id
_entity_poly.type
_entity_poly.pdbx_seq_one_letter_code
_entity_poly.pdbx_strand_id
1 'polypeptide(L)'
;MSSQKATNHNLHITEKLEVLAKAYSVQGDKWRALGYAKAINALKSFHKPVTSYQEACSIPGIGKRMAEKIIEILESGHLR
KLDHISESVPVLELFSNIWGAGTKTAQMWYQQGFRSLEDIRSQASLTTQQAIGLKHYSDFLERMPREEATEIEQTVQKAA
QAFNSGLLCVACGSYRRGKATCGDVDVLITHPDGRSHRGIFSRLLDSLRQEGFLTDDLVSQEENGQQQKYLGVCRLPGPG
RRHRRLDIIVVPYSEFACALLYFTGSAHFNRSMRALAKTKGMSLSEHALSTAVVRNTHGCKVGPGRVLPTPTEKDVFRLL
GLPYREPAERDWLEHHHHHH
;
A,E,I,M
2 'polydeoxyribonucleotide' (DC)(DG)(DG)(DC)(DG)(DG)(DT)(DA)(DC)(DT)(DG) B,F,J,N
3 'polydeoxyribonucleotide' (DC)(DA)(DG)(DT)(DA)(DC) C,G,K,O
4 'polydeoxyribonucleotide' (DG)(DC)(DC)(DG) D,H,L,P
#
# COMPACT_ATOMS: atom_id res chain seq x y z
N THR A 7 -28.84 39.84 -5.07
CA THR A 7 -29.27 38.84 -4.08
C THR A 7 -28.16 38.55 -3.03
N ASN A 8 -26.96 38.17 -3.46
CA ASN A 8 -25.83 38.10 -2.57
C ASN A 8 -25.22 39.49 -2.56
N HIS A 9 -25.44 40.25 -1.48
CA HIS A 9 -24.97 41.64 -1.41
C HIS A 9 -23.55 41.73 -0.92
N ASN A 10 -22.96 40.60 -0.52
CA ASN A 10 -21.59 40.60 -0.07
C ASN A 10 -20.68 39.74 -0.99
N LEU A 11 -20.95 39.78 -2.31
CA LEU A 11 -20.26 38.88 -3.29
C LEU A 11 -18.76 38.93 -3.21
N HIS A 12 -18.24 40.13 -3.10
CA HIS A 12 -16.81 40.36 -3.07
C HIS A 12 -16.21 39.83 -1.79
N ILE A 13 -16.97 39.81 -0.69
CA ILE A 13 -16.51 39.14 0.53
C ILE A 13 -16.53 37.58 0.43
N THR A 14 -17.61 37.00 -0.07
CA THR A 14 -17.77 35.54 -0.03
C THR A 14 -16.76 34.84 -0.97
N GLU A 15 -16.41 35.49 -2.07
CA GLU A 15 -15.50 34.89 -3.02
C GLU A 15 -14.16 34.65 -2.39
N LYS A 16 -13.70 35.65 -1.66
CA LYS A 16 -12.42 35.53 -1.00
C LYS A 16 -12.47 34.53 0.15
N LEU A 17 -13.54 34.51 0.93
CA LEU A 17 -13.61 33.55 2.05
C LEU A 17 -13.72 32.09 1.53
N GLU A 18 -14.36 31.90 0.39
CA GLU A 18 -14.46 30.59 -0.28
C GLU A 18 -13.07 30.03 -0.63
N VAL A 19 -12.21 30.87 -1.16
CA VAL A 19 -10.81 30.48 -1.42
C VAL A 19 -10.16 29.98 -0.17
N LEU A 20 -10.30 30.75 0.89
CA LEU A 20 -9.67 30.38 2.13
C LEU A 20 -10.27 29.10 2.70
N ALA A 21 -11.58 28.95 2.56
CA ALA A 21 -12.27 27.75 3.04
C ALA A 21 -11.79 26.53 2.27
N LYS A 22 -11.57 26.70 0.97
CA LYS A 22 -11.10 25.60 0.11
C LYS A 22 -9.79 25.10 0.66
N ALA A 23 -8.92 26.04 1.01
CA ALA A 23 -7.60 25.73 1.38
C ALA A 23 -7.56 24.94 2.64
N TYR A 24 -8.47 25.24 3.58
CA TYR A 24 -8.51 24.47 4.83
C TYR A 24 -9.05 23.05 4.56
N SER A 25 -10.08 23.00 3.76
CA SER A 25 -10.70 21.76 3.39
C SER A 25 -9.70 20.71 2.76
N VAL A 26 -8.92 21.11 1.76
CA VAL A 26 -7.90 20.20 1.13
C VAL A 26 -6.73 19.92 2.02
N GLN A 27 -6.55 20.70 3.05
CA GLN A 27 -5.54 20.32 4.03
C GLN A 27 -6.09 19.45 5.10
N GLY A 28 -7.39 19.16 5.07
CA GLY A 28 -7.90 18.25 6.09
C GLY A 28 -8.31 18.95 7.37
N ASP A 29 -8.35 20.29 7.39
CA ASP A 29 -8.82 21.03 8.59
C ASP A 29 -10.33 21.18 8.49
N LYS A 30 -11.03 20.10 8.73
CA LYS A 30 -12.39 20.08 8.33
C LYS A 30 -13.34 20.93 9.23
N TRP A 31 -13.10 20.96 10.51
CA TRP A 31 -13.98 21.77 11.39
C TRP A 31 -13.88 23.21 11.09
N ARG A 32 -12.67 23.66 10.78
CA ARG A 32 -12.47 25.04 10.44
C ARG A 32 -13.16 25.35 9.12
N ALA A 33 -13.07 24.41 8.18
CA ALA A 33 -13.78 24.51 6.91
C ALA A 33 -15.28 24.46 7.02
N LEU A 34 -15.80 23.66 7.96
CA LEU A 34 -17.25 23.66 8.26
C LEU A 34 -17.66 25.11 8.71
N GLY A 35 -16.89 25.64 9.64
CA GLY A 35 -17.04 27.02 10.15
C GLY A 35 -17.12 28.08 9.09
N TYR A 36 -16.25 27.99 8.08
CA TYR A 36 -16.27 28.96 7.00
C TYR A 36 -17.46 28.77 6.15
N ALA A 37 -17.78 27.51 5.90
CA ALA A 37 -18.91 27.23 5.04
C ALA A 37 -20.22 27.86 5.55
N LYS A 38 -20.46 27.80 6.86
CA LYS A 38 -21.72 28.34 7.43
C LYS A 38 -21.67 29.89 7.42
N ALA A 39 -20.51 30.47 7.71
CA ALA A 39 -20.36 31.92 7.65
C ALA A 39 -20.66 32.41 6.28
N ILE A 40 -20.10 31.70 5.31
CA ILE A 40 -20.29 32.12 3.93
C ILE A 40 -21.77 32.07 3.53
N ASN A 41 -22.51 30.98 3.84
CA ASN A 41 -23.94 31.00 3.49
C ASN A 41 -24.70 32.14 4.18
N ALA A 42 -24.46 32.32 5.47
CA ALA A 42 -25.02 33.45 6.24
C ALA A 42 -24.76 34.81 5.54
N LEU A 43 -23.56 35.04 4.99
CA LEU A 43 -23.30 36.32 4.30
C LEU A 43 -24.08 36.47 3.03
N LYS A 44 -24.25 35.35 2.30
CA LYS A 44 -25.05 35.37 1.07
C LYS A 44 -26.50 35.65 1.38
N SER A 45 -26.95 35.23 2.57
CA SER A 45 -28.35 35.31 2.92
C SER A 45 -28.72 36.63 3.54
N PHE A 46 -27.77 37.53 3.70
CA PHE A 46 -28.03 38.76 4.45
C PHE A 46 -28.63 39.83 3.57
N HIS A 47 -29.70 40.45 4.06
CA HIS A 47 -30.49 41.44 3.33
C HIS A 47 -29.74 42.64 2.78
N LYS A 48 -28.53 42.92 3.25
CA LYS A 48 -27.78 44.09 2.79
C LYS A 48 -26.26 43.87 2.87
N PRO A 49 -25.47 44.78 2.29
CA PRO A 49 -24.05 44.65 2.54
C PRO A 49 -23.74 44.79 4.02
N VAL A 50 -22.83 43.99 4.52
CA VAL A 50 -22.39 44.20 5.85
C VAL A 50 -21.66 45.54 5.89
N THR A 51 -21.92 46.34 6.94
CA THR A 51 -21.35 47.68 6.96
C THR A 51 -20.55 47.96 8.18
N SER A 52 -20.56 47.04 9.11
CA SER A 52 -19.84 47.25 10.32
C SER A 52 -19.51 45.89 10.90
N TYR A 53 -18.51 45.93 11.78
CA TYR A 53 -18.03 44.77 12.49
C TYR A 53 -19.14 44.27 13.34
N GLN A 54 -19.71 45.16 14.15
CA GLN A 54 -20.85 44.85 15.00
C GLN A 54 -21.93 44.10 14.24
N GLU A 55 -22.32 44.62 13.11
CA GLU A 55 -23.38 44.02 12.32
C GLU A 55 -22.99 42.56 11.87
N ALA A 56 -21.69 42.31 11.76
CA ALA A 56 -21.19 41.05 11.28
C ALA A 56 -21.28 40.03 12.42
N CYS A 57 -20.86 40.42 13.64
CA CYS A 57 -20.90 39.53 14.80
C CYS A 57 -22.32 39.12 15.18
N SER A 58 -23.24 40.02 14.90
CA SER A 58 -24.63 39.77 15.19
C SER A 58 -25.18 38.60 14.35
N ILE A 59 -24.70 38.43 13.10
CA ILE A 59 -25.11 37.29 12.22
C ILE A 59 -24.71 35.90 12.80
N PRO A 60 -25.67 35.00 13.07
CA PRO A 60 -25.24 33.66 13.50
C PRO A 60 -24.34 32.97 12.42
N GLY A 61 -23.24 32.38 12.81
CA GLY A 61 -22.23 31.83 11.92
C GLY A 61 -21.01 32.75 11.80
N ILE A 62 -21.11 33.97 12.30
CA ILE A 62 -20.01 34.92 12.25
C ILE A 62 -19.58 35.40 13.65
N GLY A 63 -18.30 35.28 13.94
CA GLY A 63 -17.71 35.68 15.18
C GLY A 63 -16.47 36.56 14.95
N LYS A 64 -15.69 36.76 16.01
CA LYS A 64 -14.61 37.74 16.04
C LYS A 64 -13.71 37.62 14.80
N ARG A 65 -13.16 36.42 14.62
CA ARG A 65 -12.19 36.14 13.55
C ARG A 65 -12.76 36.35 12.15
N MET A 66 -13.99 35.96 11.92
CA MET A 66 -14.60 36.13 10.61
C MET A 66 -15.02 37.59 10.39
N ALA A 67 -15.41 38.24 11.48
CA ALA A 67 -15.75 39.68 11.40
C ALA A 67 -14.54 40.49 10.99
N GLU A 68 -13.37 40.25 11.58
CA GLU A 68 -12.13 41.00 11.18
C GLU A 68 -11.81 40.84 9.72
N LYS A 69 -11.97 39.63 9.21
CA LYS A 69 -11.69 39.35 7.80
C LYS A 69 -12.73 40.03 6.95
N ILE A 70 -14.01 39.96 7.37
CA ILE A 70 -15.04 40.62 6.60
C ILE A 70 -14.77 42.11 6.52
N ILE A 71 -14.36 42.69 7.65
CA ILE A 71 -14.10 44.13 7.73
C ILE A 71 -12.85 44.54 6.98
N GLU A 72 -11.71 43.91 7.32
CA GLU A 72 -10.52 44.09 6.50
C GLU A 72 -10.90 44.15 5.05
N ILE A 73 -11.66 43.18 4.57
CA ILE A 73 -12.02 43.15 3.15
C ILE A 73 -12.87 44.32 2.72
N LEU A 74 -13.81 44.69 3.57
CA LEU A 74 -14.81 45.69 3.25
C LEU A 74 -14.10 47.04 3.06
N GLU A 75 -13.20 47.35 3.95
CA GLU A 75 -12.52 48.64 3.93
C GLU A 75 -11.39 48.53 2.87
N SER A 76 -10.32 47.80 3.21
CA SER A 76 -9.14 47.61 2.36
C SER A 76 -9.30 46.90 1.01
N GLY A 77 -10.43 46.24 0.74
CA GLY A 77 -10.66 45.63 -0.59
C GLY A 77 -9.92 44.32 -0.89
N HIS A 78 -9.03 43.90 -0.01
CA HIS A 78 -8.33 42.64 -0.17
C HIS A 78 -8.22 41.94 1.16
N LEU A 79 -7.85 40.67 1.08
CA LEU A 79 -7.68 39.87 2.25
C LEU A 79 -6.26 39.30 2.29
N ARG A 80 -5.53 39.73 3.31
CA ARG A 80 -4.11 39.54 3.35
C ARG A 80 -3.79 38.06 3.33
N LYS A 81 -4.52 37.31 4.15
CA LYS A 81 -4.20 35.90 4.43
C LYS A 81 -4.19 35.05 3.19
N LEU A 82 -4.86 35.50 2.13
CA LEU A 82 -4.92 34.82 0.88
C LEU A 82 -3.60 34.78 0.13
N ASP A 83 -2.56 35.40 0.68
CA ASP A 83 -1.27 35.43 0.03
C ASP A 83 -0.29 34.67 0.86
N HIS A 84 -0.74 34.17 2.00
CA HIS A 84 0.09 33.29 2.81
C HIS A 84 -0.45 31.87 2.81
N ILE A 85 -1.24 31.55 1.79
CA ILE A 85 -1.80 30.18 1.68
C ILE A 85 -0.67 29.19 1.32
N SER A 86 -0.51 28.09 2.04
CA SER A 86 0.53 27.13 1.64
C SER A 86 0.52 26.85 0.12
N GLU A 87 1.71 26.73 -0.45
CA GLU A 87 1.83 26.43 -1.90
C GLU A 87 1.38 24.99 -2.29
N SER A 88 1.35 24.12 -1.29
CA SER A 88 0.90 22.74 -1.45
C SER A 88 -0.59 22.65 -1.80
N VAL A 89 -1.34 23.70 -1.48
CA VAL A 89 -2.80 23.66 -1.57
C VAL A 89 -3.30 23.32 -2.97
N PRO A 90 -2.78 23.98 -3.98
CA PRO A 90 -3.31 23.65 -5.31
C PRO A 90 -3.03 22.17 -5.71
N VAL A 91 -1.93 21.61 -5.24
CA VAL A 91 -1.62 20.22 -5.55
C VAL A 91 -2.50 19.28 -4.73
N LEU A 92 -2.66 19.63 -3.49
CA LEU A 92 -3.58 18.91 -2.61
C LEU A 92 -4.98 18.95 -3.16
N GLU A 93 -5.36 20.02 -3.83
CA GLU A 93 -6.68 20.12 -4.36
C GLU A 93 -6.77 19.19 -5.55
N LEU A 94 -5.74 19.24 -6.36
CA LEU A 94 -5.67 18.43 -7.57
C LEU A 94 -5.90 16.95 -7.23
N PHE A 95 -5.21 16.47 -6.23
CA PHE A 95 -5.20 15.11 -5.84
C PHE A 95 -6.51 14.69 -5.16
N SER A 96 -6.97 15.46 -4.17
CA SER A 96 -8.34 15.35 -3.66
C SER A 96 -9.48 15.32 -4.70
N ASN A 97 -9.30 15.94 -5.85
CA ASN A 97 -10.33 15.83 -6.92
C ASN A 97 -10.39 14.45 -7.62
N ILE A 98 -9.45 13.58 -7.35
CA ILE A 98 -9.56 12.18 -7.71
C ILE A 98 -10.61 11.46 -6.79
N TRP A 99 -11.59 10.85 -7.40
CA TRP A 99 -12.61 10.13 -6.64
C TRP A 99 -11.93 8.98 -5.99
N GLY A 100 -12.11 8.87 -4.69
CA GLY A 100 -11.55 7.84 -3.86
C GLY A 100 -10.27 8.25 -3.11
N ALA A 101 -9.75 9.44 -3.44
CA ALA A 101 -8.62 10.00 -2.70
C ALA A 101 -9.07 11.23 -1.91
N GLY A 102 -8.71 11.27 -0.66
CA GLY A 102 -9.11 12.37 0.20
C GLY A 102 -7.85 13.04 0.71
N THR A 103 -8.00 13.82 1.77
CA THR A 103 -6.87 14.62 2.27
C THR A 103 -5.70 13.78 2.71
N LYS A 104 -5.95 12.62 3.31
CA LYS A 104 -4.87 11.77 3.75
C LYS A 104 -4.01 11.24 2.65
N THR A 105 -4.64 10.79 1.57
CA THR A 105 -3.95 10.20 0.43
C THR A 105 -3.28 11.35 -0.30
N ALA A 106 -3.98 12.46 -0.45
CA ALA A 106 -3.35 13.59 -1.12
C ALA A 106 -2.09 14.08 -0.35
N GLN A 107 -2.10 14.13 0.98
CA GLN A 107 -0.91 14.47 1.77
C GLN A 107 0.24 13.41 1.65
N MET A 108 -0.10 12.13 1.64
CA MET A 108 0.85 11.05 1.45
C MET A 108 1.46 11.17 0.09
N TRP A 109 0.66 11.44 -0.92
CA TRP A 109 1.26 11.67 -2.24
C TRP A 109 2.21 12.85 -2.24
N TYR A 110 1.79 13.96 -1.63
CA TYR A 110 2.62 15.18 -1.61
C TYR A 110 4.01 14.91 -1.06
N GLN A 111 4.05 14.16 0.05
CA GLN A 111 5.22 13.80 0.86
C GLN A 111 6.14 12.77 0.23
N GLN A 112 5.55 11.93 -0.63
CA GLN A 112 6.24 11.08 -1.61
C GLN A 112 6.64 11.91 -2.81
N GLY A 113 6.33 13.20 -2.80
CA GLY A 113 6.88 14.07 -3.84
C GLY A 113 6.21 14.24 -5.18
N PHE A 114 4.97 13.75 -5.35
CA PHE A 114 4.28 13.90 -6.65
C PHE A 114 3.62 15.28 -6.73
N ARG A 115 3.37 15.79 -7.91
CA ARG A 115 2.94 17.16 -8.00
C ARG A 115 1.99 17.35 -9.11
N SER A 116 1.75 16.30 -9.87
CA SER A 116 0.85 16.38 -11.04
C SER A 116 0.13 15.04 -11.14
N LEU A 117 -0.83 14.98 -12.00
CA LEU A 117 -1.58 13.79 -12.20
C LEU A 117 -0.63 12.71 -12.81
N GLU A 118 0.33 13.18 -13.61
CA GLU A 118 1.19 12.31 -14.41
C GLU A 118 2.10 11.63 -13.43
N ASP A 119 2.61 12.37 -12.47
CA ASP A 119 3.33 11.75 -11.37
C ASP A 119 2.49 10.64 -10.68
N ILE A 120 1.19 10.92 -10.47
CA ILE A 120 0.24 9.93 -9.94
C ILE A 120 0.09 8.74 -10.90
N ARG A 121 -0.35 8.97 -12.13
CA ARG A 121 -0.41 7.93 -13.16
C ARG A 121 0.81 7.01 -13.18
N SER A 122 2.01 7.59 -13.13
CA SER A 122 3.20 6.88 -13.54
C SER A 122 3.93 6.34 -12.35
N GLN A 123 3.70 6.88 -11.16
CA GLN A 123 4.46 6.39 -10.00
C GLN A 123 3.75 6.11 -8.71
N ALA A 124 2.52 6.59 -8.56
CA ALA A 124 1.84 6.44 -7.25
C ALA A 124 1.22 5.07 -7.19
N SER A 125 1.01 4.63 -5.96
CA SER A 125 0.15 3.50 -5.71
C SER A 125 -1.26 4.03 -5.53
N LEU A 126 -2.18 3.36 -6.22
CA LEU A 126 -3.56 3.67 -6.37
C LEU A 126 -4.38 2.49 -5.95
N THR A 127 -5.45 2.74 -5.22
CA THR A 127 -6.46 1.75 -4.98
C THR A 127 -7.24 1.56 -6.25
N THR A 128 -8.01 0.48 -6.26
CA THR A 128 -8.89 0.26 -7.36
C THR A 128 -9.80 1.42 -7.70
N GLN A 129 -10.41 1.99 -6.67
CA GLN A 129 -11.27 3.15 -6.84
C GLN A 129 -10.54 4.36 -7.39
N GLN A 130 -9.37 4.67 -6.82
CA GLN A 130 -8.58 5.79 -7.26
C GLN A 130 -8.18 5.66 -8.74
N ALA A 131 -7.90 4.45 -9.19
CA ALA A 131 -7.53 4.20 -10.60
C ALA A 131 -8.63 4.58 -11.55
N ILE A 132 -9.85 4.28 -11.15
CA ILE A 132 -10.99 4.68 -11.90
C ILE A 132 -11.23 6.18 -11.78
N GLY A 133 -11.06 6.74 -10.59
CA GLY A 133 -11.24 8.19 -10.44
C GLY A 133 -10.20 8.89 -11.32
N LEU A 134 -8.98 8.36 -11.34
CA LEU A 134 -7.91 9.03 -12.12
C LEU A 134 -8.18 8.99 -13.64
N LYS A 135 -8.58 7.85 -14.17
CA LYS A 135 -8.77 7.78 -15.58
C LYS A 135 -9.96 8.51 -16.06
N HIS A 136 -10.92 8.79 -15.17
CA HIS A 136 -12.04 9.60 -15.58
C HIS A 136 -11.94 10.99 -14.91
N TYR A 137 -10.76 11.47 -14.54
CA TYR A 137 -10.59 12.72 -13.80
C TYR A 137 -11.33 13.89 -14.41
N SER A 138 -11.14 14.13 -15.71
CA SER A 138 -11.83 15.28 -16.34
C SER A 138 -13.28 15.07 -16.45
N ASP A 139 -13.69 13.88 -16.80
CA ASP A 139 -15.13 13.67 -17.00
C ASP A 139 -15.84 13.92 -15.66
N PHE A 140 -15.32 13.41 -14.57
CA PHE A 140 -15.99 13.56 -13.27
C PHE A 140 -15.94 14.98 -12.75
N LEU A 141 -14.99 15.80 -13.22
CA LEU A 141 -14.93 17.22 -12.83
C LEU A 141 -16.00 18.08 -13.53
N GLU A 142 -16.57 17.62 -14.62
CA GLU A 142 -17.53 18.43 -15.35
C GLU A 142 -18.96 18.15 -14.89
N ARG A 143 -19.77 19.19 -14.71
CA ARG A 143 -21.13 19.03 -14.35
C ARG A 143 -21.87 18.75 -15.61
N MET A 144 -23.02 18.10 -15.53
CA MET A 144 -23.77 17.66 -16.68
C MET A 144 -25.00 18.48 -16.72
N PRO A 145 -25.56 18.66 -17.92
CA PRO A 145 -26.80 19.38 -17.97
C PRO A 145 -27.95 18.62 -17.40
N ARG A 146 -28.91 19.35 -16.88
CA ARG A 146 -30.07 18.74 -16.32
C ARG A 146 -30.69 17.67 -17.23
N GLU A 147 -30.73 17.91 -18.52
CA GLU A 147 -31.30 16.98 -19.50
C GLU A 147 -30.53 15.63 -19.64
N GLU A 148 -29.22 15.65 -19.49
CA GLU A 148 -28.44 14.41 -19.46
C GLU A 148 -28.79 13.60 -18.16
N ALA A 149 -28.90 14.30 -17.03
CA ALA A 149 -29.33 13.67 -15.79
C ALA A 149 -30.66 13.00 -15.91
N THR A 150 -31.60 13.65 -16.57
CA THR A 150 -32.91 13.01 -16.85
C THR A 150 -32.80 11.71 -17.67
N GLU A 151 -31.94 11.66 -18.68
CA GLU A 151 -31.82 10.40 -19.48
C GLU A 151 -31.08 9.33 -18.70
N ILE A 152 -30.26 9.72 -17.74
CA ILE A 152 -29.60 8.72 -16.90
C ILE A 152 -30.65 8.12 -16.01
N GLU A 153 -31.51 8.93 -15.43
CA GLU A 153 -32.54 8.43 -14.56
C GLU A 153 -33.50 7.50 -15.28
N GLN A 154 -33.81 7.85 -16.54
CA GLN A 154 -34.78 7.09 -17.32
C GLN A 154 -34.22 5.73 -17.71
N THR A 155 -32.96 5.67 -18.02
CA THR A 155 -32.28 4.39 -18.25
C THR A 155 -32.37 3.47 -17.06
N VAL A 156 -32.16 4.01 -15.86
CA VAL A 156 -32.18 3.15 -14.69
C VAL A 156 -33.61 2.66 -14.49
N GLN A 157 -34.53 3.61 -14.57
CA GLN A 157 -35.96 3.36 -14.40
C GLN A 157 -36.53 2.35 -15.42
N LYS A 158 -36.15 2.50 -16.67
CA LYS A 158 -36.63 1.55 -17.67
C LYS A 158 -36.05 0.17 -17.38
N ALA A 159 -34.75 0.09 -17.07
CA ALA A 159 -34.17 -1.23 -16.78
C ALA A 159 -34.86 -1.86 -15.54
N ALA A 160 -35.21 -1.06 -14.52
CA ALA A 160 -35.85 -1.64 -13.32
C ALA A 160 -37.27 -2.12 -13.62
N GLN A 161 -38.03 -1.30 -14.33
CA GLN A 161 -39.42 -1.65 -14.64
C GLN A 161 -39.63 -2.82 -15.59
N ALA A 162 -38.64 -3.16 -16.40
CA ALA A 162 -38.59 -4.46 -17.08
C ALA A 162 -38.60 -5.68 -16.14
N PHE A 163 -38.19 -5.55 -14.88
CA PHE A 163 -38.27 -6.66 -13.94
C PHE A 163 -39.53 -6.60 -13.14
N ASN A 164 -39.97 -5.39 -12.82
CA ASN A 164 -41.14 -5.21 -12.03
C ASN A 164 -41.61 -3.81 -12.23
N SER A 165 -42.75 -3.73 -12.89
CA SER A 165 -43.24 -2.46 -13.36
C SER A 165 -43.78 -1.59 -12.23
N GLY A 166 -44.01 -2.16 -11.05
CA GLY A 166 -44.39 -1.34 -9.89
C GLY A 166 -43.23 -0.63 -9.19
N LEU A 167 -41.99 -0.87 -9.63
CA LEU A 167 -40.85 -0.23 -9.01
C LEU A 167 -40.89 1.27 -9.23
N LEU A 168 -40.67 2.01 -8.17
CA LEU A 168 -40.71 3.45 -8.19
C LEU A 168 -39.28 3.97 -8.22
N CYS A 169 -38.90 4.69 -9.26
CA CYS A 169 -37.53 5.24 -9.38
C CYS A 169 -37.58 6.74 -9.39
N VAL A 170 -36.87 7.38 -8.49
CA VAL A 170 -36.81 8.83 -8.55
C VAL A 170 -35.41 9.42 -8.42
N ALA A 171 -35.17 10.46 -9.17
CA ALA A 171 -33.85 11.10 -9.16
C ALA A 171 -33.81 12.16 -8.07
N CYS A 172 -32.81 12.11 -7.20
CA CYS A 172 -32.79 13.01 -6.08
C CYS A 172 -31.62 13.96 -6.19
N GLY A 173 -30.95 14.23 -5.09
CA GLY A 173 -29.85 15.17 -5.08
C GLY A 173 -30.25 16.53 -5.68
N SER A 174 -29.29 17.16 -6.32
CA SER A 174 -29.48 18.49 -6.93
C SER A 174 -30.50 18.42 -8.03
N TYR A 175 -30.76 17.27 -8.61
CA TYR A 175 -31.78 17.22 -9.64
C TYR A 175 -33.14 17.51 -9.07
N ARG A 176 -33.45 16.90 -7.94
CA ARG A 176 -34.77 17.05 -7.33
C ARG A 176 -34.85 18.43 -6.68
N ARG A 177 -33.72 19.05 -6.31
CA ARG A 177 -33.72 20.42 -5.81
C ARG A 177 -33.74 21.51 -6.92
N GLY A 178 -33.91 21.12 -8.17
CA GLY A 178 -34.20 22.04 -9.25
C GLY A 178 -33.00 22.58 -10.02
N LYS A 179 -31.78 22.07 -9.84
CA LYS A 179 -30.62 22.73 -10.46
C LYS A 179 -30.58 22.44 -11.97
N ALA A 180 -29.94 23.35 -12.69
CA ALA A 180 -29.81 23.31 -14.14
C ALA A 180 -28.65 22.39 -14.55
N THR A 181 -27.64 22.25 -13.72
CA THR A 181 -26.63 21.21 -13.93
C THR A 181 -26.53 20.27 -12.74
N CYS A 182 -25.96 19.07 -12.96
CA CYS A 182 -25.75 18.04 -11.87
C CYS A 182 -24.35 17.59 -11.86
N GLY A 183 -23.80 17.43 -10.67
CA GLY A 183 -22.47 16.85 -10.51
C GLY A 183 -22.51 15.34 -10.72
N ASP A 184 -23.50 14.66 -10.15
CA ASP A 184 -23.76 13.23 -10.34
C ASP A 184 -25.22 12.97 -10.07
N VAL A 185 -25.71 11.88 -10.65
CA VAL A 185 -27.07 11.51 -10.52
C VAL A 185 -27.30 10.50 -9.35
N ASP A 186 -28.34 10.77 -8.58
CA ASP A 186 -28.65 9.99 -7.41
C ASP A 186 -30.04 9.40 -7.60
N VAL A 187 -30.14 8.09 -7.81
CA VAL A 187 -31.44 7.45 -7.98
C VAL A 187 -31.90 6.58 -6.84
N LEU A 188 -33.13 6.80 -6.39
CA LEU A 188 -33.68 6.05 -5.23
C LEU A 188 -34.80 5.17 -5.80
N ILE A 189 -34.78 3.88 -5.43
CA ILE A 189 -35.72 2.87 -5.93
C ILE A 189 -36.42 2.26 -4.75
N THR A 190 -37.74 2.10 -4.89
CA THR A 190 -38.51 1.42 -3.82
C THR A 190 -39.72 0.76 -4.49
N HIS A 191 -40.63 0.20 -3.70
CA HIS A 191 -41.88 -0.46 -4.18
C HIS A 191 -42.96 -0.30 -3.16
N PRO A 192 -44.09 0.37 -3.51
CA PRO A 192 -45.19 0.62 -2.54
C PRO A 192 -45.77 -0.62 -1.83
N ASP A 193 -45.55 -1.81 -2.36
CA ASP A 193 -46.03 -3.04 -1.69
C ASP A 193 -45.16 -3.50 -0.53
N GLY A 194 -44.09 -2.77 -0.26
CA GLY A 194 -43.33 -3.00 0.94
C GLY A 194 -42.33 -4.15 0.86
N ARG A 195 -42.31 -4.90 -0.23
CA ARG A 195 -41.56 -6.14 -0.26
C ARG A 195 -40.75 -6.38 -1.50
N SER A 196 -41.21 -5.88 -2.65
CA SER A 196 -40.59 -6.29 -3.90
C SER A 196 -39.39 -5.48 -4.31
N HIS A 197 -38.93 -4.56 -3.47
CA HIS A 197 -37.62 -3.96 -3.64
C HIS A 197 -36.47 -4.97 -3.41
N ARG A 198 -36.76 -6.10 -2.77
CA ARG A 198 -35.70 -7.05 -2.33
C ARG A 198 -35.06 -7.81 -3.47
N GLY A 199 -33.73 -7.94 -3.45
CA GLY A 199 -32.96 -8.66 -4.51
C GLY A 199 -32.80 -8.00 -5.87
N ILE A 200 -33.31 -6.79 -5.99
CA ILE A 200 -33.28 -6.02 -7.24
C ILE A 200 -31.91 -5.76 -7.85
N PHE A 201 -30.88 -5.56 -7.06
CA PHE A 201 -29.64 -5.10 -7.60
C PHE A 201 -29.02 -6.07 -8.50
N SER A 202 -29.11 -7.33 -8.18
CA SER A 202 -28.48 -8.29 -9.04
C SER A 202 -28.97 -8.20 -10.45
N ARG A 203 -30.26 -8.07 -10.57
CA ARG A 203 -30.81 -8.07 -11.91
C ARG A 203 -30.58 -6.73 -12.58
N LEU A 204 -30.75 -5.66 -11.82
CA LEU A 204 -30.64 -4.32 -12.36
C LEU A 204 -29.23 -4.06 -12.81
N LEU A 205 -28.23 -4.37 -12.02
CA LEU A 205 -26.86 -4.16 -12.45
C LEU A 205 -26.51 -5.00 -13.67
N ASP A 206 -26.98 -6.24 -13.68
CA ASP A 206 -26.66 -7.13 -14.80
C ASP A 206 -27.28 -6.57 -16.08
N SER A 207 -28.50 -6.13 -15.97
CA SER A 207 -29.17 -5.48 -17.06
C SER A 207 -28.40 -4.18 -17.55
N LEU A 208 -27.94 -3.31 -16.65
CA LEU A 208 -27.30 -2.06 -17.08
C LEU A 208 -25.91 -2.30 -17.64
N ARG A 209 -25.22 -3.35 -17.18
CA ARG A 209 -23.94 -3.79 -17.77
C ARG A 209 -24.11 -4.40 -19.16
N GLN A 210 -25.26 -5.02 -19.42
CA GLN A 210 -25.44 -5.74 -20.67
C GLN A 210 -25.45 -4.80 -21.84
N GLU A 211 -26.23 -3.73 -21.73
CA GLU A 211 -26.35 -2.79 -22.82
C GLU A 211 -25.16 -1.82 -22.88
N GLY A 212 -24.20 -1.92 -21.96
CA GLY A 212 -22.97 -1.13 -22.01
C GLY A 212 -23.03 0.13 -21.16
N PHE A 213 -24.14 0.33 -20.43
CA PHE A 213 -24.37 1.59 -19.69
C PHE A 213 -23.48 1.78 -18.44
N LEU A 214 -23.38 0.77 -17.57
CA LEU A 214 -22.42 0.81 -16.49
C LEU A 214 -21.09 0.45 -17.04
N THR A 215 -20.10 1.29 -16.78
CA THR A 215 -18.75 1.03 -17.27
C THR A 215 -17.77 0.72 -16.13
N ASP A 216 -18.06 1.08 -14.89
CA ASP A 216 -17.11 0.78 -13.77
C ASP A 216 -17.90 0.85 -12.48
N ASP A 217 -17.48 0.07 -11.50
CA ASP A 217 -18.16 0.03 -10.20
C ASP A 217 -17.17 0.53 -9.19
N LEU A 218 -17.59 1.43 -8.33
CA LEU A 218 -16.71 1.95 -7.27
C LEU A 218 -17.00 1.34 -5.92
N VAL A 219 -18.24 1.42 -5.47
CA VAL A 219 -18.70 0.80 -4.25
C VAL A 219 -19.92 -0.08 -4.54
N SER A 220 -19.75 -1.39 -4.40
CA SER A 220 -20.83 -2.33 -4.80
C SER A 220 -20.55 -3.69 -4.24
N GLN A 221 -21.17 -4.01 -3.11
CA GLN A 221 -20.85 -5.25 -2.41
C GLN A 221 -21.85 -6.30 -2.86
N GLU A 222 -21.54 -6.88 -4.01
CA GLU A 222 -22.50 -7.70 -4.76
C GLU A 222 -22.57 -9.10 -4.21
N GLU A 223 -21.76 -9.41 -3.20
CA GLU A 223 -21.84 -10.68 -2.52
C GLU A 223 -23.07 -10.69 -1.61
N ASN A 224 -23.56 -9.51 -1.28
CA ASN A 224 -24.73 -9.31 -0.39
C ASN A 224 -26.04 -9.23 -1.18
N GLY A 225 -26.87 -10.25 -1.02
CA GLY A 225 -28.22 -10.23 -1.60
C GLY A 225 -29.09 -9.12 -1.03
N GLN A 226 -28.79 -8.60 0.11
CA GLN A 226 -29.53 -7.46 0.62
C GLN A 226 -28.76 -6.16 0.37
N GLN A 227 -27.80 -6.13 -0.59
CA GLN A 227 -27.12 -4.89 -0.96
C GLN A 227 -28.13 -3.74 -1.06
N GLN A 228 -27.81 -2.59 -0.52
CA GLN A 228 -28.71 -1.47 -0.58
C GLN A 228 -28.07 -0.29 -1.38
N LYS A 229 -26.77 -0.27 -1.61
CA LYS A 229 -26.25 0.78 -2.42
C LYS A 229 -25.21 0.43 -3.47
N TYR A 230 -25.18 1.28 -4.48
CA TYR A 230 -24.33 1.14 -5.61
C TYR A 230 -23.78 2.55 -5.95
N LEU A 231 -22.44 2.69 -5.94
CA LEU A 231 -21.77 3.88 -6.45
C LEU A 231 -20.93 3.41 -7.63
N GLY A 232 -21.14 4.02 -8.78
CA GLY A 232 -20.43 3.64 -9.98
C GLY A 232 -20.47 4.69 -11.08
N VAL A 233 -20.17 4.22 -12.27
CA VAL A 233 -19.89 5.08 -13.42
C VAL A 233 -20.73 4.61 -14.58
N CYS A 234 -21.42 5.53 -15.21
CA CYS A 234 -22.24 5.19 -16.36
C CYS A 234 -21.85 6.07 -17.56
N ARG A 235 -22.34 5.70 -18.74
CA ARG A 235 -22.13 6.48 -19.95
C ARG A 235 -23.30 6.25 -20.86
N LEU A 236 -23.99 7.33 -21.25
CA LEU A 236 -25.10 7.18 -22.16
C LEU A 236 -24.62 6.77 -23.54
N PRO A 237 -25.49 6.14 -24.32
CA PRO A 237 -25.03 5.67 -25.64
C PRO A 237 -25.02 6.84 -26.64
N GLY A 238 -24.28 6.72 -27.70
CA GLY A 238 -24.21 7.83 -28.63
C GLY A 238 -22.84 8.44 -28.64
N PRO A 239 -22.44 8.96 -29.81
CA PRO A 239 -21.06 9.40 -29.95
C PRO A 239 -20.66 10.52 -28.97
N GLY A 240 -19.49 10.40 -28.37
CA GLY A 240 -18.88 11.45 -27.56
C GLY A 240 -19.45 11.67 -26.16
N ARG A 241 -20.29 10.77 -25.70
CA ARG A 241 -20.83 10.94 -24.34
C ARG A 241 -19.71 10.85 -23.31
N ARG A 242 -19.87 11.62 -22.24
CA ARG A 242 -18.93 11.57 -21.14
C ARG A 242 -19.39 10.47 -20.20
N HIS A 243 -18.43 9.90 -19.50
CA HIS A 243 -18.71 9.04 -18.36
C HIS A 243 -19.17 9.91 -17.18
N ARG A 244 -20.24 9.47 -16.53
CA ARG A 244 -20.84 10.14 -15.39
C ARG A 244 -20.90 9.28 -14.13
N ARG A 245 -20.85 9.94 -12.96
CA ARG A 245 -21.08 9.25 -11.66
C ARG A 245 -22.58 9.04 -11.44
N LEU A 246 -22.93 7.83 -11.08
CA LEU A 246 -24.26 7.40 -10.68
C LEU A 246 -24.26 6.71 -9.33
N ASP A 247 -25.19 7.11 -8.48
CA ASP A 247 -25.39 6.56 -7.19
C ASP A 247 -26.84 6.00 -7.19
N ILE A 248 -27.03 4.75 -6.74
CA ILE A 248 -28.37 4.12 -6.67
C ILE A 248 -28.52 3.58 -5.25
N ILE A 249 -29.65 3.88 -4.62
CA ILE A 249 -30.05 3.20 -3.39
C ILE A 249 -31.40 2.55 -3.56
N VAL A 250 -31.55 1.40 -2.92
CA VAL A 250 -32.81 0.63 -2.90
C VAL A 250 -33.30 0.55 -1.47
N VAL A 251 -34.51 0.99 -1.19
CA VAL A 251 -34.97 1.05 0.20
C VAL A 251 -36.39 0.43 0.29
N PRO A 252 -36.74 -0.13 1.45
CA PRO A 252 -38.12 -0.59 1.63
C PRO A 252 -39.04 0.65 1.70
N TYR A 253 -40.29 0.50 1.24
CA TYR A 253 -41.22 1.60 1.23
C TYR A 253 -41.44 2.15 2.61
N SER A 254 -41.39 1.36 3.65
CA SER A 254 -41.60 1.94 4.96
C SER A 254 -40.51 2.95 5.36
N GLU A 255 -39.35 2.88 4.69
CA GLU A 255 -38.31 3.86 4.86
C GLU A 255 -38.34 5.02 3.86
N PHE A 256 -39.36 5.10 2.99
CA PHE A 256 -39.30 6.02 1.85
C PHE A 256 -39.10 7.48 2.24
N ALA A 257 -39.80 7.98 3.26
CA ALA A 257 -39.81 9.41 3.54
C ALA A 257 -38.44 9.79 4.04
N CYS A 258 -37.86 9.02 4.97
CA CYS A 258 -36.55 9.34 5.49
C CYS A 258 -35.45 9.18 4.44
N ALA A 259 -35.62 8.23 3.53
CA ALA A 259 -34.62 7.96 2.50
C ALA A 259 -34.63 9.06 1.45
N LEU A 260 -35.83 9.44 1.06
CA LEU A 260 -36.02 10.54 0.13
C LEU A 260 -35.43 11.84 0.64
N LEU A 261 -35.69 12.14 1.90
CA LEU A 261 -35.13 13.33 2.51
C LEU A 261 -33.63 13.35 2.46
N TYR A 262 -33.04 12.24 2.90
CA TYR A 262 -31.61 12.05 2.90
C TYR A 262 -31.06 12.19 1.50
N PHE A 263 -31.61 11.47 0.58
CA PHE A 263 -31.08 11.41 -0.76
C PHE A 263 -31.28 12.71 -1.52
N THR A 264 -32.28 13.47 -1.17
CA THR A 264 -32.47 14.80 -1.78
C THR A 264 -31.39 15.76 -1.31
N GLY A 265 -30.99 15.66 -0.06
CA GLY A 265 -29.99 16.54 0.51
C GLY A 265 -30.53 17.99 0.59
N SER A 266 -29.68 19.02 0.54
CA SER A 266 -28.26 18.95 0.33
C SER A 266 -27.62 18.32 1.53
N ALA A 267 -26.34 18.00 1.41
CA ALA A 267 -25.51 17.61 2.53
C ALA A 267 -25.65 18.49 3.80
N HIS A 268 -25.42 19.78 3.63
CA HIS A 268 -25.46 20.74 4.74
C HIS A 268 -26.82 20.82 5.37
N PHE A 269 -27.85 20.73 4.55
CA PHE A 269 -29.23 20.62 5.01
C PHE A 269 -29.45 19.39 5.83
N ASN A 270 -28.96 18.24 5.37
CA ASN A 270 -29.17 17.02 6.16
C ASN A 270 -28.43 17.05 7.53
N ARG A 271 -27.19 17.56 7.56
CA ARG A 271 -26.47 17.70 8.81
C ARG A 271 -27.23 18.58 9.82
N SER A 272 -27.80 19.70 9.34
CA SER A 272 -28.49 20.60 10.25
C SER A 272 -29.76 19.96 10.73
N MET A 273 -30.49 19.31 9.83
CA MET A 273 -31.66 18.58 10.24
C MET A 273 -31.35 17.49 11.31
N ARG A 274 -30.25 16.79 11.16
CA ARG A 274 -29.86 15.77 12.11
C ARG A 274 -29.34 16.38 13.40
N ALA A 275 -28.53 17.43 13.33
CA ALA A 275 -28.15 18.16 14.59
C ALA A 275 -29.43 18.63 15.31
N LEU A 276 -30.41 19.12 14.58
CA LEU A 276 -31.65 19.58 15.23
C LEU A 276 -32.34 18.47 15.97
N ALA A 277 -32.48 17.33 15.32
CA ALA A 277 -33.17 16.21 15.89
C ALA A 277 -32.48 15.74 17.14
N LYS A 278 -31.15 15.73 17.14
CA LYS A 278 -30.40 15.34 18.34
C LYS A 278 -30.65 16.31 19.53
N THR A 279 -30.81 17.60 19.27
CA THR A 279 -31.13 18.60 20.31
C THR A 279 -32.48 18.33 20.91
N LYS A 280 -33.37 17.63 20.22
CA LYS A 280 -34.65 17.23 20.81
C LYS A 280 -34.71 15.76 21.25
N GLY A 281 -33.58 15.20 21.65
CA GLY A 281 -33.51 13.80 22.04
C GLY A 281 -34.07 12.81 21.02
N MET A 282 -33.96 13.14 19.74
CA MET A 282 -34.29 12.19 18.68
C MET A 282 -33.05 11.82 17.84
N SER A 283 -33.18 10.90 16.88
CA SER A 283 -32.08 10.65 15.93
C SER A 283 -32.66 10.48 14.53
N LEU A 284 -32.08 11.17 13.55
CA LEU A 284 -32.58 11.16 12.16
C LEU A 284 -31.52 10.47 11.30
N SER A 285 -31.93 9.42 10.60
CA SER A 285 -31.04 8.81 9.62
C SER A 285 -31.78 8.62 8.35
N GLU A 286 -31.06 8.09 7.38
CA GLU A 286 -31.67 7.62 6.12
C GLU A 286 -32.77 6.56 6.36
N HIS A 287 -32.74 5.86 7.51
CA HIS A 287 -33.72 4.77 7.77
C HIS A 287 -34.94 5.24 8.53
N ALA A 288 -34.76 6.16 9.46
CA ALA A 288 -35.84 6.52 10.31
C ALA A 288 -35.55 7.74 11.10
N LEU A 289 -36.64 8.33 11.58
CA LEU A 289 -36.60 9.26 12.69
C LEU A 289 -37.00 8.45 13.90
N SER A 290 -36.17 8.50 14.93
CA SER A 290 -36.29 7.74 16.15
C SER A 290 -36.21 8.66 17.37
N THR A 291 -36.82 8.20 18.46
CA THR A 291 -37.33 9.12 19.49
C THR A 291 -36.95 8.91 20.96
N ALA A 292 -36.71 7.69 21.41
CA ALA A 292 -36.24 7.57 22.82
C ALA A 292 -34.78 8.00 22.89
N VAL A 293 -33.86 7.12 22.47
CA VAL A 293 -32.49 7.53 22.22
C VAL A 293 -31.81 8.06 23.47
N VAL A 294 -31.21 7.18 24.27
CA VAL A 294 -30.59 7.57 25.55
C VAL A 294 -29.20 8.23 25.35
N PRO A 304 -31.68 1.81 21.86
CA PRO A 304 -31.74 2.41 20.53
C PRO A 304 -32.96 3.32 20.26
N GLY A 305 -33.89 3.44 21.20
CA GLY A 305 -35.13 4.22 20.98
C GLY A 305 -36.02 3.62 19.90
N ARG A 306 -37.22 4.18 19.70
CA ARG A 306 -38.15 3.64 18.68
C ARG A 306 -38.37 4.54 17.45
N VAL A 307 -38.63 3.93 16.31
CA VAL A 307 -38.91 4.67 15.12
C VAL A 307 -40.27 5.32 15.25
N LEU A 308 -40.34 6.61 14.94
CA LEU A 308 -41.59 7.30 14.66
C LEU A 308 -42.11 6.99 13.23
N PRO A 309 -43.42 6.70 13.09
CA PRO A 309 -43.95 6.57 11.73
C PRO A 309 -43.82 7.87 10.95
N THR A 310 -43.33 7.80 9.72
CA THR A 310 -43.17 8.97 8.91
C THR A 310 -43.52 8.53 7.51
N PRO A 311 -44.82 8.53 7.20
CA PRO A 311 -45.19 8.09 5.86
C PRO A 311 -44.76 9.07 4.77
N THR A 312 -44.53 10.34 5.10
CA THR A 312 -44.06 11.32 4.08
C THR A 312 -43.05 12.29 4.66
N GLU A 313 -42.41 13.05 3.77
CA GLU A 313 -41.36 13.94 4.23
C GLU A 313 -41.96 14.93 5.16
N LYS A 314 -43.21 15.32 4.89
CA LYS A 314 -43.92 16.32 5.72
C LYS A 314 -43.96 15.97 7.17
N ASP A 315 -44.15 14.68 7.42
CA ASP A 315 -44.16 14.13 8.78
C ASP A 315 -42.86 14.32 9.50
N VAL A 316 -41.74 14.11 8.82
CA VAL A 316 -40.43 14.33 9.48
C VAL A 316 -40.21 15.80 9.89
N PHE A 317 -40.60 16.68 9.00
CA PHE A 317 -40.47 18.11 9.27
C PHE A 317 -41.35 18.47 10.48
N ARG A 318 -42.62 18.02 10.46
CA ARG A 318 -43.58 18.32 11.52
C ARG A 318 -43.04 17.83 12.83
N LEU A 319 -42.60 16.56 12.88
CA LEU A 319 -42.06 15.99 14.14
C LEU A 319 -40.79 16.68 14.64
N LEU A 320 -40.14 17.50 13.83
CA LEU A 320 -39.01 18.26 14.32
C LEU A 320 -39.42 19.70 14.56
N GLY A 321 -40.71 19.97 14.48
CA GLY A 321 -41.15 21.33 14.68
C GLY A 321 -40.81 22.30 13.58
N LEU A 322 -40.56 21.82 12.36
CA LEU A 322 -40.34 22.72 11.25
C LEU A 322 -41.47 22.69 10.24
N PRO A 323 -41.58 23.72 9.42
CA PRO A 323 -42.50 23.71 8.26
C PRO A 323 -41.86 22.97 7.11
N TYR A 324 -42.63 22.29 6.27
CA TYR A 324 -42.15 21.60 5.08
C TYR A 324 -41.34 22.57 4.24
N ARG A 325 -40.21 22.09 3.76
CA ARG A 325 -39.36 22.90 2.92
C ARG A 325 -39.40 22.21 1.54
N GLU A 326 -39.75 22.95 0.53
CA GLU A 326 -39.66 22.48 -0.84
C GLU A 326 -38.24 22.05 -1.18
N PRO A 327 -38.09 20.99 -1.98
CA PRO A 327 -36.73 20.56 -2.37
C PRO A 327 -35.85 21.68 -2.94
N ALA A 328 -36.41 22.60 -3.73
CA ALA A 328 -35.58 23.68 -4.27
C ALA A 328 -35.02 24.57 -3.17
N GLU A 329 -35.65 24.59 -2.00
CA GLU A 329 -35.14 25.43 -0.95
C GLU A 329 -34.33 24.68 0.09
N ARG A 330 -33.77 23.52 -0.23
CA ARG A 330 -33.03 22.72 0.76
C ARG A 330 -31.54 22.77 0.52
N ASP A 331 -31.07 23.96 0.16
CA ASP A 331 -29.63 24.27 0.15
C ASP A 331 -29.04 24.28 1.55
N TRP A 332 -29.70 24.97 2.46
CA TRP A 332 -29.23 25.12 3.81
C TRP A 332 -30.45 25.23 4.69
N LEU A 333 -30.40 24.65 5.90
CA LEU A 333 -31.55 24.79 6.81
C LEU A 333 -31.74 26.23 7.34
N GLU A 334 -30.67 26.84 7.79
CA GLU A 334 -30.77 28.12 8.47
C GLU A 334 -30.96 29.34 7.51
N HIS A 335 -31.06 29.06 6.23
CA HIS A 335 -31.18 30.05 5.16
C HIS A 335 -32.34 31.04 5.32
N HIS A 336 -33.50 30.67 4.78
CA HIS A 336 -34.71 31.48 4.86
C HIS A 336 -35.19 31.28 6.30
N HIS A 337 -34.44 30.48 7.07
CA HIS A 337 -34.50 30.38 8.54
C HIS A 337 -35.61 29.43 8.96
N ALA E 6 19.97 43.21 -3.74
CA ALA E 6 21.13 43.09 -2.79
C ALA E 6 22.47 43.38 -3.51
N THR E 7 23.29 44.21 -2.88
CA THR E 7 24.50 44.74 -3.50
C THR E 7 25.63 44.75 -2.46
N ASN E 8 26.87 44.96 -2.89
CA ASN E 8 28.03 44.85 -2.01
C ASN E 8 28.44 46.21 -1.49
N HIS E 9 28.16 46.50 -0.22
CA HIS E 9 28.51 47.82 0.34
C HIS E 9 29.94 47.93 0.86
N ASN E 10 30.64 46.81 0.84
CA ASN E 10 31.98 46.72 1.42
C ASN E 10 33.11 46.27 0.45
N LEU E 11 32.90 46.57 -0.81
CA LEU E 11 33.87 46.26 -1.87
C LEU E 11 35.31 46.75 -1.58
N HIS E 12 35.42 47.91 -0.99
CA HIS E 12 36.74 48.43 -0.65
C HIS E 12 37.47 47.58 0.38
N ILE E 13 36.73 46.81 1.18
CA ILE E 13 37.33 45.82 2.08
C ILE E 13 37.57 44.49 1.41
N THR E 14 36.51 44.02 0.77
CA THR E 14 36.54 42.67 0.24
C THR E 14 37.58 42.49 -0.86
N GLU E 15 37.82 43.51 -1.66
CA GLU E 15 38.79 43.39 -2.73
C GLU E 15 40.22 43.26 -2.17
N LYS E 16 40.51 43.90 -1.04
CA LYS E 16 41.80 43.73 -0.35
C LYS E 16 41.90 42.38 0.32
N LEU E 17 40.86 41.99 1.06
CA LEU E 17 40.87 40.67 1.68
C LEU E 17 41.04 39.53 0.63
N GLU E 18 40.50 39.71 -0.57
CA GLU E 18 40.49 38.66 -1.60
C GLU E 18 41.91 38.42 -2.06
N VAL E 19 42.73 39.45 -2.15
CA VAL E 19 44.12 39.26 -2.50
C VAL E 19 44.83 38.36 -1.51
N LEU E 20 44.56 38.56 -0.23
CA LEU E 20 45.11 37.72 0.85
C LEU E 20 44.57 36.26 0.84
N ALA E 21 43.27 36.08 0.64
CA ALA E 21 42.71 34.75 0.56
C ALA E 21 43.41 34.01 -0.55
N LYS E 22 43.56 34.68 -1.69
CA LYS E 22 44.16 34.08 -2.87
C LYS E 22 45.61 33.67 -2.58
N ALA E 23 46.36 34.52 -1.92
CA ALA E 23 47.74 34.20 -1.58
C ALA E 23 47.85 32.94 -0.72
N TYR E 24 46.96 32.77 0.27
CA TYR E 24 47.02 31.61 1.13
C TYR E 24 46.52 30.39 0.35
N SER E 25 45.52 30.57 -0.51
CA SER E 25 45.02 29.46 -1.27
C SER E 25 46.14 28.90 -2.17
N VAL E 26 46.77 29.74 -2.99
CA VAL E 26 47.81 29.21 -3.93
C VAL E 26 49.02 28.61 -3.21
N GLN E 27 49.24 29.00 -1.95
CA GLN E 27 50.27 28.38 -1.10
C GLN E 27 49.81 27.11 -0.40
N GLY E 28 48.64 26.60 -0.76
CA GLY E 28 48.16 25.38 -0.11
C GLY E 28 47.58 25.57 1.30
N ASP E 29 47.48 26.79 1.81
CA ASP E 29 46.90 26.96 3.16
C ASP E 29 45.41 27.05 3.08
N LYS E 30 44.77 25.89 2.91
CA LYS E 30 43.42 25.90 2.40
C LYS E 30 42.37 26.27 3.42
N TRP E 31 42.62 26.02 4.68
CA TRP E 31 41.50 26.20 5.66
C TRP E 31 41.54 27.63 6.05
N ARG E 32 42.71 28.21 6.11
CA ARG E 32 42.78 29.62 6.30
C ARG E 32 42.13 30.37 5.10
N ALA E 33 42.38 29.90 3.88
CA ALA E 33 41.78 30.56 2.71
C ALA E 33 40.30 30.42 2.82
N LEU E 34 39.82 29.23 3.22
CA LEU E 34 38.39 29.02 3.46
C LEU E 34 37.75 30.01 4.48
N GLY E 35 38.46 30.35 5.56
CA GLY E 35 37.95 31.32 6.52
C GLY E 35 37.90 32.71 5.94
N TYR E 36 38.95 33.09 5.21
CA TYR E 36 38.88 34.34 4.48
C TYR E 36 37.64 34.40 3.56
N ALA E 37 37.51 33.38 2.72
CA ALA E 37 36.40 33.34 1.75
C ALA E 37 35.11 33.46 2.47
N LYS E 38 34.95 32.80 3.61
CA LYS E 38 33.68 33.01 4.31
C LYS E 38 33.53 34.42 4.88
N ALA E 39 34.60 35.03 5.38
CA ALA E 39 34.50 36.39 5.94
C ALA E 39 34.14 37.37 4.83
N ILE E 40 34.79 37.22 3.68
CA ILE E 40 34.49 38.01 2.48
C ILE E 40 33.01 37.88 2.10
N ASN E 41 32.47 36.69 2.10
CA ASN E 41 31.05 36.57 1.77
C ASN E 41 30.11 37.21 2.77
N ALA E 42 30.46 37.12 4.04
CA ALA E 42 29.65 37.76 5.07
C ALA E 42 29.70 39.27 4.85
N LEU E 43 30.88 39.81 4.52
CA LEU E 43 30.94 41.27 4.25
C LEU E 43 30.13 41.63 3.00
N LYS E 44 30.14 40.77 1.97
CA LYS E 44 29.34 41.05 0.76
C LYS E 44 27.87 41.09 1.04
N SER E 45 27.38 40.24 1.93
CA SER E 45 25.95 40.20 2.22
C SER E 45 25.52 41.26 3.21
N PHE E 46 26.46 41.88 3.91
CA PHE E 46 26.07 42.81 4.97
C PHE E 46 25.31 43.98 4.36
N HIS E 47 24.30 44.48 5.08
CA HIS E 47 23.33 45.43 4.54
C HIS E 47 23.85 46.86 4.46
N LYS E 48 24.98 47.15 5.11
CA LYS E 48 25.53 48.48 5.05
C LYS E 48 27.08 48.43 5.01
N PRO E 49 27.73 49.55 4.66
CA PRO E 49 29.16 49.63 4.79
C PRO E 49 29.54 49.42 6.25
N VAL E 50 30.54 48.57 6.53
CA VAL E 50 30.98 48.38 7.91
C VAL E 50 31.80 49.61 8.33
N THR E 51 31.54 50.14 9.50
CA THR E 51 32.25 51.33 9.90
C THR E 51 32.89 51.28 11.29
N SER E 52 32.99 50.12 11.94
CA SER E 52 33.64 50.03 13.25
C SER E 52 34.06 48.64 13.57
N TYR E 53 34.94 48.51 14.56
CA TYR E 53 35.43 47.21 15.00
C TYR E 53 34.30 46.36 15.52
N GLN E 54 33.50 46.97 16.40
CA GLN E 54 32.39 46.26 17.03
C GLN E 54 31.32 45.87 16.00
N GLU E 55 31.01 46.72 15.01
CA GLU E 55 30.08 46.30 13.97
C GLU E 55 30.63 45.06 13.21
N ALA E 56 31.92 45.09 12.88
CA ALA E 56 32.56 43.94 12.21
C ALA E 56 32.37 42.65 13.01
N CYS E 57 32.70 42.69 14.30
CA CYS E 57 32.63 41.53 15.18
C CYS E 57 31.23 41.01 15.33
N SER E 58 30.24 41.88 15.19
CA SER E 58 28.85 41.48 15.23
C SER E 58 28.44 40.59 14.06
N ILE E 59 29.27 40.46 13.03
CA ILE E 59 28.85 39.74 11.81
C ILE E 59 29.32 38.28 11.84
N PRO E 60 28.38 37.32 11.77
CA PRO E 60 28.80 35.90 11.76
C PRO E 60 29.84 35.63 10.66
N GLY E 61 30.94 35.01 11.03
CA GLY E 61 32.05 34.73 10.10
C GLY E 61 33.17 35.74 10.19
N ILE E 62 32.96 36.79 10.98
CA ILE E 62 34.06 37.70 11.29
C ILE E 62 34.41 37.64 12.79
N GLY E 63 35.67 37.33 13.07
CA GLY E 63 36.16 37.30 14.41
C GLY E 63 37.13 38.43 14.65
N LYS E 64 37.77 38.37 15.80
CA LYS E 64 38.76 39.35 16.23
C LYS E 64 39.82 39.68 15.16
N ARG E 65 40.38 38.67 14.50
CA ARG E 65 41.54 38.92 13.63
C ARG E 65 41.12 39.53 12.26
N MET E 66 39.97 39.14 11.75
CA MET E 66 39.46 39.75 10.51
C MET E 66 38.98 41.17 10.82
N ALA E 67 38.43 41.35 12.00
CA ALA E 67 38.01 42.67 12.43
C ALA E 67 39.20 43.63 12.54
N GLU E 68 40.34 43.14 13.05
CA GLU E 68 41.57 43.99 13.12
C GLU E 68 41.96 44.39 11.68
N LYS E 69 41.91 43.46 10.73
CA LYS E 69 42.27 43.82 9.34
C LYS E 69 41.33 44.84 8.76
N ILE E 70 40.05 44.63 8.98
CA ILE E 70 38.96 45.48 8.45
C ILE E 70 39.08 46.92 8.99
N ILE E 71 39.25 47.07 10.31
CA ILE E 71 39.46 48.38 10.97
C ILE E 71 40.74 49.06 10.48
N GLU E 72 41.82 48.32 10.22
CA GLU E 72 43.00 48.95 9.62
C GLU E 72 42.73 49.46 8.20
N ILE E 73 42.04 48.69 7.37
CA ILE E 73 41.63 49.19 6.05
C ILE E 73 40.76 50.46 6.16
N LEU E 74 39.74 50.43 6.99
CA LEU E 74 38.88 51.60 7.25
C LEU E 74 39.68 52.82 7.69
N GLU E 75 40.58 52.65 8.66
CA GLU E 75 41.32 53.80 9.21
C GLU E 75 42.43 54.31 8.32
N SER E 76 43.06 53.43 7.55
CA SER E 76 44.24 53.83 6.77
C SER E 76 44.02 53.81 5.24
N GLY E 77 42.98 53.15 4.78
CA GLY E 77 42.82 52.93 3.34
C GLY E 77 43.70 51.83 2.78
N HIS E 78 44.48 51.14 3.63
CA HIS E 78 45.39 50.10 3.15
C HIS E 78 45.39 48.88 4.08
N LEU E 79 46.01 47.81 3.62
CA LEU E 79 46.23 46.66 4.47
C LEU E 79 47.68 46.28 4.33
N ARG E 80 48.50 46.69 5.30
CA ARG E 80 49.96 46.54 5.26
C ARG E 80 50.45 45.15 4.87
N LYS E 81 49.81 44.12 5.42
CA LYS E 81 50.18 42.76 5.14
C LYS E 81 50.20 42.45 3.64
N LEU E 82 49.42 43.17 2.83
CA LEU E 82 49.51 43.02 1.37
C LEU E 82 50.90 43.33 0.83
N ASP E 83 51.74 44.02 1.60
CA ASP E 83 53.09 44.27 1.15
C ASP E 83 54.05 43.19 1.57
N HIS E 84 53.55 42.19 2.25
CA HIS E 84 54.43 41.16 2.80
C HIS E 84 54.06 39.78 2.34
N ILE E 85 53.26 39.72 1.28
CA ILE E 85 53.08 38.49 0.50
C ILE E 85 54.43 38.00 -0.10
N SER E 86 54.75 36.75 0.14
CA SER E 86 55.84 36.08 -0.54
C SER E 86 55.97 36.47 -2.04
N GLU E 87 57.21 36.56 -2.50
CA GLU E 87 57.57 36.83 -3.90
C GLU E 87 57.10 35.72 -4.83
N SER E 88 56.95 34.53 -4.27
CA SER E 88 56.53 33.40 -5.01
C SER E 88 55.06 33.47 -5.41
N VAL E 89 54.24 34.27 -4.71
CA VAL E 89 52.82 34.08 -4.82
C VAL E 89 52.36 34.29 -6.26
N PRO E 90 52.76 35.38 -6.91
CA PRO E 90 52.33 35.65 -8.29
C PRO E 90 52.65 34.53 -9.29
N VAL E 91 53.76 33.85 -9.06
CA VAL E 91 54.19 32.75 -9.89
C VAL E 91 53.38 31.51 -9.57
N LEU E 92 53.10 31.27 -8.30
CA LEU E 92 52.19 30.17 -8.01
C LEU E 92 50.78 30.38 -8.60
N GLU E 93 50.34 31.65 -8.69
CA GLU E 93 49.05 31.98 -9.30
C GLU E 93 49.11 31.69 -10.78
N LEU E 94 50.16 32.19 -11.40
CA LEU E 94 50.39 31.94 -12.81
C LEU E 94 50.19 30.46 -13.11
N PHE E 95 50.91 29.60 -12.38
CA PHE E 95 50.86 28.17 -12.66
C PHE E 95 49.51 27.51 -12.36
N SER E 96 48.88 27.85 -11.25
CA SER E 96 47.63 27.18 -10.91
C SER E 96 46.50 27.73 -11.76
N ASN E 97 46.66 28.88 -12.39
CA ASN E 97 45.78 29.21 -13.49
C ASN E 97 45.79 28.32 -14.72
N ILE E 98 46.64 27.31 -14.75
CA ILE E 98 46.63 26.34 -15.82
C ILE E 98 45.60 25.36 -15.36
N TRP E 99 44.66 25.05 -16.27
CA TRP E 99 43.58 24.15 -15.91
C TRP E 99 44.18 22.75 -15.72
N GLY E 100 43.98 22.14 -14.57
CA GLY E 100 44.49 20.81 -14.36
C GLY E 100 45.73 20.84 -13.48
N ALA E 101 46.27 22.03 -13.20
CA ALA E 101 47.34 22.19 -12.26
C ALA E 101 46.84 22.96 -11.03
N GLY E 102 47.03 22.39 -9.84
CA GLY E 102 46.60 22.96 -8.57
C GLY E 102 47.83 23.45 -7.81
N THR E 103 47.65 23.61 -6.51
CA THR E 103 48.68 24.15 -5.65
C THR E 103 49.91 23.21 -5.57
N LYS E 104 49.70 21.92 -5.51
CA LYS E 104 50.86 21.00 -5.41
C LYS E 104 51.72 21.01 -6.67
N THR E 105 51.05 20.92 -7.83
CA THR E 105 51.76 20.97 -9.09
C THR E 105 52.51 22.25 -9.16
N ALA E 106 51.84 23.34 -8.86
CA ALA E 106 52.52 24.65 -8.96
C ALA E 106 53.75 24.81 -8.03
N GLN E 107 53.61 24.35 -6.80
CA GLN E 107 54.73 24.35 -5.87
C GLN E 107 55.89 23.51 -6.42
N MET E 108 55.57 22.28 -6.79
CA MET E 108 56.55 21.35 -7.38
C MET E 108 57.28 22.07 -8.50
N TRP E 109 56.53 22.64 -9.45
CA TRP E 109 57.17 23.43 -10.48
C TRP E 109 58.07 24.51 -9.93
N TYR E 110 57.53 25.31 -9.04
CA TYR E 110 58.26 26.42 -8.50
C TYR E 110 59.60 25.98 -7.88
N GLN E 111 59.58 24.84 -7.18
CA GLN E 111 60.77 24.25 -6.53
C GLN E 111 61.86 23.85 -7.51
N GLN E 112 61.48 23.46 -8.73
CA GLN E 112 62.44 23.13 -9.77
C GLN E 112 62.98 24.38 -10.39
N GLY E 113 62.52 25.52 -9.93
CA GLY E 113 63.05 26.75 -10.44
C GLY E 113 62.31 27.31 -11.62
N PHE E 114 61.15 26.76 -11.97
CA PHE E 114 60.39 27.36 -13.07
C PHE E 114 59.69 28.63 -12.59
N ARG E 115 59.66 29.64 -13.43
CA ARG E 115 59.14 30.96 -13.08
C ARG E 115 58.19 31.53 -14.12
N SER E 116 58.06 30.87 -15.27
CA SER E 116 57.29 31.40 -16.38
C SER E 116 56.52 30.28 -17.10
N LEU E 117 55.53 30.66 -17.90
CA LEU E 117 54.81 29.68 -18.72
C LEU E 117 55.74 29.00 -19.74
N GLU E 118 56.74 29.78 -20.20
CA GLU E 118 57.76 29.26 -21.10
C GLU E 118 58.57 28.17 -20.45
N ASP E 119 59.02 28.41 -19.24
CA ASP E 119 59.64 27.36 -18.45
C ASP E 119 58.81 26.09 -18.44
N ILE E 120 57.49 26.23 -18.23
CA ILE E 120 56.64 25.07 -18.11
C ILE E 120 56.55 24.32 -19.46
N ARG E 121 56.34 25.06 -20.53
CA ARG E 121 56.25 24.45 -21.90
C ARG E 121 57.48 23.65 -22.25
N SER E 122 58.63 24.28 -22.08
CA SER E 122 59.88 23.73 -22.55
C SER E 122 60.48 22.70 -21.58
N GLN E 123 60.08 22.69 -20.30
CA GLN E 123 60.81 21.92 -19.32
C GLN E 123 60.00 21.01 -18.41
N ALA E 124 58.69 21.19 -18.37
CA ALA E 124 57.88 20.40 -17.50
C ALA E 124 56.99 19.44 -18.25
N SER E 125 56.93 18.25 -17.71
CA SER E 125 55.98 17.24 -18.13
C SER E 125 54.52 17.67 -17.74
N LEU E 126 53.61 17.49 -18.67
CA LEU E 126 52.20 17.94 -18.48
C LEU E 126 51.34 16.73 -18.66
N THR E 127 50.29 16.61 -17.86
CA THR E 127 49.21 15.68 -18.23
C THR E 127 48.51 16.18 -19.50
N THR E 128 47.71 15.32 -20.09
CA THR E 128 46.88 15.70 -21.22
C THR E 128 46.05 16.94 -20.91
N GLN E 129 45.48 16.99 -19.70
CA GLN E 129 44.61 18.07 -19.30
C GLN E 129 45.41 19.38 -19.20
N GLN E 130 46.58 19.31 -18.57
CA GLN E 130 47.40 20.49 -18.35
C GLN E 130 47.88 21.07 -19.67
N ALA E 131 48.23 20.21 -20.64
CA ALA E 131 48.67 20.71 -21.96
C ALA E 131 47.54 21.47 -22.63
N ILE E 132 46.31 20.94 -22.50
CA ILE E 132 45.12 21.62 -23.01
C ILE E 132 44.94 22.96 -22.27
N GLY E 133 44.98 22.93 -20.95
CA GLY E 133 44.90 24.21 -20.17
C GLY E 133 45.98 25.23 -20.53
N LEU E 134 47.20 24.72 -20.76
CA LEU E 134 48.32 25.62 -21.12
C LEU E 134 48.15 26.21 -22.53
N LYS E 135 47.85 25.35 -23.51
CA LYS E 135 47.51 25.78 -24.88
C LYS E 135 46.43 26.86 -24.89
N HIS E 136 45.41 26.79 -24.02
CA HIS E 136 44.38 27.83 -24.09
C HIS E 136 44.47 28.78 -22.95
N TYR E 137 45.64 28.86 -22.34
CA TYR E 137 45.79 29.61 -21.13
C TYR E 137 45.10 30.95 -21.15
N SER E 138 45.43 31.79 -22.13
CA SER E 138 44.87 33.18 -22.19
C SER E 138 43.37 33.20 -22.40
N ASP E 139 42.89 32.38 -23.33
CA ASP E 139 41.44 32.29 -23.58
C ASP E 139 40.70 31.90 -22.30
N PHE E 140 41.19 30.91 -21.56
CA PHE E 140 40.49 30.49 -20.35
C PHE E 140 40.48 31.55 -19.26
N LEU E 141 41.37 32.55 -19.33
CA LEU E 141 41.36 33.65 -18.35
C LEU E 141 40.36 34.75 -18.72
N GLU E 142 39.80 34.74 -19.91
CA GLU E 142 38.80 35.73 -20.26
C GLU E 142 37.41 35.18 -19.90
N ARG E 143 36.57 36.03 -19.32
CA ARG E 143 35.19 35.76 -19.16
C ARG E 143 34.53 36.16 -20.48
N MET E 144 33.41 35.56 -20.78
CA MET E 144 32.74 35.78 -22.01
C MET E 144 31.50 36.58 -21.73
N PRO E 145 31.06 37.38 -22.68
CA PRO E 145 29.78 38.03 -22.50
C PRO E 145 28.59 37.06 -22.40
N ARG E 146 27.53 37.51 -21.72
CA ARG E 146 26.39 36.67 -21.42
C ARG E 146 25.75 36.03 -22.67
N GLU E 147 25.68 36.79 -23.75
CA GLU E 147 25.13 36.32 -25.01
C GLU E 147 26.00 35.27 -25.74
N GLU E 148 27.32 35.32 -25.59
CA GLU E 148 28.13 34.22 -26.10
C GLU E 148 27.71 32.93 -25.36
N ALA E 149 27.58 33.02 -24.05
CA ALA E 149 27.06 31.90 -23.30
C ALA E 149 25.73 31.35 -23.81
N THR E 150 24.80 32.22 -24.21
CA THR E 150 23.50 31.79 -24.77
C THR E 150 23.68 30.93 -26.04
N GLU E 151 24.50 31.43 -26.91
CA GLU E 151 24.79 30.81 -28.17
C GLU E 151 25.43 29.44 -27.98
N ILE E 152 26.21 29.31 -26.92
CA ILE E 152 26.82 28.04 -26.59
C ILE E 152 25.74 27.07 -26.15
N GLU E 153 24.90 27.51 -25.22
CA GLU E 153 23.80 26.69 -24.71
C GLU E 153 22.87 26.24 -25.85
N GLN E 154 22.61 27.14 -26.78
CA GLN E 154 21.76 26.87 -27.95
C GLN E 154 22.34 25.74 -28.80
N THR E 155 23.64 25.87 -29.09
CA THR E 155 24.39 24.87 -29.83
C THR E 155 24.21 23.52 -29.18
N VAL E 156 24.38 23.43 -27.87
CA VAL E 156 24.23 22.13 -27.23
C VAL E 156 22.75 21.66 -27.21
N GLN E 157 21.85 22.62 -27.03
CA GLN E 157 20.42 22.34 -27.10
C GLN E 157 19.96 21.81 -28.50
N LYS E 158 20.25 22.52 -29.60
CA LYS E 158 20.04 21.95 -30.97
C LYS E 158 20.63 20.51 -31.13
N ALA E 159 21.89 20.30 -30.84
CA ALA E 159 22.44 18.98 -31.03
C ALA E 159 21.70 17.94 -30.21
N ALA E 160 21.29 18.28 -28.97
CA ALA E 160 20.55 17.32 -28.14
C ALA E 160 19.07 17.08 -28.55
N GLN E 161 18.38 18.13 -28.97
CA GLN E 161 17.02 18.10 -29.50
C GLN E 161 16.91 17.04 -30.61
N ALA E 162 17.87 17.06 -31.53
CA ALA E 162 17.96 16.10 -32.64
C ALA E 162 17.89 14.61 -32.25
N PHE E 163 18.38 14.22 -31.08
CA PHE E 163 18.16 12.85 -30.59
C PHE E 163 16.81 12.66 -29.89
N ASN E 164 16.27 13.72 -29.32
CA ASN E 164 14.96 13.66 -28.68
C ASN E 164 14.51 15.06 -28.34
N SER E 165 13.38 15.40 -28.93
CA SER E 165 12.75 16.68 -28.85
C SER E 165 12.25 17.06 -27.48
N GLY E 166 11.98 16.09 -26.61
CA GLY E 166 11.55 16.42 -25.24
C GLY E 166 12.66 16.69 -24.20
N LEU E 167 13.94 16.68 -24.62
CA LEU E 167 15.04 16.81 -23.65
C LEU E 167 15.07 18.22 -23.10
N LEU E 168 15.24 18.34 -21.78
CA LEU E 168 15.30 19.67 -21.17
C LEU E 168 16.79 20.05 -20.99
N CYS E 169 17.19 21.16 -21.62
CA CYS E 169 18.56 21.73 -21.55
C CYS E 169 18.58 23.17 -21.03
N VAL E 170 19.39 23.42 -20.00
CA VAL E 170 19.35 24.72 -19.31
C VAL E 170 20.76 25.10 -18.83
N ALA E 171 21.20 26.31 -19.16
CA ALA E 171 22.51 26.80 -18.73
C ALA E 171 22.40 27.25 -17.31
N CYS E 172 23.25 26.67 -16.46
CA CYS E 172 23.28 26.96 -15.05
C CYS E 172 24.42 27.93 -14.68
N GLY E 173 25.09 27.67 -13.54
CA GLY E 173 26.07 28.57 -12.97
C GLY E 173 25.71 30.04 -13.04
N SER E 174 26.74 30.85 -13.21
CA SER E 174 26.56 32.29 -13.20
C SER E 174 25.58 32.77 -14.25
N TYR E 175 25.37 32.00 -15.30
CA TYR E 175 24.43 32.42 -16.34
C TYR E 175 23.05 32.45 -15.76
N ARG E 176 22.72 31.40 -15.04
CA ARG E 176 21.41 31.31 -14.42
C ARG E 176 21.25 32.26 -13.21
N ARG E 177 22.34 32.60 -12.51
CA ARG E 177 22.29 33.61 -11.46
C ARG E 177 22.24 35.04 -12.01
N GLY E 178 22.09 35.19 -13.32
CA GLY E 178 21.80 36.47 -13.91
C GLY E 178 22.98 37.38 -14.20
N LYS E 179 24.18 36.83 -14.21
CA LYS E 179 25.40 37.64 -14.35
C LYS E 179 25.63 38.04 -15.81
N ALA E 180 26.39 39.10 -16.03
CA ALA E 180 26.48 39.68 -17.36
C ALA E 180 27.61 39.05 -18.13
N THR E 181 28.56 38.44 -17.45
CA THR E 181 29.64 37.73 -18.09
C THR E 181 29.79 36.42 -17.37
N CYS E 182 30.40 35.45 -18.04
CA CYS E 182 30.50 34.06 -17.57
C CYS E 182 31.90 33.54 -17.74
N GLY E 183 32.42 32.95 -16.69
CA GLY E 183 33.67 32.22 -16.73
C GLY E 183 33.67 30.95 -17.57
N ASP E 184 32.71 30.08 -17.33
CA ASP E 184 32.46 28.93 -18.16
C ASP E 184 30.95 28.62 -18.18
N VAL E 185 30.54 27.87 -19.24
CA VAL E 185 29.16 27.50 -19.44
C VAL E 185 28.94 26.13 -18.91
N ASP E 186 27.86 25.97 -18.16
CA ASP E 186 27.50 24.74 -17.41
C ASP E 186 26.07 24.36 -17.91
N VAL E 187 25.94 23.32 -18.72
CA VAL E 187 24.64 23.02 -19.35
C VAL E 187 24.13 21.74 -18.74
N LEU E 188 22.89 21.78 -18.24
CA LEU E 188 22.28 20.64 -17.59
C LEU E 188 21.24 20.05 -18.53
N ILE E 189 21.23 18.73 -18.64
CA ILE E 189 20.26 18.05 -19.50
C ILE E 189 19.53 16.98 -18.73
N THR E 190 18.22 16.95 -18.95
CA THR E 190 17.35 15.90 -18.44
C THR E 190 16.15 15.66 -19.38
N HIS E 191 15.36 14.64 -19.03
CA HIS E 191 14.07 14.39 -19.71
C HIS E 191 12.99 14.24 -18.65
N PRO E 192 11.92 15.04 -18.74
CA PRO E 192 10.67 14.91 -17.90
C PRO E 192 10.10 13.49 -17.75
N ASP E 193 10.31 12.64 -18.72
CA ASP E 193 9.75 11.32 -18.66
C ASP E 193 10.49 10.40 -17.68
N GLY E 194 11.73 10.76 -17.27
CA GLY E 194 12.44 9.99 -16.25
C GLY E 194 13.32 8.82 -16.75
N ARG E 195 13.34 8.58 -18.07
CA ARG E 195 14.07 7.44 -18.65
C ARG E 195 14.84 7.79 -19.94
N SER E 196 14.31 8.75 -20.69
CA SER E 196 14.78 9.07 -22.03
C SER E 196 16.06 9.94 -22.03
N HIS E 197 16.71 10.05 -20.88
CA HIS E 197 17.94 10.80 -20.78
C HIS E 197 19.08 9.84 -21.04
N ARG E 198 18.85 8.55 -20.82
CA ARG E 198 19.89 7.51 -21.02
C ARG E 198 20.28 7.41 -22.49
N GLY E 199 21.54 7.05 -22.73
CA GLY E 199 22.02 6.79 -24.09
C GLY E 199 22.10 8.02 -24.95
N ILE E 200 22.09 9.18 -24.30
CA ILE E 200 22.19 10.44 -25.00
C ILE E 200 23.61 10.98 -24.88
N PHE E 201 24.26 10.72 -23.75
CA PHE E 201 25.53 11.36 -23.46
C PHE E 201 26.55 11.14 -24.55
N SER E 202 26.84 9.86 -24.85
CA SER E 202 27.85 9.50 -25.87
C SER E 202 27.50 10.04 -27.23
N ARG E 203 26.24 9.87 -27.61
CA ARG E 203 25.81 10.28 -28.92
C ARG E 203 25.89 11.79 -29.07
N LEU E 204 25.52 12.52 -28.01
CA LEU E 204 25.55 13.99 -28.09
C LEU E 204 26.98 14.51 -28.20
N LEU E 205 27.89 13.99 -27.37
CA LEU E 205 29.26 14.46 -27.42
C LEU E 205 29.83 14.22 -28.81
N ASP E 206 29.52 13.03 -29.33
CA ASP E 206 29.89 12.70 -30.72
C ASP E 206 29.48 13.65 -31.81
N SER E 207 28.19 13.97 -31.80
CA SER E 207 27.62 14.93 -32.72
C SER E 207 28.35 16.28 -32.65
N LEU E 208 28.67 16.69 -31.42
CA LEU E 208 29.27 18.01 -31.17
C LEU E 208 30.73 18.00 -31.56
N ARG E 209 31.42 16.88 -31.29
CA ARG E 209 32.80 16.64 -31.78
C ARG E 209 32.82 16.61 -33.30
N GLN E 210 31.95 15.81 -33.91
CA GLN E 210 31.87 15.80 -35.39
C GLN E 210 31.59 17.16 -36.02
N GLU E 211 30.74 18.03 -35.45
CA GLU E 211 30.56 19.37 -36.06
C GLU E 211 31.73 20.31 -35.71
N GLY E 212 32.77 19.82 -35.03
CA GLY E 212 33.94 20.64 -34.67
C GLY E 212 33.69 21.70 -33.59
N PHE E 213 32.61 21.54 -32.82
CA PHE E 213 32.26 22.51 -31.79
C PHE E 213 33.11 22.19 -30.55
N LEU E 214 33.12 20.93 -30.13
CA LEU E 214 34.00 20.48 -29.06
C LEU E 214 35.43 20.25 -29.55
N THR E 215 36.39 21.04 -29.07
CA THR E 215 37.76 21.00 -29.60
C THR E 215 38.67 20.14 -28.75
N ASP E 216 38.36 19.97 -27.47
CA ASP E 216 39.23 19.19 -26.59
C ASP E 216 38.38 18.67 -25.44
N ASP E 217 38.68 17.46 -25.02
CA ASP E 217 37.99 16.88 -23.91
C ASP E 217 38.94 16.86 -22.74
N LEU E 218 38.42 17.08 -21.53
CA LEU E 218 39.22 17.17 -20.33
C LEU E 218 38.87 16.04 -19.37
N VAL E 219 37.56 15.86 -19.15
CA VAL E 219 37.07 14.86 -18.25
C VAL E 219 35.83 14.36 -18.94
N SER E 220 35.80 13.05 -19.21
CA SER E 220 34.76 12.46 -20.03
C SER E 220 34.59 10.98 -19.66
N GLN E 221 35.12 10.07 -20.49
CA GLN E 221 34.75 8.59 -20.57
C GLN E 221 33.26 8.27 -20.75
N GLN E 227 28.74 7.36 -17.19
CA GLN E 227 29.25 8.70 -17.45
C GLN E 227 28.12 9.76 -17.22
N GLN E 228 28.24 10.54 -16.15
CA GLN E 228 27.19 11.56 -15.90
C GLN E 228 27.67 13.01 -16.17
N LYS E 229 28.98 13.24 -16.13
CA LYS E 229 29.51 14.57 -16.50
C LYS E 229 30.61 14.56 -17.60
N TYR E 230 30.54 15.64 -18.40
CA TYR E 230 31.54 16.03 -19.39
C TYR E 230 32.12 17.46 -19.12
N LEU E 231 33.44 17.55 -19.04
CA LEU E 231 34.19 18.81 -18.96
C LEU E 231 35.12 18.87 -20.19
N GLY E 232 35.05 19.96 -20.92
CA GLY E 232 35.73 20.09 -22.19
C GLY E 232 35.84 21.54 -22.62
N VAL E 233 36.18 21.69 -23.90
CA VAL E 233 36.49 22.95 -24.47
C VAL E 233 35.70 23.07 -25.76
N CYS E 234 35.12 24.23 -25.99
CA CYS E 234 34.33 24.41 -27.17
C CYS E 234 34.71 25.72 -27.78
N ARG E 235 34.25 25.91 -29.01
CA ARG E 235 34.53 27.15 -29.75
C ARG E 235 33.39 27.34 -30.74
N LEU E 236 32.79 28.51 -30.71
CA LEU E 236 31.77 28.82 -31.69
C LEU E 236 32.41 28.92 -33.07
N PRO E 237 31.66 28.55 -34.12
CA PRO E 237 32.26 28.60 -35.46
C PRO E 237 32.39 30.03 -35.97
N GLY E 238 33.25 30.20 -36.97
CA GLY E 238 33.47 31.47 -37.62
C GLY E 238 34.69 32.15 -37.05
N PRO E 239 35.14 33.24 -37.69
CA PRO E 239 36.36 33.87 -37.18
C PRO E 239 36.11 34.69 -35.92
N GLY E 240 37.17 35.09 -35.26
CA GLY E 240 37.09 35.92 -34.07
C GLY E 240 36.71 35.25 -32.75
N ARG E 241 36.58 33.92 -32.70
CA ARG E 241 36.09 33.28 -31.49
C ARG E 241 37.18 32.68 -30.61
N ARG E 242 37.00 32.84 -29.30
CA ARG E 242 37.87 32.24 -28.31
C ARG E 242 37.40 30.83 -27.93
N HIS E 243 38.33 30.00 -27.50
CA HIS E 243 37.96 28.73 -26.92
C HIS E 243 37.43 28.98 -25.51
N ARG E 244 36.35 28.27 -25.14
CA ARG E 244 35.75 28.39 -23.82
C ARG E 244 35.59 27.06 -23.18
N ARG E 245 35.63 27.06 -21.84
CA ARG E 245 35.29 25.90 -21.06
C ARG E 245 33.77 25.61 -21.03
N LEU E 246 33.42 24.35 -21.23
CA LEU E 246 32.02 23.90 -21.29
C LEU E 246 31.89 22.68 -20.38
N ASP E 247 30.86 22.69 -19.53
CA ASP E 247 30.57 21.60 -18.61
C ASP E 247 29.15 21.17 -19.06
N ILE E 248 28.93 19.86 -19.26
CA ILE E 248 27.60 19.27 -19.53
C ILE E 248 27.34 18.14 -18.51
N ILE E 249 26.11 18.09 -18.01
CA ILE E 249 25.73 17.06 -17.09
C ILE E 249 24.38 16.51 -17.60
N VAL E 250 24.20 15.22 -17.50
CA VAL E 250 22.95 14.56 -17.85
C VAL E 250 22.52 13.81 -16.62
N VAL E 251 21.29 14.06 -16.20
CA VAL E 251 20.76 13.55 -14.93
C VAL E 251 19.30 13.03 -15.11
N PRO E 252 18.90 12.02 -14.31
CA PRO E 252 17.50 11.58 -14.26
C PRO E 252 16.66 12.70 -13.61
N TYR E 253 15.46 12.90 -14.12
CA TYR E 253 14.48 13.89 -13.61
C TYR E 253 14.21 13.76 -12.10
N SER E 254 14.29 12.56 -11.54
CA SER E 254 14.15 12.40 -10.09
C SER E 254 15.25 13.12 -9.26
N GLU E 255 16.42 13.35 -9.89
CA GLU E 255 17.53 14.09 -9.31
C GLU E 255 17.60 15.59 -9.74
N PHE E 256 16.67 16.01 -10.60
CA PHE E 256 16.74 17.26 -11.24
C PHE E 256 16.84 18.47 -10.28
N ALA E 257 16.00 18.52 -9.24
CA ALA E 257 16.04 19.63 -8.34
C ALA E 257 17.37 19.78 -7.68
N CYS E 258 17.88 18.71 -7.07
CA CYS E 258 19.16 18.73 -6.38
C CYS E 258 20.35 19.01 -7.34
N ALA E 259 20.22 18.54 -8.59
CA ALA E 259 21.24 18.71 -9.65
C ALA E 259 21.16 20.14 -10.12
N LEU E 260 19.95 20.67 -10.29
CA LEU E 260 19.85 22.04 -10.74
C LEU E 260 20.32 22.99 -9.64
N LEU E 261 20.11 22.58 -8.40
CA LEU E 261 20.53 23.42 -7.28
C LEU E 261 22.07 23.47 -7.23
N TYR E 262 22.70 22.31 -7.24
CA TYR E 262 24.15 22.18 -7.29
C TYR E 262 24.75 22.96 -8.42
N PHE E 263 24.24 22.70 -9.60
CA PHE E 263 24.83 23.24 -10.83
C PHE E 263 24.67 24.73 -11.00
N THR E 264 23.67 25.31 -10.35
CA THR E 264 23.46 26.77 -10.35
C THR E 264 24.43 27.45 -9.31
N GLY E 265 24.73 26.79 -8.22
CA GLY E 265 25.65 27.37 -7.24
C GLY E 265 25.15 28.68 -6.64
N SER E 266 26.07 29.54 -6.17
CA SER E 266 27.51 29.46 -6.31
C SER E 266 28.12 28.33 -5.52
N ALA E 267 29.40 28.10 -5.74
CA ALA E 267 30.10 27.12 -4.98
C ALA E 267 29.94 27.41 -3.48
N HIS E 268 29.97 28.68 -3.07
CA HIS E 268 30.00 28.93 -1.60
C HIS E 268 28.59 28.76 -1.05
N PHE E 269 27.61 29.14 -1.85
CA PHE E 269 26.25 28.76 -1.59
C PHE E 269 26.05 27.24 -1.33
N ASN E 270 26.46 26.38 -2.25
CA ASN E 270 26.32 24.95 -2.01
C ASN E 270 27.01 24.41 -0.77
N ARG E 271 28.19 24.94 -0.48
CA ARG E 271 28.97 24.50 0.66
C ARG E 271 28.30 24.82 1.98
N SER E 272 27.70 25.99 2.03
CA SER E 272 26.94 26.36 3.19
C SER E 272 25.70 25.46 3.39
N MET E 273 24.90 25.33 2.33
CA MET E 273 23.72 24.42 2.36
C MET E 273 24.13 23.03 2.87
N ARG E 274 25.14 22.43 2.27
CA ARG E 274 25.52 21.08 2.66
C ARG E 274 25.93 21.02 4.13
N ALA E 275 26.61 22.06 4.61
CA ALA E 275 27.05 22.13 6.00
C ALA E 275 25.86 22.26 6.96
N LEU E 276 24.85 23.03 6.55
CA LEU E 276 23.60 23.21 7.28
C LEU E 276 22.78 21.89 7.34
N ALA E 277 22.68 21.20 6.19
CA ALA E 277 22.12 19.85 6.13
C ALA E 277 22.84 18.86 7.04
N LYS E 278 24.16 18.95 7.15
CA LYS E 278 24.84 18.04 8.06
C LYS E 278 24.51 18.33 9.55
N THR E 279 24.26 19.61 9.89
CA THR E 279 23.89 19.99 11.27
C THR E 279 22.55 19.38 11.70
N LYS E 280 21.65 19.15 10.74
CA LYS E 280 20.29 18.67 11.00
C LYS E 280 20.09 17.19 10.70
N GLY E 281 21.10 16.34 10.95
CA GLY E 281 21.04 14.88 10.71
C GLY E 281 20.85 14.41 9.26
N MET E 282 21.17 15.31 8.33
CA MET E 282 20.85 15.14 6.92
C MET E 282 22.13 15.11 6.08
N SER E 283 21.95 14.95 4.77
CA SER E 283 23.05 14.98 3.80
C SER E 283 22.59 15.50 2.48
N LEU E 284 23.18 16.59 2.03
CA LEU E 284 22.88 17.12 0.71
C LEU E 284 24.05 16.87 -0.27
N SER E 285 23.66 16.33 -1.42
CA SER E 285 24.52 16.19 -2.59
C SER E 285 23.75 16.56 -3.84
N GLU E 286 24.43 16.52 -4.99
CA GLU E 286 23.82 16.81 -6.28
C GLU E 286 22.85 15.72 -6.72
N HIS E 287 22.94 14.52 -6.12
CA HIS E 287 21.98 13.46 -6.36
C HIS E 287 20.68 13.62 -5.55
N ALA E 288 20.80 13.92 -4.25
CA ALA E 288 19.65 13.85 -3.34
C ALA E 288 19.87 14.57 -1.99
N LEU E 289 18.77 14.83 -1.29
CA LEU E 289 18.74 15.25 0.12
C LEU E 289 18.29 14.04 0.95
N SER E 290 19.06 13.63 1.97
CA SER E 290 18.72 12.47 2.77
C SER E 290 18.53 12.81 4.25
N THR E 291 17.74 11.99 4.94
CA THR E 291 17.58 12.05 6.41
C THR E 291 18.08 10.75 7.04
N ALA E 292 17.93 10.63 8.36
CA ALA E 292 18.65 9.66 9.18
C ALA E 292 20.14 9.91 8.97
N VAL E 293 20.82 9.11 8.17
CA VAL E 293 22.20 9.37 7.85
C VAL E 293 22.92 9.38 9.17
N VAL E 294 22.87 8.24 9.85
CA VAL E 294 23.56 8.10 11.13
C VAL E 294 25.05 7.94 10.83
N ARG E 295 25.76 9.06 10.73
CA ARG E 295 27.20 8.99 10.61
C ARG E 295 27.77 8.60 11.98
N ASN E 296 28.59 7.57 11.93
CA ASN E 296 28.99 6.82 13.09
C ASN E 296 30.51 6.97 13.16
N THR E 297 31.22 5.85 13.35
CA THR E 297 32.69 5.79 13.28
C THR E 297 33.35 7.13 13.68
N HIS E 298 33.78 7.92 12.70
CA HIS E 298 34.43 9.22 12.95
C HIS E 298 33.79 10.28 12.05
N GLY E 299 32.47 10.46 12.12
CA GLY E 299 31.75 11.37 11.20
C GLY E 299 31.52 10.87 9.77
N CYS E 300 31.80 9.59 9.53
CA CYS E 300 31.56 8.93 8.24
C CYS E 300 30.20 8.30 8.31
N LYS E 301 29.47 8.31 7.20
CA LYS E 301 28.10 7.81 7.22
C LYS E 301 27.90 6.46 7.90
N VAL E 302 28.29 5.36 7.24
CA VAL E 302 27.82 4.03 7.67
C VAL E 302 26.29 4.14 7.82
N GLY E 303 25.58 3.93 6.71
CA GLY E 303 24.13 4.11 6.70
C GLY E 303 23.75 5.39 5.99
N PRO E 304 23.45 5.28 4.65
CA PRO E 304 23.11 6.43 3.78
C PRO E 304 21.92 7.21 4.26
N GLY E 305 21.04 6.52 4.99
CA GLY E 305 19.81 7.10 5.46
C GLY E 305 18.94 7.35 4.26
N ARG E 306 17.64 7.52 4.52
CA ARG E 306 16.63 7.53 3.46
C ARG E 306 16.56 8.89 2.80
N VAL E 307 16.32 8.82 1.49
CA VAL E 307 16.17 9.99 0.66
C VAL E 307 14.85 10.62 0.93
N LEU E 308 14.86 11.94 1.05
CA LEU E 308 13.66 12.79 1.01
C LEU E 308 13.39 13.17 -0.42
N PRO E 309 12.13 13.01 -0.91
CA PRO E 309 11.88 13.43 -2.30
C PRO E 309 11.89 14.93 -2.39
N THR E 310 12.17 15.47 -3.57
CA THR E 310 12.44 16.90 -3.73
C THR E 310 12.27 17.18 -5.18
N PRO E 311 11.02 17.25 -5.66
CA PRO E 311 10.68 17.50 -7.06
C PRO E 311 10.98 18.87 -7.60
N THR E 312 11.25 19.84 -6.73
CA THR E 312 11.60 21.23 -7.14
C THR E 312 12.58 21.76 -6.09
N GLU E 313 13.26 22.84 -6.47
CA GLU E 313 14.28 23.51 -5.62
C GLU E 313 13.72 23.94 -4.24
N LYS E 314 12.50 24.48 -4.28
CA LYS E 314 11.67 24.87 -3.07
C LYS E 314 11.60 23.81 -1.99
N ASP E 315 11.45 22.57 -2.41
CA ASP E 315 11.35 21.49 -1.48
C ASP E 315 12.60 21.31 -0.68
N VAL E 316 13.75 21.55 -1.31
CA VAL E 316 15.02 21.41 -0.59
C VAL E 316 15.15 22.52 0.45
N PHE E 317 14.83 23.74 0.02
CA PHE E 317 14.93 24.87 0.91
C PHE E 317 13.97 24.61 2.11
N ARG E 318 12.71 24.37 1.78
CA ARG E 318 11.67 24.08 2.75
C ARG E 318 12.15 23.06 3.76
N LEU E 319 12.70 21.95 3.27
CA LEU E 319 13.08 20.84 4.15
C LEU E 319 14.33 21.06 4.97
N LEU E 320 15.09 22.09 4.61
CA LEU E 320 16.23 22.55 5.43
C LEU E 320 15.82 23.72 6.35
N GLY E 321 14.54 24.10 6.30
CA GLY E 321 14.02 25.13 7.19
C GLY E 321 14.44 26.52 6.74
N LEU E 322 14.57 26.68 5.43
CA LEU E 322 15.06 27.91 4.84
C LEU E 322 14.02 28.48 3.94
N PRO E 323 13.97 29.82 3.83
CA PRO E 323 13.15 30.46 2.82
C PRO E 323 13.78 30.26 1.47
N TYR E 324 12.94 30.20 0.45
CA TYR E 324 13.37 30.06 -0.91
C TYR E 324 14.22 31.28 -1.35
N ARG E 325 15.25 31.04 -2.19
CA ARG E 325 15.95 32.11 -2.88
C ARG E 325 16.04 31.88 -4.40
N GLU E 326 15.64 32.89 -5.16
CA GLU E 326 15.76 32.86 -6.59
C GLU E 326 17.27 32.68 -6.88
N PRO E 327 17.62 32.12 -8.05
CA PRO E 327 19.05 31.94 -8.48
C PRO E 327 19.95 33.19 -8.40
N ALA E 328 19.43 34.33 -8.84
CA ALA E 328 20.16 35.61 -8.72
C ALA E 328 20.53 35.97 -7.27
N GLU E 329 19.92 35.34 -6.29
CA GLU E 329 20.25 35.64 -4.91
C GLU E 329 21.04 34.51 -4.28
N ARG E 330 21.79 33.76 -5.09
CA ARG E 330 22.51 32.61 -4.53
C ARG E 330 24.03 32.70 -4.65
N ASP E 331 24.55 33.92 -4.54
CA ASP E 331 26.00 34.05 -4.40
C ASP E 331 26.51 33.56 -3.04
N TRP E 332 25.70 33.72 -2.01
CA TRP E 332 26.13 33.40 -0.65
C TRP E 332 24.85 33.06 0.09
N LEU E 333 24.96 32.49 1.30
CA LEU E 333 23.80 32.12 2.15
C LEU E 333 23.80 32.88 3.47
N THR I 7 26.48 -39.44 -6.44
CA THR I 7 25.08 -39.49 -5.90
C THR I 7 25.01 -39.01 -4.42
N ASN I 8 23.95 -39.42 -3.72
CA ASN I 8 23.66 -38.91 -2.39
C ASN I 8 23.44 -40.08 -1.42
N HIS I 9 24.42 -40.31 -0.54
CA HIS I 9 24.31 -41.41 0.44
C HIS I 9 23.52 -41.03 1.66
N ASN I 10 23.02 -39.81 1.67
CA ASN I 10 22.29 -39.30 2.80
C ASN I 10 20.86 -38.78 2.42
N LEU I 11 20.24 -39.43 1.41
CA LEU I 11 18.89 -39.05 0.98
C LEU I 11 17.94 -38.93 2.13
N HIS I 12 17.79 -39.99 2.92
CA HIS I 12 16.82 -39.99 4.04
C HIS I 12 16.98 -38.76 4.97
N ILE I 13 18.17 -38.15 5.01
CA ILE I 13 18.39 -36.96 5.82
C ILE I 13 18.06 -35.70 5.01
N THR I 14 18.64 -35.58 3.82
CA THR I 14 18.49 -34.36 3.02
C THR I 14 17.05 -34.05 2.61
N GLU I 15 16.23 -35.08 2.35
CA GLU I 15 14.81 -34.89 1.96
C GLU I 15 14.11 -34.13 3.04
N LYS I 16 14.34 -34.57 4.27
CA LYS I 16 13.66 -34.03 5.44
C LYS I 16 14.12 -32.63 5.79
N LEU I 17 15.39 -32.38 5.52
CA LEU I 17 16.01 -31.10 5.76
C LEU I 17 15.52 -30.06 4.73
N GLU I 18 15.36 -30.48 3.46
CA GLU I 18 14.97 -29.50 2.44
C GLU I 18 13.51 -29.06 2.66
N VAL I 19 12.74 -29.85 3.37
CA VAL I 19 11.38 -29.49 3.65
C VAL I 19 11.37 -28.40 4.71
N LEU I 20 12.21 -28.54 5.71
CA LEU I 20 12.27 -27.50 6.72
C LEU I 20 12.88 -26.26 6.13
N ALA I 21 13.90 -26.39 5.29
CA ALA I 21 14.49 -25.23 4.58
C ALA I 21 13.46 -24.48 3.71
N LYS I 22 12.64 -25.22 3.00
CA LYS I 22 11.54 -24.65 2.22
C LYS I 22 10.66 -23.79 3.14
N ALA I 23 10.31 -24.34 4.31
CA ALA I 23 9.40 -23.61 5.23
C ALA I 23 9.93 -22.24 5.66
N TYR I 24 11.22 -22.19 5.95
CA TYR I 24 11.86 -21.00 6.38
C TYR I 24 11.89 -20.04 5.24
N SER I 25 12.20 -20.53 4.05
CA SER I 25 12.32 -19.69 2.84
C SER I 25 11.05 -18.93 2.49
N VAL I 26 9.95 -19.66 2.38
CA VAL I 26 8.68 -19.02 2.04
C VAL I 26 8.14 -18.16 3.18
N GLN I 27 8.53 -18.42 4.44
CA GLN I 27 8.17 -17.50 5.55
C GLN I 27 9.08 -16.29 5.69
N GLY I 28 10.11 -16.24 4.86
CA GLY I 28 10.89 -15.00 4.75
C GLY I 28 12.15 -14.98 5.60
N ASP I 29 12.40 -16.04 6.38
CA ASP I 29 13.70 -16.20 7.09
C ASP I 29 14.82 -16.64 6.14
N LYS I 30 15.27 -15.71 5.32
CA LYS I 30 16.06 -16.06 4.16
C LYS I 30 17.46 -16.57 4.60
N TRP I 31 18.00 -15.98 5.68
CA TRP I 31 19.34 -16.30 6.11
C TRP I 31 19.39 -17.68 6.74
N ARG I 32 18.37 -18.05 7.49
CA ARG I 32 18.31 -19.38 8.04
C ARG I 32 18.18 -20.39 6.91
N ALA I 33 17.35 -20.07 5.93
CA ALA I 33 17.13 -20.96 4.78
C ALA I 33 18.41 -21.25 4.00
N LEU I 34 19.20 -20.22 3.72
CA LEU I 34 20.56 -20.41 3.19
C LEU I 34 21.40 -21.37 4.01
N GLY I 35 21.43 -21.13 5.29
CA GLY I 35 22.21 -21.97 6.19
C GLY I 35 21.86 -23.41 6.01
N TYR I 36 20.57 -23.70 5.98
CA TYR I 36 20.10 -24.99 5.61
C TYR I 36 20.51 -25.46 4.22
N ALA I 37 20.35 -24.61 3.19
CA ALA I 37 20.68 -25.09 1.83
C ALA I 37 22.18 -25.47 1.76
N LYS I 38 23.02 -24.69 2.45
CA LYS I 38 24.45 -24.90 2.46
C LYS I 38 24.78 -26.22 3.16
N ALA I 39 24.02 -26.58 4.19
CA ALA I 39 24.33 -27.81 4.92
C ALA I 39 23.84 -29.03 4.18
N ILE I 40 22.68 -28.87 3.55
CA ILE I 40 22.17 -29.87 2.65
C ILE I 40 23.16 -30.15 1.48
N ASN I 41 23.70 -29.14 0.83
CA ASN I 41 24.67 -29.45 -0.20
C ASN I 41 25.76 -30.35 0.36
N ALA I 42 26.45 -29.85 1.39
CA ALA I 42 27.53 -30.56 2.05
C ALA I 42 27.16 -32.00 2.44
N LEU I 43 25.96 -32.21 2.97
CA LEU I 43 25.48 -33.55 3.29
C LEU I 43 25.34 -34.43 2.05
N LYS I 44 24.89 -33.85 0.94
CA LYS I 44 24.57 -34.60 -0.29
C LYS I 44 25.80 -35.10 -0.99
N SER I 45 26.86 -34.29 -0.99
CA SER I 45 28.09 -34.63 -1.69
C SER I 45 29.17 -35.20 -0.75
N PHE I 46 28.75 -35.79 0.36
CA PHE I 46 29.68 -36.42 1.29
C PHE I 46 29.93 -37.85 0.83
N HIS I 47 31.18 -38.30 0.93
CA HIS I 47 31.58 -39.57 0.35
C HIS I 47 30.84 -40.78 0.89
N LYS I 48 30.01 -40.63 1.92
CA LYS I 48 29.29 -41.80 2.45
C LYS I 48 28.14 -41.38 3.33
N PRO I 49 27.33 -42.34 3.80
CA PRO I 49 26.35 -42.03 4.85
C PRO I 49 27.08 -41.51 6.06
N VAL I 50 26.50 -40.53 6.75
CA VAL I 50 27.06 -40.09 8.02
C VAL I 50 26.35 -40.92 9.06
N THR I 51 27.11 -41.51 9.97
CA THR I 51 26.54 -42.43 10.97
C THR I 51 26.70 -41.97 12.41
N SER I 52 27.31 -40.83 12.62
CA SER I 52 27.46 -40.31 13.96
C SER I 52 27.46 -38.80 13.97
N TYR I 53 27.21 -38.33 15.18
CA TYR I 53 27.24 -36.94 15.51
C TYR I 53 28.60 -36.31 15.19
N GLN I 54 29.64 -37.07 15.51
CA GLN I 54 31.00 -36.56 15.47
C GLN I 54 31.43 -36.46 14.03
N GLU I 55 31.04 -37.48 13.29
CA GLU I 55 31.13 -37.43 11.85
C GLU I 55 30.39 -36.21 11.26
N ALA I 56 29.11 -36.08 11.59
CA ALA I 56 28.34 -34.97 11.06
C ALA I 56 29.07 -33.62 11.23
N CYS I 57 29.70 -33.41 12.41
CA CYS I 57 30.41 -32.15 12.73
C CYS I 57 31.74 -31.96 12.03
N SER I 58 32.37 -33.03 11.55
CA SER I 58 33.61 -32.89 10.79
C SER I 58 33.45 -32.21 9.42
N ILE I 59 32.23 -31.79 9.06
CA ILE I 59 31.91 -31.41 7.69
C ILE I 59 31.71 -29.93 7.66
N PRO I 60 32.53 -29.21 6.90
CA PRO I 60 32.26 -27.80 6.75
C PRO I 60 30.82 -27.60 6.28
N GLY I 61 30.20 -26.53 6.77
CA GLY I 61 28.81 -26.24 6.55
C GLY I 61 27.87 -26.83 7.59
N ILE I 62 28.38 -27.72 8.44
CA ILE I 62 27.56 -28.40 9.45
C ILE I 62 28.09 -28.11 10.87
N GLY I 63 27.24 -27.43 11.63
CA GLY I 63 27.49 -27.06 13.00
C GLY I 63 26.68 -27.87 14.00
N LYS I 64 26.85 -27.47 15.25
CA LYS I 64 26.26 -28.13 16.37
C LYS I 64 24.80 -28.40 16.15
N ARG I 65 24.07 -27.39 15.69
CA ARG I 65 22.62 -27.49 15.61
C ARG I 65 22.20 -28.35 14.41
N MET I 66 22.83 -28.11 13.27
CA MET I 66 22.57 -28.99 12.14
C MET I 66 22.86 -30.48 12.49
N ALA I 67 23.99 -30.78 13.13
CA ALA I 67 24.29 -32.17 13.50
C ALA I 67 23.31 -32.78 14.50
N GLU I 68 22.81 -31.99 15.45
CA GLU I 68 21.72 -32.45 16.35
C GLU I 68 20.54 -32.97 15.57
N LYS I 69 20.16 -32.27 14.50
CA LYS I 69 19.06 -32.72 13.66
C LYS I 69 19.41 -33.97 12.86
N ILE I 70 20.65 -34.07 12.42
CA ILE I 70 21.11 -35.25 11.70
C ILE I 70 21.09 -36.51 12.51
N ILE I 71 21.59 -36.48 13.75
CA ILE I 71 21.59 -37.73 14.55
C ILE I 71 20.19 -38.03 15.08
N GLU I 72 19.34 -37.02 15.15
CA GLU I 72 17.96 -37.24 15.54
C GLU I 72 17.22 -38.00 14.44
N ILE I 73 17.62 -37.79 13.20
CA ILE I 73 17.05 -38.53 12.10
C ILE I 73 17.60 -39.93 12.04
N LEU I 74 18.90 -40.09 12.29
CA LEU I 74 19.54 -41.40 12.24
C LEU I 74 18.89 -42.43 13.15
N GLU I 75 18.40 -41.98 14.27
CA GLU I 75 18.01 -42.87 15.37
C GLU I 75 16.54 -43.07 15.52
N SER I 76 15.79 -41.98 15.34
CA SER I 76 14.33 -42.05 15.39
C SER I 76 13.78 -42.23 13.98
N GLY I 77 14.49 -41.77 12.96
CA GLY I 77 13.96 -41.86 11.60
C GLY I 77 13.08 -40.70 11.21
N HIS I 78 12.36 -40.09 12.16
CA HIS I 78 11.54 -38.89 11.88
C HIS I 78 12.38 -37.62 12.16
N LEU I 79 11.75 -36.45 11.97
CA LEU I 79 12.29 -35.22 12.51
C LEU I 79 11.16 -34.46 13.16
N ARG I 80 11.40 -33.89 14.32
CA ARG I 80 10.30 -33.44 15.16
C ARG I 80 9.81 -32.08 14.70
N LYS I 81 10.75 -31.18 14.40
CA LYS I 81 10.37 -29.84 14.04
C LYS I 81 9.52 -29.83 12.78
N LEU I 82 9.62 -30.90 11.97
CA LEU I 82 8.79 -31.07 10.78
C LEU I 82 7.30 -31.02 11.03
N ASP I 83 6.88 -31.58 12.14
CA ASP I 83 5.47 -31.68 12.43
C ASP I 83 4.93 -30.41 13.06
N HIS I 84 5.77 -29.41 13.24
CA HIS I 84 5.35 -28.13 13.80
C HIS I 84 5.42 -27.02 12.76
N ILE I 85 5.46 -27.43 11.50
CA ILE I 85 5.43 -26.52 10.38
C ILE I 85 4.04 -25.94 10.11
N SER I 86 3.97 -24.62 10.03
CA SER I 86 2.71 -23.97 9.74
C SER I 86 2.03 -24.52 8.48
N GLU I 87 0.74 -24.78 8.58
CA GLU I 87 -0.02 -25.34 7.47
C GLU I 87 -0.26 -24.32 6.34
N SER I 88 0.20 -23.09 6.54
CA SER I 88 0.12 -22.08 5.50
C SER I 88 1.23 -22.29 4.43
N VAL I 89 2.26 -23.08 4.74
CA VAL I 89 3.45 -23.10 3.89
C VAL I 89 3.16 -23.46 2.40
N PRO I 90 2.44 -24.54 2.14
CA PRO I 90 2.11 -24.83 0.76
C PRO I 90 1.43 -23.66 0.03
N VAL I 91 0.55 -22.90 0.70
CA VAL I 91 -0.08 -21.74 0.05
C VAL I 91 0.96 -20.63 -0.21
N LEU I 92 1.74 -20.31 0.79
CA LEU I 92 2.74 -19.30 0.67
C LEU I 92 3.73 -19.62 -0.45
N GLU I 93 3.97 -20.90 -0.72
CA GLU I 93 4.94 -21.32 -1.74
C GLU I 93 4.26 -21.14 -3.06
N LEU I 94 3.02 -21.56 -3.12
CA LEU I 94 2.26 -21.38 -4.33
C LEU I 94 2.29 -19.93 -4.80
N PHE I 95 2.01 -19.00 -3.87
CA PHE I 95 1.98 -17.57 -4.17
C PHE I 95 3.34 -16.98 -4.49
N SER I 96 4.39 -17.36 -3.72
CA SER I 96 5.75 -16.83 -4.00
C SER I 96 6.45 -17.43 -5.27
N ASN I 97 5.88 -18.48 -5.85
CA ASN I 97 6.20 -18.91 -7.19
C ASN I 97 5.74 -17.98 -8.29
N ILE I 98 4.93 -17.00 -7.97
CA ILE I 98 4.59 -15.97 -8.94
C ILE I 98 5.80 -15.02 -9.00
N TRP I 99 6.32 -14.83 -10.20
CA TRP I 99 7.41 -13.91 -10.44
C TRP I 99 6.93 -12.52 -10.10
N GLY I 100 7.65 -11.89 -9.20
CA GLY I 100 7.34 -10.55 -8.75
C GLY I 100 6.62 -10.54 -7.41
N ALA I 101 6.17 -11.70 -6.91
CA ALA I 101 5.58 -11.81 -5.60
C ALA I 101 6.56 -12.55 -4.72
N GLY I 102 6.93 -11.93 -3.60
CA GLY I 102 7.81 -12.59 -2.61
C GLY I 102 7.05 -12.96 -1.35
N THR I 103 7.84 -13.16 -0.28
CA THR I 103 7.32 -13.57 1.01
C THR I 103 6.30 -12.60 1.64
N LYS I 104 6.49 -11.30 1.45
CA LYS I 104 5.61 -10.30 2.01
C LYS I 104 4.27 -10.23 1.30
N THR I 105 4.32 -10.33 -0.02
CA THR I 105 3.11 -10.32 -0.81
C THR I 105 2.35 -11.58 -0.60
N ALA I 106 3.05 -12.71 -0.51
CA ALA I 106 2.37 -13.97 -0.24
C ALA I 106 1.61 -13.94 1.12
N GLN I 107 2.23 -13.32 2.13
CA GLN I 107 1.64 -13.24 3.50
C GLN I 107 0.48 -12.33 3.58
N MET I 108 0.56 -11.20 2.88
CA MET I 108 -0.60 -10.34 2.73
C MET I 108 -1.78 -11.03 2.04
N TRP I 109 -1.54 -11.73 0.95
CA TRP I 109 -2.64 -12.43 0.28
C TRP I 109 -3.23 -13.52 1.16
N TYR I 110 -2.40 -14.22 1.93
CA TYR I 110 -2.88 -15.23 2.84
C TYR I 110 -3.77 -14.62 3.91
N GLN I 111 -3.35 -13.49 4.45
CA GLN I 111 -4.11 -12.76 5.44
C GLN I 111 -5.48 -12.29 4.95
N GLN I 112 -5.51 -11.88 3.69
CA GLN I 112 -6.72 -11.45 3.08
C GLN I 112 -7.60 -12.63 2.75
N GLY I 113 -7.15 -13.85 3.07
CA GLY I 113 -8.02 -15.00 2.95
C GLY I 113 -7.89 -15.79 1.66
N PHE I 114 -6.91 -15.45 0.81
CA PHE I 114 -6.76 -16.15 -0.52
C PHE I 114 -5.98 -17.42 -0.32
N ARG I 115 -6.39 -18.49 -0.98
CA ARG I 115 -5.79 -19.84 -0.82
C ARG I 115 -5.44 -20.47 -2.19
N SER I 116 -5.73 -19.82 -3.30
CA SER I 116 -5.60 -20.47 -4.61
C SER I 116 -5.23 -19.41 -5.65
N LEU I 117 -4.66 -19.83 -6.75
CA LEU I 117 -4.35 -18.85 -7.81
C LEU I 117 -5.61 -18.25 -8.38
N GLU I 118 -6.67 -19.04 -8.40
CA GLU I 118 -7.96 -18.50 -8.80
C GLU I 118 -8.40 -17.31 -7.94
N ASP I 119 -8.24 -17.44 -6.63
CA ASP I 119 -8.54 -16.31 -5.78
C ASP I 119 -7.66 -15.16 -6.15
N ILE I 120 -6.37 -15.43 -6.40
CA ILE I 120 -5.49 -14.31 -6.68
C ILE I 120 -5.94 -13.61 -7.96
N ARG I 121 -6.19 -14.39 -9.03
CA ARG I 121 -6.65 -13.86 -10.32
C ARG I 121 -7.92 -12.99 -10.19
N SER I 122 -8.93 -13.46 -9.45
CA SER I 122 -10.22 -12.78 -9.37
C SER I 122 -10.30 -11.70 -8.32
N GLN I 123 -9.44 -11.71 -7.31
CA GLN I 123 -9.64 -10.77 -6.19
C GLN I 123 -8.42 -9.94 -5.76
N ALA I 124 -7.20 -10.44 -5.95
CA ALA I 124 -6.01 -9.74 -5.43
C ALA I 124 -5.66 -8.50 -6.21
N SER I 125 -5.03 -7.53 -5.59
CA SER I 125 -4.43 -6.49 -6.39
C SER I 125 -2.98 -6.90 -6.73
N LEU I 126 -2.67 -6.76 -8.01
CA LEU I 126 -1.47 -7.31 -8.60
C LEU I 126 -0.67 -6.20 -9.24
N THR I 127 0.63 -6.17 -9.03
CA THR I 127 1.45 -5.30 -9.83
C THR I 127 1.49 -5.82 -11.26
N THR I 128 2.03 -4.99 -12.13
CA THR I 128 2.20 -5.33 -13.54
C THR I 128 3.05 -6.58 -13.68
N GLN I 129 4.18 -6.61 -12.99
CA GLN I 129 5.07 -7.75 -13.03
C GLN I 129 4.31 -8.97 -12.57
N GLN I 130 3.60 -8.85 -11.45
CA GLN I 130 2.85 -9.97 -10.89
C GLN I 130 1.80 -10.54 -11.80
N ALA I 131 1.13 -9.67 -12.54
CA ALA I 131 0.08 -10.14 -13.47
C ALA I 131 0.68 -10.96 -14.61
N ILE I 132 1.86 -10.56 -15.04
CA ILE I 132 2.61 -11.32 -16.08
C ILE I 132 3.03 -12.64 -15.46
N GLY I 133 3.60 -12.57 -14.27
CA GLY I 133 3.95 -13.77 -13.53
C GLY I 133 2.79 -14.72 -13.41
N LEU I 134 1.60 -14.19 -13.12
CA LEU I 134 0.44 -15.04 -12.85
C LEU I 134 -0.10 -15.58 -14.18
N LYS I 135 -0.23 -14.71 -15.18
CA LYS I 135 -0.66 -15.14 -16.51
C LYS I 135 0.23 -16.30 -17.01
N HIS I 136 1.52 -16.28 -16.68
CA HIS I 136 2.43 -17.36 -17.14
C HIS I 136 2.86 -18.38 -16.08
N TYR I 137 2.05 -18.53 -15.05
CA TYR I 137 2.45 -19.32 -13.88
C TYR I 137 2.98 -20.71 -14.22
N SER I 138 2.19 -21.47 -14.96
CA SER I 138 2.57 -22.86 -15.30
C SER I 138 3.76 -22.92 -16.22
N ASP I 139 3.80 -22.04 -17.19
CA ASP I 139 4.92 -22.03 -18.13
C ASP I 139 6.23 -21.75 -17.38
N PHE I 140 6.21 -20.79 -16.45
CA PHE I 140 7.43 -20.34 -15.72
C PHE I 140 7.86 -21.32 -14.65
N LEU I 141 6.91 -22.05 -14.08
CA LEU I 141 7.25 -23.09 -13.15
C LEU I 141 8.05 -24.24 -13.76
N GLU I 142 7.76 -24.57 -15.01
CA GLU I 142 8.41 -25.69 -15.66
C GLU I 142 9.80 -25.31 -16.18
N ARG I 143 10.77 -26.20 -16.06
CA ARG I 143 12.13 -25.96 -16.61
C ARG I 143 12.20 -26.47 -18.03
N MET I 144 12.83 -25.72 -18.91
CA MET I 144 12.83 -26.04 -20.33
C MET I 144 14.00 -26.93 -20.64
N PRO I 145 13.82 -27.81 -21.62
CA PRO I 145 14.89 -28.66 -22.12
C PRO I 145 15.99 -27.79 -22.66
N ARG I 146 17.26 -28.19 -22.52
CA ARG I 146 18.34 -27.28 -22.94
C ARG I 146 18.37 -26.99 -24.44
N GLU I 147 17.79 -27.89 -25.27
CA GLU I 147 17.66 -27.64 -26.72
C GLU I 147 16.79 -26.39 -26.95
N GLU I 148 15.71 -26.23 -26.19
CA GLU I 148 14.90 -25.02 -26.29
C GLU I 148 15.69 -23.75 -25.92
N ALA I 149 16.45 -23.82 -24.85
CA ALA I 149 17.36 -22.74 -24.46
C ALA I 149 18.38 -22.41 -25.56
N THR I 150 18.98 -23.43 -26.15
CA THR I 150 19.77 -23.25 -27.37
C THR I 150 19.00 -22.48 -28.49
N GLU I 151 17.75 -22.82 -28.75
CA GLU I 151 16.97 -22.11 -29.77
C GLU I 151 16.77 -20.64 -29.38
N ILE I 152 16.56 -20.40 -28.07
CA ILE I 152 16.41 -19.02 -27.61
C ILE I 152 17.68 -18.19 -27.76
N GLU I 153 18.83 -18.75 -27.38
CA GLU I 153 20.10 -18.08 -27.60
C GLU I 153 20.32 -17.83 -29.10
N GLN I 154 20.04 -18.81 -29.94
CA GLN I 154 20.21 -18.59 -31.39
C GLN I 154 19.38 -17.40 -31.93
N THR I 155 18.13 -17.31 -31.47
CA THR I 155 17.25 -16.22 -31.86
C THR I 155 17.82 -14.88 -31.46
N VAL I 156 18.31 -14.79 -30.23
CA VAL I 156 18.89 -13.54 -29.79
C VAL I 156 20.14 -13.30 -30.63
N GLN I 157 20.93 -14.35 -30.86
CA GLN I 157 22.20 -14.22 -31.58
C GLN I 157 21.97 -13.81 -33.05
N LYS I 158 20.96 -14.39 -33.72
CA LYS I 158 20.60 -13.93 -35.08
C LYS I 158 20.26 -12.42 -35.12
N ALA I 159 19.37 -11.98 -34.25
CA ALA I 159 19.02 -10.57 -34.24
C ALA I 159 20.23 -9.70 -33.96
N ALA I 160 21.07 -10.08 -33.02
CA ALA I 160 22.22 -9.24 -32.70
C ALA I 160 23.24 -9.12 -33.82
N GLN I 161 23.55 -10.23 -34.47
CA GLN I 161 24.58 -10.22 -35.51
C GLN I 161 24.17 -9.50 -36.79
N ALA I 162 22.87 -9.40 -37.06
CA ALA I 162 22.35 -8.48 -38.07
C ALA I 162 22.83 -7.03 -37.87
N PHE I 163 23.14 -6.62 -36.65
CA PHE I 163 23.60 -5.25 -36.48
C PHE I 163 25.12 -5.14 -36.54
N ASN I 164 25.80 -6.25 -36.27
CA ASN I 164 27.24 -6.26 -36.20
C ASN I 164 27.65 -7.68 -35.95
N SER I 165 28.30 -8.29 -36.93
CA SER I 165 28.48 -9.74 -36.89
C SER I 165 29.65 -10.15 -36.01
N GLY I 166 30.36 -9.19 -35.41
CA GLY I 166 31.35 -9.50 -34.39
C GLY I 166 30.88 -9.47 -32.90
N LEU I 167 29.59 -9.26 -32.66
CA LEU I 167 29.01 -9.42 -31.32
C LEU I 167 29.02 -10.88 -30.80
N LEU I 168 29.52 -11.11 -29.59
CA LEU I 168 29.41 -12.45 -28.95
C LEU I 168 28.19 -12.45 -28.09
N CYS I 169 27.35 -13.44 -28.30
CA CYS I 169 26.23 -13.76 -27.46
C CYS I 169 26.39 -15.13 -26.79
N VAL I 170 26.42 -15.11 -25.46
CA VAL I 170 26.53 -16.29 -24.66
C VAL I 170 25.38 -16.51 -23.69
N ALA I 171 24.68 -17.64 -23.79
CA ALA I 171 23.73 -18.04 -22.80
C ALA I 171 24.47 -18.47 -21.52
N CYS I 172 24.10 -17.92 -20.38
CA CYS I 172 24.70 -18.21 -19.10
C CYS I 172 23.81 -19.04 -18.20
N GLY I 173 23.75 -18.73 -16.89
CA GLY I 173 22.98 -19.53 -15.93
C GLY I 173 23.23 -21.03 -15.98
N SER I 174 22.16 -21.75 -15.68
CA SER I 174 22.16 -23.21 -15.67
C SER I 174 22.49 -23.87 -17.02
N TYR I 175 22.14 -23.22 -18.12
CA TYR I 175 22.57 -23.72 -19.45
C TYR I 175 24.07 -23.87 -19.56
N ARG I 176 24.75 -22.78 -19.22
CA ARG I 176 26.15 -22.75 -19.34
C ARG I 176 26.76 -23.66 -18.27
N ARG I 177 26.04 -24.01 -17.22
CA ARG I 177 26.56 -24.95 -16.22
C ARG I 177 26.25 -26.39 -16.66
N GLY I 178 25.65 -26.54 -17.82
CA GLY I 178 25.57 -27.78 -18.49
C GLY I 178 24.37 -28.57 -18.09
N LYS I 179 23.34 -27.96 -17.55
CA LYS I 179 22.18 -28.73 -17.12
C LYS I 179 21.32 -29.13 -18.33
N ALA I 180 20.56 -30.21 -18.15
CA ALA I 180 19.72 -30.78 -19.20
C ALA I 180 18.39 -30.05 -19.29
N THR I 181 18.03 -29.35 -18.22
CA THR I 181 16.91 -28.41 -18.23
C THR I 181 17.27 -27.09 -17.54
N CYS I 182 16.54 -26.02 -17.88
CA CYS I 182 16.84 -24.67 -17.44
C CYS I 182 15.58 -23.95 -17.03
N GLY I 183 15.64 -23.30 -15.88
CA GLY I 183 14.54 -22.48 -15.41
C GLY I 183 14.32 -21.23 -16.20
N ASP I 184 15.38 -20.65 -16.74
CA ASP I 184 15.31 -19.41 -17.48
C ASP I 184 16.59 -19.30 -18.35
N VAL I 185 16.58 -18.33 -19.26
CA VAL I 185 17.71 -18.12 -20.14
C VAL I 185 18.21 -16.71 -19.97
N ASP I 186 19.53 -16.56 -19.79
CA ASP I 186 20.16 -15.28 -19.59
C ASP I 186 21.17 -15.17 -20.77
N VAL I 187 21.10 -14.14 -21.59
CA VAL I 187 22.01 -14.04 -22.78
C VAL I 187 22.85 -12.81 -22.60
N LEU I 188 24.16 -13.00 -22.52
CA LEU I 188 25.13 -11.97 -22.32
C LEU I 188 25.80 -11.65 -23.63
N ILE I 189 25.96 -10.35 -23.87
CA ILE I 189 26.37 -9.81 -25.15
C ILE I 189 27.45 -8.76 -24.96
N THR I 190 28.50 -8.88 -25.75
CA THR I 190 29.57 -7.91 -25.74
C THR I 190 30.21 -7.88 -27.15
N HIS I 191 31.26 -7.07 -27.29
CA HIS I 191 32.02 -7.00 -28.56
C HIS I 191 33.50 -6.83 -28.22
N PRO I 192 34.39 -7.75 -28.73
CA PRO I 192 35.83 -7.77 -28.39
C PRO I 192 36.56 -6.48 -28.70
N ASP I 193 35.98 -5.62 -29.53
CA ASP I 193 36.61 -4.32 -29.81
C ASP I 193 36.44 -3.31 -28.70
N GLY I 194 35.65 -3.62 -27.68
CA GLY I 194 35.45 -2.73 -26.53
C GLY I 194 34.59 -1.47 -26.69
N ARG I 195 33.94 -1.29 -27.83
CA ARG I 195 33.15 -0.05 -28.10
C ARG I 195 31.84 -0.30 -28.88
N SER I 196 31.85 -1.29 -29.75
CA SER I 196 30.76 -1.55 -30.67
C SER I 196 29.48 -2.22 -30.06
N HIS I 197 29.54 -2.58 -28.78
CA HIS I 197 28.35 -2.99 -28.04
C HIS I 197 27.39 -1.83 -27.82
N ARG I 198 27.87 -0.58 -27.83
CA ARG I 198 27.01 0.56 -27.52
C ARG I 198 25.95 0.78 -28.58
N GLY I 199 24.78 1.19 -28.15
CA GLY I 199 23.64 1.44 -29.05
C GLY I 199 22.92 0.18 -29.48
N ILE I 200 23.49 -0.97 -29.17
CA ILE I 200 22.87 -2.22 -29.58
C ILE I 200 21.61 -2.58 -28.77
N PHE I 201 21.59 -2.19 -27.50
CA PHE I 201 20.59 -2.74 -26.57
C PHE I 201 19.18 -2.47 -27.09
N SER I 202 18.86 -1.19 -27.27
CA SER I 202 17.49 -0.82 -27.63
C SER I 202 17.05 -1.28 -29.03
N ARG I 203 17.99 -1.27 -29.96
CA ARG I 203 17.67 -1.73 -31.30
C ARG I 203 17.43 -3.22 -31.31
N LEU I 204 18.27 -3.94 -30.57
CA LEU I 204 18.07 -5.40 -30.45
C LEU I 204 16.68 -5.76 -29.96
N LEU I 205 16.26 -5.07 -28.92
CA LEU I 205 14.99 -5.38 -28.30
C LEU I 205 13.88 -5.01 -29.27
N ASP I 206 14.00 -3.88 -29.99
CA ASP I 206 12.96 -3.49 -30.98
C ASP I 206 12.78 -4.56 -32.04
N SER I 207 13.91 -4.98 -32.57
CA SER I 207 13.95 -6.03 -33.53
C SER I 207 13.28 -7.29 -32.97
N LEU I 208 13.64 -7.69 -31.74
CA LEU I 208 12.98 -8.87 -31.16
C LEU I 208 11.51 -8.65 -30.84
N ARG I 209 11.14 -7.43 -30.50
CA ARG I 209 9.71 -7.07 -30.35
C ARG I 209 9.03 -7.27 -31.68
N GLN I 210 9.62 -6.73 -32.74
CA GLN I 210 8.85 -6.66 -33.97
C GLN I 210 8.67 -7.98 -34.67
N GLU I 211 9.53 -8.97 -34.41
CA GLU I 211 9.28 -10.34 -34.90
C GLU I 211 8.35 -11.17 -33.99
N GLY I 212 7.74 -10.57 -32.95
CA GLY I 212 6.92 -11.34 -31.99
C GLY I 212 7.61 -12.24 -30.94
N PHE I 213 8.95 -12.21 -30.87
CA PHE I 213 9.67 -13.12 -29.95
C PHE I 213 9.45 -12.71 -28.48
N LEU I 214 9.66 -11.43 -28.17
CA LEU I 214 9.38 -10.90 -26.84
C LEU I 214 7.89 -10.60 -26.70
N THR I 215 7.22 -11.28 -25.79
CA THR I 215 5.76 -11.14 -25.63
C THR I 215 5.33 -10.26 -24.47
N ASP I 216 6.15 -10.08 -23.43
CA ASP I 216 5.88 -9.12 -22.33
C ASP I 216 7.22 -8.66 -21.81
N ASP I 217 7.25 -7.52 -21.13
CA ASP I 217 8.43 -7.00 -20.48
C ASP I 217 8.18 -7.03 -19.00
N LEU I 218 9.17 -7.38 -18.20
CA LEU I 218 9.10 -7.26 -16.76
C LEU I 218 9.89 -6.06 -16.28
N VAL I 219 11.10 -5.93 -16.79
CA VAL I 219 11.84 -4.68 -16.70
C VAL I 219 12.43 -4.38 -18.06
N SER I 220 11.89 -3.37 -18.73
CA SER I 220 12.26 -3.07 -20.13
C SER I 220 13.69 -2.63 -20.26
N GLN I 221 14.15 -1.89 -19.27
CA GLN I 221 15.49 -1.45 -19.29
C GLN I 221 15.94 -1.07 -17.92
N GLU I 222 17.10 -1.60 -17.60
CA GLU I 222 17.75 -1.32 -16.36
C GLU I 222 19.25 -1.05 -16.62
N GLU I 223 19.79 0.00 -16.00
CA GLU I 223 21.18 0.33 -16.22
C GLU I 223 21.97 0.29 -14.95
N ASN I 224 23.03 -0.48 -14.98
CA ASN I 224 23.90 -0.68 -13.83
C ASN I 224 25.32 -0.46 -14.35
N GLY I 225 25.88 0.68 -13.97
CA GLY I 225 27.11 1.19 -14.58
C GLY I 225 26.91 1.23 -16.10
N GLN I 226 27.81 0.58 -16.80
CA GLN I 226 27.78 0.48 -18.26
C GLN I 226 27.03 -0.79 -18.77
N GLN I 227 26.36 -1.53 -17.89
CA GLN I 227 25.62 -2.72 -18.32
C GLN I 227 24.18 -2.35 -18.53
N GLN I 228 23.52 -2.90 -19.54
CA GLN I 228 22.10 -2.64 -19.76
C GLN I 228 21.44 -4.00 -19.75
N LYS I 229 20.28 -4.09 -19.11
CA LYS I 229 19.66 -5.37 -18.85
C LYS I 229 18.18 -5.21 -19.10
N TYR I 230 17.63 -6.17 -19.83
CA TYR I 230 16.25 -6.42 -20.07
C TYR I 230 15.88 -7.71 -19.36
N LEU I 231 14.72 -7.70 -18.71
CA LEU I 231 14.11 -8.83 -18.09
C LEU I 231 12.74 -8.98 -18.68
N GLY I 232 12.41 -10.12 -19.27
CA GLY I 232 11.11 -10.26 -19.96
C GLY I 232 10.79 -11.69 -20.26
N VAL I 233 10.00 -11.88 -21.30
CA VAL I 233 9.33 -13.10 -21.55
C VAL I 233 9.36 -13.33 -23.03
N CYS I 234 9.65 -14.57 -23.45
CA CYS I 234 9.77 -14.88 -24.87
C CYS I 234 9.04 -16.17 -25.11
N ARG I 235 8.71 -16.41 -26.38
CA ARG I 235 8.09 -17.64 -26.83
C ARG I 235 8.59 -17.89 -28.23
N LEU I 236 9.14 -19.07 -28.49
CA LEU I 236 9.67 -19.39 -29.82
C LEU I 236 8.51 -19.54 -30.80
N PRO I 237 8.76 -19.30 -32.10
CA PRO I 237 7.64 -19.24 -33.05
C PRO I 237 7.11 -20.64 -33.33
N GLY I 238 5.87 -20.72 -33.79
CA GLY I 238 5.23 -21.99 -34.13
C GLY I 238 4.35 -22.54 -33.01
N PRO I 239 3.68 -23.68 -33.27
CA PRO I 239 2.73 -24.31 -32.33
C PRO I 239 3.39 -25.02 -31.17
N GLY I 240 2.64 -25.24 -30.09
CA GLY I 240 3.11 -25.99 -28.90
C GLY I 240 4.12 -25.30 -27.99
N ARG I 241 4.40 -24.03 -28.25
CA ARG I 241 5.49 -23.34 -27.57
C ARG I 241 5.07 -22.53 -26.36
N ARG I 242 5.81 -22.76 -25.29
CA ARG I 242 5.57 -22.07 -24.06
C ARG I 242 6.30 -20.74 -23.93
N HIS I 243 5.81 -19.93 -23.02
CA HIS I 243 6.46 -18.68 -22.65
C HIS I 243 7.58 -18.96 -21.67
N ARG I 244 8.73 -18.32 -21.89
CA ARG I 244 9.88 -18.58 -21.06
C ARG I 244 10.46 -17.28 -20.62
N ARG I 245 11.08 -17.29 -19.44
CA ARG I 245 11.80 -16.11 -18.93
C ARG I 245 13.13 -15.93 -19.66
N LEU I 246 13.35 -14.74 -20.16
CA LEU I 246 14.57 -14.39 -20.87
C LEU I 246 15.12 -13.11 -20.26
N ASP I 247 16.40 -13.08 -20.00
CA ASP I 247 17.08 -11.82 -19.69
C ASP I 247 18.10 -11.61 -20.80
N ILE I 248 18.35 -10.34 -21.16
CA ILE I 248 19.40 -9.98 -22.09
C ILE I 248 20.28 -8.94 -21.50
N ILE I 249 21.58 -9.14 -21.51
CA ILE I 249 22.47 -8.21 -20.84
C ILE I 249 23.60 -7.80 -21.80
N VAL I 250 23.80 -6.50 -21.96
CA VAL I 250 24.83 -5.98 -22.86
C VAL I 250 25.83 -5.28 -21.99
N VAL I 251 27.08 -5.77 -22.06
CA VAL I 251 28.22 -5.26 -21.28
C VAL I 251 29.47 -4.88 -22.18
N PRO I 252 30.25 -3.90 -21.73
CA PRO I 252 31.55 -3.67 -22.42
C PRO I 252 32.50 -4.86 -22.25
N TYR I 253 33.32 -5.08 -23.26
CA TYR I 253 34.23 -6.22 -23.29
C TYR I 253 35.11 -6.30 -22.06
N SER I 254 35.53 -5.15 -21.55
CA SER I 254 36.36 -5.11 -20.36
C SER I 254 35.75 -5.78 -19.08
N GLU I 255 34.43 -5.99 -19.06
CA GLU I 255 33.73 -6.57 -17.91
C GLU I 255 33.25 -8.00 -18.18
N PHE I 256 33.52 -8.49 -19.38
CA PHE I 256 32.92 -9.69 -19.89
C PHE I 256 33.25 -10.85 -18.96
N ALA I 257 34.46 -10.87 -18.44
CA ALA I 257 34.84 -11.96 -17.58
C ALA I 257 34.01 -11.94 -16.29
N CYS I 258 33.89 -10.78 -15.68
CA CYS I 258 33.20 -10.70 -14.43
C CYS I 258 31.70 -10.89 -14.63
N ALA I 259 31.21 -10.40 -15.75
CA ALA I 259 29.81 -10.66 -16.08
C ALA I 259 29.50 -12.14 -16.34
N LEU I 260 30.34 -12.85 -17.06
CA LEU I 260 30.12 -14.29 -17.32
C LEU I 260 30.01 -15.02 -16.03
N LEU I 261 30.92 -14.66 -15.15
CA LEU I 261 31.05 -15.29 -13.84
C LEU I 261 29.74 -15.08 -13.04
N TYR I 262 29.39 -13.82 -12.88
CA TYR I 262 28.15 -13.42 -12.14
C TYR I 262 26.94 -14.10 -12.77
N PHE I 263 26.77 -13.98 -14.07
CA PHE I 263 25.54 -14.56 -14.68
C PHE I 263 25.59 -16.03 -14.89
N THR I 264 26.76 -16.65 -14.82
CA THR I 264 26.78 -18.14 -14.79
C THR I 264 26.40 -18.72 -13.46
N GLY I 265 26.71 -18.00 -12.38
CA GLY I 265 26.37 -18.48 -11.08
C GLY I 265 27.05 -19.80 -10.76
N SER I 266 26.44 -20.66 -9.95
CA SER I 266 25.14 -20.49 -9.33
C SER I 266 25.21 -19.33 -8.34
N ALA I 267 24.06 -18.99 -7.77
CA ALA I 267 23.99 -17.88 -6.80
C ALA I 267 24.83 -18.22 -5.56
N HIS I 268 24.83 -19.48 -5.15
CA HIS I 268 25.66 -19.90 -4.00
C HIS I 268 27.13 -19.75 -4.33
N PHE I 269 27.48 -20.11 -5.54
CA PHE I 269 28.85 -20.02 -5.94
C PHE I 269 29.26 -18.57 -5.94
N ASN I 270 28.42 -17.67 -6.46
CA ASN I 270 28.80 -16.26 -6.41
C ASN I 270 28.96 -15.75 -4.93
N ARG I 271 28.12 -16.25 -4.01
CA ARG I 271 28.14 -15.76 -2.60
C ARG I 271 29.45 -16.15 -1.97
N SER I 272 29.80 -17.43 -2.16
CA SER I 272 31.11 -17.96 -1.78
C SER I 272 32.29 -17.21 -2.38
N MET I 273 32.17 -16.75 -3.62
CA MET I 273 33.26 -16.02 -4.26
C MET I 273 33.38 -14.61 -3.73
N ARG I 274 32.25 -13.95 -3.57
CA ARG I 274 32.23 -12.65 -2.91
C ARG I 274 32.78 -12.77 -1.48
N ALA I 275 32.50 -13.88 -0.78
CA ALA I 275 33.02 -14.08 0.59
C ALA I 275 34.52 -14.12 0.50
N LEU I 276 35.03 -15.10 -0.23
CA LEU I 276 36.46 -15.26 -0.45
C LEU I 276 37.13 -13.93 -0.76
N ALA I 277 36.65 -13.23 -1.75
CA ALA I 277 37.23 -11.95 -2.13
C ALA I 277 37.32 -10.99 -0.93
N LYS I 278 36.30 -11.00 -0.11
CA LYS I 278 36.28 -10.14 1.07
C LYS I 278 37.40 -10.53 2.09
N THR I 279 37.60 -11.83 2.33
CA THR I 279 38.68 -12.31 3.19
C THR I 279 40.05 -11.99 2.60
N LYS I 280 40.10 -11.24 1.51
CA LYS I 280 41.38 -10.88 0.92
C LYS I 280 41.44 -9.42 0.61
N GLY I 281 40.55 -8.64 1.21
CA GLY I 281 40.48 -7.22 0.94
C GLY I 281 40.00 -6.81 -0.45
N MET I 282 39.26 -7.66 -1.14
CA MET I 282 38.75 -7.33 -2.48
C MET I 282 37.24 -7.45 -2.52
N SER I 283 36.60 -6.72 -3.45
CA SER I 283 35.17 -6.95 -3.82
C SER I 283 34.98 -7.42 -5.27
N LEU I 284 34.15 -8.45 -5.40
CA LEU I 284 33.79 -9.01 -6.67
C LEU I 284 32.34 -8.70 -7.00
N SER I 285 32.15 -7.92 -8.07
CA SER I 285 30.83 -7.59 -8.61
C SER I 285 30.66 -8.14 -10.03
N GLU I 286 29.52 -7.84 -10.61
CA GLU I 286 29.22 -8.21 -11.99
C GLU I 286 30.00 -7.38 -12.98
N HIS I 287 30.60 -6.28 -12.50
CA HIS I 287 31.48 -5.40 -13.26
C HIS I 287 32.98 -5.78 -13.18
N ALA I 288 33.46 -6.22 -12.01
CA ALA I 288 34.90 -6.18 -11.72
C ALA I 288 35.30 -6.83 -10.42
N LEU I 289 36.53 -7.35 -10.40
CA LEU I 289 37.24 -7.66 -9.18
C LEU I 289 38.04 -6.43 -8.81
N SER I 290 37.66 -5.77 -7.72
CA SER I 290 38.35 -4.54 -7.28
C SER I 290 39.10 -4.69 -5.93
N THR I 291 40.12 -3.84 -5.73
CA THR I 291 40.78 -3.75 -4.41
C THR I 291 40.00 -2.79 -3.51
N ALA I 292 40.11 -3.01 -2.21
CA ALA I 292 39.37 -2.33 -1.13
C ALA I 292 38.99 -0.86 -1.37
N VAL I 293 37.83 -0.49 -0.84
CA VAL I 293 37.35 0.88 -0.95
C VAL I 293 38.42 1.88 -0.48
N VAL I 294 38.71 2.88 -1.31
CA VAL I 294 39.59 4.01 -0.89
C VAL I 294 38.99 4.84 0.26
N CYS I 300 35.15 8.91 5.98
CA CYS I 300 36.56 8.67 5.67
C CYS I 300 36.75 7.97 4.29
N LYS I 301 35.71 7.26 3.85
CA LYS I 301 35.81 6.35 2.71
C LYS I 301 35.25 6.97 1.48
N VAL I 302 36.14 7.57 0.69
CA VAL I 302 35.77 8.42 -0.42
C VAL I 302 35.77 7.65 -1.74
N GLY I 303 36.84 6.92 -2.02
CA GLY I 303 37.03 6.35 -3.36
C GLY I 303 36.46 4.95 -3.59
N PRO I 304 36.12 4.61 -4.86
CA PRO I 304 35.52 3.31 -5.13
C PRO I 304 36.46 2.10 -5.00
N GLY I 305 37.78 2.30 -5.07
CA GLY I 305 38.72 1.17 -5.02
C GLY I 305 39.06 0.75 -6.43
N ARG I 306 40.24 0.20 -6.64
CA ARG I 306 40.74 0.11 -8.00
C ARG I 306 40.46 -1.23 -8.66
N VAL I 307 40.19 -1.19 -9.96
CA VAL I 307 39.76 -2.36 -10.71
C VAL I 307 40.92 -3.22 -11.21
N LEU I 308 41.01 -4.46 -10.72
CA LEU I 308 42.02 -5.39 -11.17
C LEU I 308 41.67 -5.90 -12.57
N PRO I 309 42.62 -5.84 -13.51
CA PRO I 309 42.23 -6.19 -14.88
C PRO I 309 41.97 -7.69 -14.97
N THR I 310 40.87 -8.10 -15.60
CA THR I 310 40.52 -9.54 -15.64
C THR I 310 39.98 -9.99 -17.03
N PRO I 311 40.89 -10.21 -18.00
CA PRO I 311 40.48 -10.58 -19.38
C PRO I 311 39.64 -11.84 -19.44
N THR I 312 39.89 -12.82 -18.55
CA THR I 312 39.16 -14.10 -18.52
C THR I 312 38.74 -14.59 -17.12
N GLU I 313 37.77 -15.47 -17.09
CA GLU I 313 37.30 -16.04 -15.84
C GLU I 313 38.51 -16.61 -15.07
N LYS I 314 39.40 -17.32 -15.79
CA LYS I 314 40.66 -17.87 -15.21
C LYS I 314 41.45 -16.88 -14.35
N ASP I 315 41.59 -15.65 -14.81
CA ASP I 315 42.22 -14.63 -14.02
C ASP I 315 41.54 -14.34 -12.71
N VAL I 316 40.20 -14.36 -12.69
CA VAL I 316 39.49 -13.99 -11.47
C VAL I 316 39.78 -15.05 -10.43
N PHE I 317 39.72 -16.31 -10.85
CA PHE I 317 39.92 -17.43 -9.97
C PHE I 317 41.34 -17.39 -9.42
N ARG I 318 42.27 -16.97 -10.29
CA ARG I 318 43.68 -16.89 -9.99
C ARG I 318 43.90 -15.89 -8.91
N LEU I 319 43.42 -14.65 -9.08
CA LEU I 319 43.65 -13.62 -8.09
C LEU I 319 42.97 -13.90 -6.75
N LEU I 320 42.08 -14.88 -6.67
CA LEU I 320 41.51 -15.25 -5.40
C LEU I 320 42.18 -16.52 -4.89
N GLY I 321 43.32 -16.88 -5.45
CA GLY I 321 44.01 -18.07 -4.99
C GLY I 321 43.27 -19.35 -5.20
N LEU I 322 42.46 -19.44 -6.25
CA LEU I 322 41.67 -20.65 -6.46
C LEU I 322 42.03 -21.22 -7.82
N PRO I 323 41.95 -22.55 -7.95
CA PRO I 323 41.91 -23.14 -9.28
C PRO I 323 40.61 -22.79 -10.06
N TYR I 324 40.72 -22.63 -11.38
CA TYR I 324 39.57 -22.49 -12.25
C TYR I 324 38.55 -23.61 -12.08
N ARG I 325 37.27 -23.24 -11.98
CA ARG I 325 36.18 -24.22 -11.94
C ARG I 325 35.43 -24.15 -13.25
N GLU I 326 35.20 -25.32 -13.84
CA GLU I 326 34.44 -25.42 -15.09
C GLU I 326 33.00 -25.09 -14.78
N PRO I 327 32.35 -24.30 -15.65
CA PRO I 327 30.99 -23.93 -15.36
C PRO I 327 30.15 -25.07 -14.81
N ALA I 328 30.30 -26.27 -15.38
CA ALA I 328 29.56 -27.48 -14.89
C ALA I 328 29.75 -27.85 -13.39
N GLU I 329 30.77 -27.28 -12.77
CA GLU I 329 31.08 -27.57 -11.40
C GLU I 329 30.89 -26.35 -10.50
N ARG I 330 30.18 -25.32 -10.96
CA ARG I 330 29.91 -24.15 -10.12
C ARG I 330 28.55 -24.19 -9.44
N ASP I 331 28.11 -25.38 -9.06
CA ASP I 331 26.88 -25.48 -8.29
C ASP I 331 27.11 -25.00 -6.89
N TRP I 332 28.23 -25.42 -6.29
CA TRP I 332 28.62 -24.93 -4.97
C TRP I 332 30.14 -24.86 -4.99
N LEU I 333 30.73 -23.89 -4.30
CA LEU I 333 32.21 -23.76 -4.25
C LEU I 333 32.90 -24.76 -3.31
N GLU I 334 32.27 -24.99 -2.16
CA GLU I 334 32.86 -25.83 -1.11
C GLU I 334 32.77 -27.31 -1.51
N HIS I 335 31.98 -27.64 -2.52
CA HIS I 335 31.90 -29.00 -3.11
C HIS I 335 32.99 -29.24 -4.21
N HIS I 336 34.01 -30.06 -3.90
CA HIS I 336 35.30 -30.10 -4.67
C HIS I 336 35.39 -31.09 -5.85
N HIS I 337 34.40 -31.98 -5.97
CA HIS I 337 34.25 -32.95 -7.07
C HIS I 337 35.22 -34.15 -7.07
N HIS I 338 36.49 -33.92 -6.70
CA HIS I 338 37.24 -34.89 -5.84
C HIS I 338 38.55 -34.29 -5.34
N ALA M 6 -16.92 -40.07 25.08
CA ALA M 6 -17.95 -39.64 26.07
C ALA M 6 -18.42 -40.86 26.86
N THR M 7 -18.58 -40.68 28.17
CA THR M 7 -19.32 -41.63 29.01
C THR M 7 -20.00 -40.86 30.18
N ASN M 8 -19.21 -40.44 31.17
CA ASN M 8 -19.68 -39.60 32.29
C ASN M 8 -19.47 -40.31 33.60
N HIS M 9 -18.32 -40.10 34.22
CA HIS M 9 -18.09 -40.66 35.54
C HIS M 9 -18.92 -39.99 36.66
N ASN M 10 -19.76 -39.02 36.31
CA ASN M 10 -20.53 -38.23 37.29
C ASN M 10 -22.01 -38.11 36.93
N LEU M 11 -22.59 -39.11 36.23
CA LEU M 11 -24.06 -39.16 35.99
C LEU M 11 -24.91 -39.06 37.30
N HIS M 12 -24.42 -39.65 38.38
CA HIS M 12 -25.14 -39.60 39.67
C HIS M 12 -25.34 -38.18 40.22
N ILE M 13 -24.50 -37.28 39.77
CA ILE M 13 -24.57 -35.90 40.15
C ILE M 13 -25.38 -35.14 39.10
N THR M 14 -25.12 -35.38 37.82
CA THR M 14 -25.77 -34.56 36.81
C THR M 14 -27.24 -34.78 36.70
N GLU M 15 -27.71 -36.00 36.91
CA GLU M 15 -29.15 -36.18 36.79
C GLU M 15 -29.90 -35.35 37.82
N LYS M 16 -29.29 -35.11 39.00
CA LYS M 16 -29.98 -34.26 40.02
C LYS M 16 -29.84 -32.77 39.65
N LEU M 17 -28.68 -32.32 39.19
CA LEU M 17 -28.57 -30.86 38.91
C LEU M 17 -29.42 -30.41 37.76
N GLU M 18 -29.59 -31.30 36.78
CA GLU M 18 -30.44 -31.03 35.62
C GLU M 18 -31.87 -30.76 36.05
N VAL M 19 -32.32 -31.38 37.14
CA VAL M 19 -33.69 -31.09 37.61
C VAL M 19 -33.75 -29.69 38.20
N LEU M 20 -32.74 -29.34 38.96
CA LEU M 20 -32.68 -28.01 39.54
C LEU M 20 -32.52 -26.95 38.44
N ALA M 21 -31.75 -27.26 37.41
CA ALA M 21 -31.53 -26.29 36.32
C ALA M 21 -32.82 -25.97 35.60
N LYS M 22 -33.53 -27.03 35.25
CA LYS M 22 -34.79 -26.89 34.56
C LYS M 22 -35.77 -26.09 35.39
N ALA M 23 -35.75 -26.24 36.71
CA ALA M 23 -36.67 -25.48 37.55
C ALA M 23 -36.40 -23.98 37.41
N TYR M 24 -35.12 -23.62 37.48
CA TYR M 24 -34.74 -22.22 37.45
C TYR M 24 -35.01 -21.64 36.05
N SER M 25 -34.79 -22.45 35.02
CA SER M 25 -35.01 -22.01 33.65
C SER M 25 -36.47 -21.65 33.41
N VAL M 26 -37.39 -22.56 33.73
CA VAL M 26 -38.81 -22.34 33.48
C VAL M 26 -39.37 -21.29 34.37
N GLN M 27 -38.70 -20.98 35.48
CA GLN M 27 -39.16 -19.88 36.38
C GLN M 27 -38.69 -18.49 35.94
N GLY M 28 -37.73 -18.46 35.00
CA GLY M 28 -37.25 -17.22 34.41
C GLY M 28 -35.87 -16.75 34.87
N ASP M 29 -35.12 -17.61 35.53
CA ASP M 29 -33.82 -17.19 36.07
C ASP M 29 -32.74 -17.70 35.13
N LYS M 30 -32.60 -17.05 33.98
CA LYS M 30 -31.81 -17.67 32.86
C LYS M 30 -30.34 -17.74 33.14
N TRP M 31 -29.81 -16.71 33.80
CA TRP M 31 -28.34 -16.67 34.02
C TRP M 31 -27.97 -17.76 35.03
N ARG M 32 -28.82 -17.89 36.03
CA ARG M 32 -28.67 -18.95 37.00
C ARG M 32 -28.77 -20.27 36.31
N ALA M 33 -29.82 -20.45 35.55
CA ALA M 33 -29.96 -21.67 34.73
C ALA M 33 -28.77 -21.92 33.85
N LEU M 34 -28.29 -20.87 33.23
CA LEU M 34 -27.11 -21.03 32.38
C LEU M 34 -25.91 -21.52 33.18
N GLY M 35 -25.72 -20.98 34.37
CA GLY M 35 -24.57 -21.41 35.19
C GLY M 35 -24.71 -22.87 35.55
N TYR M 36 -25.96 -23.32 35.76
CA TYR M 36 -26.13 -24.75 36.05
C TYR M 36 -25.79 -25.54 34.79
N ALA M 37 -26.48 -25.20 33.69
CA ALA M 37 -26.25 -25.90 32.39
C ALA M 37 -24.74 -26.05 32.13
N LYS M 38 -24.03 -24.95 32.31
CA LYS M 38 -22.58 -24.90 32.12
C LYS M 38 -21.87 -25.88 33.03
N ALA M 39 -22.26 -25.96 34.31
CA ALA M 39 -21.49 -26.80 35.24
C ALA M 39 -21.71 -28.31 34.99
N ILE M 40 -22.88 -28.63 34.45
CA ILE M 40 -23.24 -29.99 34.07
C ILE M 40 -22.22 -30.55 33.02
N ASN M 41 -21.75 -29.67 32.14
CA ASN M 41 -20.73 -30.05 31.12
C ASN M 41 -19.38 -30.37 31.75
N ALA M 42 -18.94 -29.53 32.65
CA ALA M 42 -17.65 -29.80 33.24
C ALA M 42 -17.67 -31.20 33.92
N LEU M 43 -18.81 -31.52 34.55
CA LEU M 43 -18.94 -32.78 35.30
C LEU M 43 -18.99 -33.94 34.34
N LYS M 44 -19.85 -33.77 33.33
CA LYS M 44 -19.96 -34.73 32.29
C LYS M 44 -18.63 -35.27 31.85
N SER M 45 -17.75 -34.40 31.33
CA SER M 45 -16.51 -34.86 30.71
C SER M 45 -15.29 -34.90 31.67
N PHE M 46 -15.42 -34.53 32.91
CA PHE M 46 -14.29 -34.76 33.77
C PHE M 46 -13.69 -36.24 33.66
N HIS M 47 -12.37 -36.35 33.64
CA HIS M 47 -11.70 -37.62 33.33
C HIS M 47 -11.89 -38.69 34.42
N LYS M 48 -12.86 -38.49 35.28
CA LYS M 48 -12.73 -38.95 36.63
C LYS M 48 -14.06 -38.69 37.31
N PRO M 49 -14.43 -39.55 38.26
CA PRO M 49 -15.53 -39.11 39.10
C PRO M 49 -14.96 -38.10 40.11
N VAL M 50 -15.74 -37.06 40.36
CA VAL M 50 -15.32 -36.07 41.32
C VAL M 50 -15.45 -36.70 42.68
N THR M 51 -14.38 -36.66 43.47
CA THR M 51 -14.35 -37.23 44.79
C THR M 51 -14.02 -36.25 45.93
N SER M 52 -13.93 -34.96 45.67
CA SER M 52 -13.60 -34.03 46.79
C SER M 52 -14.13 -32.65 46.49
N TYR M 53 -14.33 -31.86 47.53
CA TYR M 53 -14.74 -30.46 47.30
C TYR M 53 -13.58 -29.71 46.65
N GLN M 54 -12.38 -29.85 47.23
CA GLN M 54 -11.20 -29.16 46.68
C GLN M 54 -11.05 -29.45 45.23
N GLU M 55 -11.20 -30.72 44.89
CA GLU M 55 -11.20 -31.14 43.49
C GLU M 55 -12.33 -30.53 42.69
N ALA M 56 -13.55 -30.61 43.22
CA ALA M 56 -14.70 -30.05 42.50
C ALA M 56 -14.54 -28.53 42.14
N CYS M 57 -14.02 -27.73 43.06
CA CYS M 57 -13.80 -26.26 42.80
C CYS M 57 -12.76 -25.96 41.73
N SER M 58 -11.64 -26.65 41.89
CA SER M 58 -10.53 -26.56 40.98
C SER M 58 -10.90 -26.91 39.56
N ILE M 59 -12.18 -27.09 39.22
CA ILE M 59 -12.56 -27.24 37.82
C ILE M 59 -13.46 -26.10 37.39
N PRO M 60 -13.40 -25.66 36.11
CA PRO M 60 -13.99 -24.38 35.76
C PRO M 60 -15.42 -24.38 35.34
N GLY M 61 -16.20 -23.53 36.02
CA GLY M 61 -17.66 -23.44 35.83
C GLY M 61 -18.41 -23.98 37.07
N ILE M 62 -17.63 -24.46 38.03
CA ILE M 62 -18.09 -24.92 39.31
C ILE M 62 -17.36 -24.14 40.39
N GLY M 63 -18.13 -23.41 41.20
CA GLY M 63 -17.64 -22.63 42.33
C GLY M 63 -18.06 -23.27 43.65
N LYS M 64 -17.99 -22.48 44.71
CA LYS M 64 -18.38 -22.91 46.03
C LYS M 64 -19.82 -23.49 46.05
N ARG M 65 -20.78 -22.78 45.49
CA ARG M 65 -22.19 -23.19 45.60
C ARG M 65 -22.40 -24.55 44.93
N MET M 66 -21.91 -24.66 43.69
CA MET M 66 -22.07 -25.86 42.91
C MET M 66 -21.28 -26.99 43.57
N ALA M 67 -20.11 -26.72 44.15
CA ALA M 67 -19.40 -27.81 44.82
C ALA M 67 -20.11 -28.31 46.08
N GLU M 68 -20.74 -27.41 46.80
CA GLU M 68 -21.51 -27.77 47.99
C GLU M 68 -22.58 -28.80 47.63
N LYS M 69 -23.28 -28.53 46.55
CA LYS M 69 -24.28 -29.46 46.00
C LYS M 69 -23.68 -30.79 45.58
N ILE M 70 -22.55 -30.75 44.93
CA ILE M 70 -21.91 -32.00 44.56
C ILE M 70 -21.62 -32.84 45.75
N ILE M 71 -21.09 -32.21 46.78
CA ILE M 71 -20.65 -32.93 47.96
C ILE M 71 -21.86 -33.46 48.76
N GLU M 72 -22.94 -32.72 48.79
CA GLU M 72 -24.13 -33.24 49.42
C GLU M 72 -24.58 -34.53 48.71
N ILE M 73 -24.70 -34.45 47.37
CA ILE M 73 -25.03 -35.64 46.58
C ILE M 73 -24.11 -36.82 46.89
N LEU M 74 -22.82 -36.57 46.93
CA LEU M 74 -21.90 -37.66 47.26
C LEU M 74 -22.08 -38.18 48.64
N GLU M 75 -22.35 -37.31 49.60
CA GLU M 75 -22.53 -37.74 50.98
C GLU M 75 -23.84 -38.49 51.20
N SER M 76 -24.93 -37.95 50.64
CA SER M 76 -26.27 -38.40 50.96
C SER M 76 -27.04 -39.19 49.86
N GLY M 77 -26.64 -39.08 48.61
CA GLY M 77 -27.43 -39.56 47.49
C GLY M 77 -28.57 -38.62 47.12
N HIS M 78 -28.70 -37.50 47.81
CA HIS M 78 -29.84 -36.64 47.54
C HIS M 78 -29.43 -35.17 47.55
N LEU M 79 -30.28 -34.32 47.03
CA LEU M 79 -30.09 -32.87 47.08
C LEU M 79 -31.40 -32.39 47.65
N ARG M 80 -31.35 -31.92 48.90
CA ARG M 80 -32.59 -31.55 49.61
C ARG M 80 -33.35 -30.44 48.88
N LYS M 81 -32.67 -29.61 48.12
CA LYS M 81 -33.33 -28.54 47.39
C LYS M 81 -34.40 -29.08 46.40
N LEU M 82 -34.20 -30.32 45.93
CA LEU M 82 -35.14 -30.93 45.00
C LEU M 82 -36.47 -31.22 45.64
N ASP M 83 -36.53 -31.10 46.97
CA ASP M 83 -37.75 -31.35 47.75
C ASP M 83 -38.51 -30.07 47.97
N HIS M 84 -38.03 -28.94 47.44
CA HIS M 84 -38.71 -27.69 47.70
C HIS M 84 -38.90 -26.88 46.45
N ILE M 85 -38.97 -27.52 45.28
CA ILE M 85 -39.25 -26.78 44.05
C ILE M 85 -40.73 -26.45 44.01
N SER M 86 -41.09 -25.19 43.81
CA SER M 86 -42.48 -24.80 43.63
C SER M 86 -43.38 -25.79 42.88
N GLU M 87 -44.63 -25.81 43.32
CA GLU M 87 -45.69 -26.61 42.74
C GLU M 87 -45.88 -26.27 41.27
N SER M 88 -45.75 -24.99 40.92
CA SER M 88 -46.02 -24.52 39.56
C SER M 88 -45.07 -25.11 38.50
N VAL M 89 -43.94 -25.72 38.89
CA VAL M 89 -42.86 -25.95 37.92
C VAL M 89 -43.25 -26.90 36.80
N PRO M 90 -43.93 -28.00 37.12
CA PRO M 90 -44.32 -28.83 35.97
C PRO M 90 -45.20 -28.07 34.95
N VAL M 91 -46.04 -27.14 35.43
CA VAL M 91 -46.98 -26.45 34.54
C VAL M 91 -46.21 -25.46 33.67
N LEU M 92 -45.41 -24.62 34.31
CA LEU M 92 -44.57 -23.69 33.63
C LEU M 92 -43.68 -24.39 32.59
N GLU M 93 -43.13 -25.55 32.90
CA GLU M 93 -42.41 -26.34 31.90
C GLU M 93 -43.30 -26.78 30.72
N LEU M 94 -44.52 -27.12 31.00
CA LEU M 94 -45.44 -27.51 29.93
C LEU M 94 -45.69 -26.31 28.98
N PHE M 95 -45.96 -25.15 29.54
CA PHE M 95 -46.29 -23.98 28.75
C PHE M 95 -45.08 -23.46 27.97
N SER M 96 -43.90 -23.47 28.59
CA SER M 96 -42.69 -22.99 27.94
C SER M 96 -42.13 -23.97 26.97
N ASN M 97 -42.56 -25.22 26.99
CA ASN M 97 -42.17 -26.13 25.92
C ASN M 97 -42.90 -25.84 24.58
N ILE M 98 -43.77 -24.85 24.59
CA ILE M 98 -44.43 -24.40 23.36
C ILE M 98 -43.41 -23.48 22.67
N TRP M 99 -43.15 -23.75 21.40
CA TRP M 99 -42.27 -22.84 20.62
C TRP M 99 -42.89 -21.46 20.52
N GLY M 100 -42.14 -20.45 20.91
CA GLY M 100 -42.57 -19.06 20.87
C GLY M 100 -43.14 -18.59 22.20
N ALA M 101 -43.28 -19.49 23.17
CA ALA M 101 -43.66 -19.08 24.53
C ALA M 101 -42.50 -19.36 25.43
N GLY M 102 -42.08 -18.36 26.17
CA GLY M 102 -40.97 -18.56 27.11
C GLY M 102 -41.53 -18.39 28.51
N THR M 103 -40.67 -17.93 29.40
CA THR M 103 -41.00 -17.85 30.80
C THR M 103 -42.08 -16.81 31.16
N LYS M 104 -42.03 -15.63 30.55
CA LYS M 104 -43.02 -14.58 30.87
C LYS M 104 -44.45 -14.90 30.46
N THR M 105 -44.58 -15.58 29.34
CA THR M 105 -45.88 -15.96 28.85
C THR M 105 -46.42 -17.09 29.69
N ALA M 106 -45.56 -18.07 29.94
CA ALA M 106 -45.95 -19.19 30.78
C ALA M 106 -46.39 -18.66 32.16
N GLN M 107 -45.61 -17.80 32.83
CA GLN M 107 -46.06 -17.14 34.08
C GLN M 107 -47.41 -16.45 33.90
N MET M 108 -47.54 -15.60 32.88
CA MET M 108 -48.79 -14.86 32.61
C MET M 108 -49.97 -15.82 32.43
N TRP M 109 -49.77 -16.93 31.73
CA TRP M 109 -50.83 -17.92 31.66
C TRP M 109 -51.17 -18.54 33.02
N TYR M 110 -50.15 -18.82 33.85
CA TYR M 110 -50.38 -19.41 35.19
C TYR M 110 -51.24 -18.50 36.07
N GLN M 111 -50.99 -17.19 36.01
CA GLN M 111 -51.77 -16.24 36.81
C GLN M 111 -53.21 -16.16 36.38
N GLN M 112 -53.49 -16.41 35.11
CA GLN M 112 -54.88 -16.43 34.61
C GLN M 112 -55.53 -17.72 35.06
N GLY M 113 -54.73 -18.60 35.62
CA GLY M 113 -55.21 -19.79 36.24
C GLY M 113 -55.35 -20.93 35.26
N PHE M 114 -54.55 -20.93 34.19
CA PHE M 114 -54.49 -22.05 33.24
C PHE M 114 -53.50 -23.10 33.74
N ARG M 115 -53.68 -24.34 33.33
CA ARG M 115 -52.94 -25.42 33.96
C ARG M 115 -52.68 -26.57 33.05
N SER M 116 -53.28 -26.55 31.88
CA SER M 116 -53.09 -27.64 30.91
C SER M 116 -53.05 -27.01 29.50
N LEU M 117 -52.62 -27.78 28.52
CA LEU M 117 -52.58 -27.29 27.12
C LEU M 117 -53.98 -26.95 26.54
N GLU M 118 -54.98 -27.67 27.04
CA GLU M 118 -56.38 -27.44 26.69
C GLU M 118 -56.85 -26.13 27.17
N ASP M 119 -56.45 -25.78 28.38
CA ASP M 119 -56.77 -24.46 28.91
C ASP M 119 -56.26 -23.43 27.89
N ILE M 120 -54.99 -23.60 27.50
CA ILE M 120 -54.28 -22.68 26.59
C ILE M 120 -55.06 -22.51 25.27
N ARG M 121 -55.20 -23.61 24.56
CA ARG M 121 -55.91 -23.66 23.28
C ARG M 121 -57.29 -23.00 23.23
N SER M 122 -58.12 -23.31 24.22
CA SER M 122 -59.52 -22.88 24.24
C SER M 122 -59.65 -21.49 24.79
N GLN M 123 -58.74 -21.09 25.67
CA GLN M 123 -58.88 -19.79 26.32
C GLN M 123 -57.77 -18.76 26.12
N ALA M 124 -56.59 -19.14 25.63
CA ALA M 124 -55.48 -18.17 25.57
C ALA M 124 -55.31 -17.49 24.23
N SER M 125 -55.11 -16.17 24.25
CA SER M 125 -54.60 -15.47 23.08
C SER M 125 -53.22 -16.11 22.78
N LEU M 126 -52.95 -16.31 21.51
CA LEU M 126 -51.77 -16.99 21.05
C LEU M 126 -51.29 -16.28 19.83
N THR M 127 -50.01 -15.87 19.85
CA THR M 127 -49.32 -15.40 18.65
C THR M 127 -49.37 -16.46 17.57
N THR M 128 -49.06 -16.06 16.35
CA THR M 128 -49.09 -16.99 15.25
C THR M 128 -48.08 -18.10 15.53
N GLN M 129 -46.94 -17.68 16.02
CA GLN M 129 -45.87 -18.64 16.26
C GLN M 129 -46.31 -19.66 17.32
N GLN M 130 -46.87 -19.16 18.41
CA GLN M 130 -47.28 -20.06 19.51
C GLN M 130 -48.38 -21.00 19.09
N ALA M 131 -49.26 -20.52 18.19
CA ALA M 131 -50.31 -21.36 17.70
C ALA M 131 -49.69 -22.53 17.00
N ILE M 132 -48.65 -22.23 16.22
CA ILE M 132 -48.00 -23.30 15.48
C ILE M 132 -47.25 -24.23 16.41
N GLY M 133 -46.57 -23.66 17.38
CA GLY M 133 -45.87 -24.50 18.39
C GLY M 133 -46.84 -25.40 19.17
N LEU M 134 -47.95 -24.82 19.63
CA LEU M 134 -48.95 -25.56 20.43
C LEU M 134 -49.51 -26.67 19.62
N LYS M 135 -49.86 -26.37 18.38
CA LYS M 135 -50.37 -27.38 17.46
C LYS M 135 -49.46 -28.59 17.27
N HIS M 136 -48.14 -28.37 17.28
CA HIS M 136 -47.20 -29.47 17.07
C HIS M 136 -46.42 -29.73 18.36
N TYR M 137 -46.99 -29.35 19.50
CA TYR M 137 -46.37 -29.54 20.79
C TYR M 137 -45.60 -30.83 20.91
N SER M 138 -46.28 -31.92 20.61
CA SER M 138 -45.76 -33.26 20.82
C SER M 138 -44.66 -33.61 19.84
N ASP M 139 -44.80 -33.22 18.59
CA ASP M 139 -43.73 -33.57 17.62
C ASP M 139 -42.46 -32.79 17.95
N PHE M 140 -42.59 -31.54 18.29
CA PHE M 140 -41.42 -30.73 18.50
C PHE M 140 -40.62 -31.15 19.74
N LEU M 141 -41.29 -31.61 20.80
CA LEU M 141 -40.63 -32.14 22.00
C LEU M 141 -39.81 -33.41 21.70
N GLU M 142 -39.99 -34.04 20.56
CA GLU M 142 -39.24 -35.26 20.28
C GLU M 142 -38.03 -35.10 19.38
N ARG M 143 -36.89 -35.59 19.85
CA ARG M 143 -35.67 -35.63 19.04
C ARG M 143 -35.85 -36.65 17.96
N MET M 144 -35.19 -36.47 16.84
CA MET M 144 -35.45 -37.29 15.70
C MET M 144 -34.20 -38.05 15.50
N PRO M 145 -34.29 -39.20 14.87
CA PRO M 145 -33.06 -39.91 14.65
C PRO M 145 -32.26 -39.27 13.55
N ARG M 146 -30.96 -39.42 13.66
CA ARG M 146 -29.99 -38.84 12.76
C ARG M 146 -30.32 -39.08 11.29
N GLU M 147 -30.84 -40.26 10.99
CA GLU M 147 -31.15 -40.63 9.60
C GLU M 147 -32.37 -39.87 9.01
N GLU M 148 -33.32 -39.45 9.84
CA GLU M 148 -34.42 -38.57 9.38
C GLU M 148 -33.85 -37.13 9.13
N ALA M 149 -32.97 -36.66 10.03
CA ALA M 149 -32.21 -35.40 9.76
C ALA M 149 -31.52 -35.43 8.37
N THR M 150 -30.82 -36.50 8.07
CA THR M 150 -30.23 -36.64 6.73
C THR M 150 -31.26 -36.51 5.62
N GLU M 151 -32.44 -37.10 5.82
CA GLU M 151 -33.46 -37.10 4.79
C GLU M 151 -33.97 -35.69 4.61
N ILE M 152 -34.12 -34.98 5.71
CA ILE M 152 -34.52 -33.59 5.68
C ILE M 152 -33.52 -32.73 4.91
N GLU M 153 -32.22 -32.94 5.15
CA GLU M 153 -31.16 -32.17 4.48
C GLU M 153 -31.14 -32.45 3.01
N GLN M 154 -31.28 -33.71 2.65
CA GLN M 154 -31.28 -34.09 1.26
C GLN M 154 -32.43 -33.54 0.45
N THR M 155 -33.60 -33.43 1.05
CA THR M 155 -34.71 -32.76 0.42
C THR M 155 -34.40 -31.25 0.18
N VAL M 156 -33.82 -30.58 1.19
CA VAL M 156 -33.46 -29.15 0.99
C VAL M 156 -32.42 -28.99 -0.08
N GLN M 157 -31.38 -29.82 -0.05
CA GLN M 157 -30.31 -29.79 -1.04
C GLN M 157 -30.71 -30.10 -2.49
N LYS M 158 -31.53 -31.11 -2.72
CA LYS M 158 -32.01 -31.34 -4.09
C LYS M 158 -32.75 -30.15 -4.61
N ALA M 159 -33.71 -29.65 -3.83
CA ALA M 159 -34.51 -28.51 -4.29
C ALA M 159 -33.60 -27.27 -4.58
N ALA M 160 -32.52 -27.10 -3.83
CA ALA M 160 -31.62 -25.92 -4.03
C ALA M 160 -30.71 -26.09 -5.22
N GLN M 161 -30.14 -27.28 -5.36
CA GLN M 161 -29.26 -27.59 -6.45
C GLN M 161 -29.98 -27.73 -7.78
N ALA M 162 -31.29 -27.85 -7.77
CA ALA M 162 -32.07 -27.77 -8.99
C ALA M 162 -32.07 -26.34 -9.53
N PHE M 163 -31.78 -25.35 -8.67
CA PHE M 163 -31.65 -23.97 -9.09
C PHE M 163 -30.25 -23.69 -9.56
N ASN M 164 -29.27 -24.17 -8.81
CA ASN M 164 -27.91 -23.96 -9.22
C ASN M 164 -27.05 -25.07 -8.66
N SER M 165 -26.38 -25.77 -9.57
CA SER M 165 -25.82 -27.06 -9.24
C SER M 165 -24.56 -26.91 -8.40
N GLY M 166 -23.94 -25.73 -8.35
CA GLY M 166 -22.73 -25.51 -7.55
C GLY M 166 -23.01 -25.03 -6.11
N LEU M 167 -24.26 -24.93 -5.73
CA LEU M 167 -24.60 -24.60 -4.34
C LEU M 167 -24.09 -25.68 -3.33
N LEU M 168 -23.56 -25.22 -2.21
CA LEU M 168 -23.14 -26.08 -1.12
C LEU M 168 -24.23 -26.00 -0.08
N CYS M 169 -24.79 -27.15 0.30
CA CYS M 169 -25.75 -27.24 1.41
C CYS M 169 -25.21 -28.17 2.48
N VAL M 170 -25.30 -27.75 3.74
CA VAL M 170 -24.82 -28.57 4.84
C VAL M 170 -25.72 -28.45 6.08
N ALA M 171 -26.11 -29.59 6.61
CA ALA M 171 -26.81 -29.64 7.88
C ALA M 171 -25.83 -29.43 9.06
N CYS M 172 -26.21 -28.55 9.98
CA CYS M 172 -25.31 -28.15 11.02
C CYS M 172 -25.79 -28.69 12.35
N GLY M 173 -25.66 -27.92 13.42
CA GLY M 173 -26.17 -28.35 14.73
C GLY M 173 -25.66 -29.72 15.18
N SER M 174 -26.49 -30.42 15.98
CA SER M 174 -26.11 -31.70 16.60
C SER M 174 -25.90 -32.77 15.53
N TYR M 175 -26.57 -32.69 14.41
CA TYR M 175 -26.26 -33.54 13.27
C TYR M 175 -24.82 -33.47 12.84
N ARG M 176 -24.26 -32.27 12.71
CA ARG M 176 -22.96 -32.18 12.12
C ARG M 176 -22.01 -32.58 13.20
N ARG M 177 -22.42 -32.44 14.47
CA ARG M 177 -21.54 -32.83 15.55
C ARG M 177 -21.59 -34.33 15.74
N GLY M 178 -22.37 -35.03 14.90
CA GLY M 178 -22.38 -36.49 14.88
C GLY M 178 -23.32 -37.18 15.90
N LYS M 179 -24.22 -36.47 16.57
CA LYS M 179 -25.10 -37.11 17.57
C LYS M 179 -26.09 -38.09 16.95
N ALA M 180 -26.65 -38.97 17.78
CA ALA M 180 -27.48 -40.06 17.23
C ALA M 180 -28.85 -39.46 16.96
N THR M 181 -29.27 -38.53 17.76
CA THR M 181 -30.54 -37.88 17.54
C THR M 181 -30.39 -36.35 17.53
N CYS M 182 -31.34 -35.66 16.90
CA CYS M 182 -31.31 -34.19 16.79
C CYS M 182 -32.58 -33.48 17.16
N GLY M 183 -32.43 -32.38 17.87
CA GLY M 183 -33.56 -31.50 18.23
C GLY M 183 -34.31 -30.88 17.05
N ASP M 184 -33.61 -30.59 15.97
CA ASP M 184 -34.14 -29.76 14.90
C ASP M 184 -33.11 -29.87 13.78
N VAL M 185 -33.40 -29.39 12.57
CA VAL M 185 -32.39 -29.36 11.47
C VAL M 185 -32.14 -27.89 11.00
N ASP M 186 -30.88 -27.47 10.93
CA ASP M 186 -30.46 -26.18 10.36
C ASP M 186 -29.67 -26.52 9.10
N VAL M 187 -30.04 -26.02 7.92
CA VAL M 187 -29.28 -26.26 6.70
C VAL M 187 -28.73 -24.94 6.25
N LEU M 188 -27.41 -24.91 6.11
CA LEU M 188 -26.64 -23.77 5.65
C LEU M 188 -26.32 -23.90 4.20
N ILE M 189 -26.61 -22.85 3.40
CA ILE M 189 -26.37 -22.87 1.97
C ILE M 189 -25.52 -21.72 1.54
N THR M 190 -24.58 -21.98 0.64
CA THR M 190 -23.74 -20.92 0.12
C THR M 190 -23.32 -21.29 -1.31
N HIS M 191 -22.60 -20.41 -1.99
CA HIS M 191 -21.97 -20.79 -3.29
C HIS M 191 -20.51 -20.37 -3.35
N PRO M 192 -19.56 -21.28 -3.75
CA PRO M 192 -18.19 -20.83 -3.75
C PRO M 192 -17.82 -19.74 -4.71
N ASP M 193 -18.65 -19.35 -5.67
CA ASP M 193 -18.27 -18.18 -6.50
C ASP M 193 -18.59 -16.83 -5.80
N GLY M 194 -19.12 -16.84 -4.57
CA GLY M 194 -19.29 -15.55 -3.88
C GLY M 194 -20.54 -14.74 -4.18
N ARG M 195 -21.28 -15.11 -5.20
CA ARG M 195 -22.52 -14.42 -5.50
C ARG M 195 -23.72 -15.18 -6.03
N SER M 196 -23.56 -16.38 -6.54
CA SER M 196 -24.71 -17.09 -7.09
C SER M 196 -25.63 -17.68 -5.98
N HIS M 197 -25.30 -17.49 -4.70
CA HIS M 197 -26.30 -17.75 -3.65
C HIS M 197 -27.48 -16.78 -3.65
N ARG M 198 -27.35 -15.66 -4.35
CA ARG M 198 -28.36 -14.61 -4.28
C ARG M 198 -29.64 -15.02 -5.02
N GLY M 199 -30.79 -14.69 -4.47
CA GLY M 199 -32.07 -15.04 -5.11
C GLY M 199 -32.45 -16.51 -4.93
N ILE M 200 -31.66 -17.29 -4.22
CA ILE M 200 -31.95 -18.72 -4.05
C ILE M 200 -33.01 -18.93 -2.96
N PHE M 201 -32.85 -18.15 -1.88
CA PHE M 201 -33.67 -18.26 -0.70
C PHE M 201 -35.17 -18.33 -1.00
N SER M 202 -35.72 -17.32 -1.63
CA SER M 202 -37.16 -17.25 -1.77
C SER M 202 -37.62 -18.31 -2.76
N ARG M 203 -36.84 -18.59 -3.77
CA ARG M 203 -37.25 -19.55 -4.77
C ARG M 203 -37.22 -20.94 -4.13
N LEU M 204 -36.26 -21.14 -3.24
CA LEU M 204 -36.12 -22.43 -2.54
C LEU M 204 -37.31 -22.62 -1.65
N LEU M 205 -37.70 -21.61 -0.95
CA LEU M 205 -38.77 -21.82 -0.01
C LEU M 205 -40.10 -22.09 -0.76
N ASP M 206 -40.36 -21.35 -1.83
CA ASP M 206 -41.59 -21.62 -2.54
C ASP M 206 -41.57 -22.98 -3.30
N SER M 207 -40.43 -23.46 -3.76
CA SER M 207 -40.34 -24.82 -4.28
C SER M 207 -40.69 -25.89 -3.19
N LEU M 208 -40.19 -25.66 -1.98
CA LEU M 208 -40.44 -26.59 -0.88
C LEU M 208 -41.88 -26.53 -0.33
N ARG M 209 -42.49 -25.36 -0.34
CA ARG M 209 -43.93 -25.21 -0.04
C ARG M 209 -44.80 -26.01 -0.98
N GLN M 210 -44.44 -26.03 -2.24
CA GLN M 210 -45.28 -26.63 -3.25
C GLN M 210 -45.10 -28.13 -3.31
N GLU M 211 -44.01 -28.69 -2.81
CA GLU M 211 -43.99 -30.13 -2.74
C GLU M 211 -44.69 -30.58 -1.43
N GLY M 212 -45.26 -29.63 -0.69
CA GLY M 212 -45.83 -29.84 0.63
C GLY M 212 -44.83 -30.16 1.76
N PHE M 213 -43.55 -29.87 1.58
CA PHE M 213 -42.50 -30.20 2.59
C PHE M 213 -42.54 -29.23 3.74
N LEU M 214 -42.66 -27.93 3.43
CA LEU M 214 -42.89 -26.90 4.43
C LEU M 214 -44.38 -26.78 4.70
N THR M 215 -44.76 -27.01 5.96
CA THR M 215 -46.16 -27.06 6.38
C THR M 215 -46.56 -25.83 7.15
N ASP M 216 -45.58 -25.02 7.56
CA ASP M 216 -45.88 -23.78 8.32
C ASP M 216 -44.58 -22.98 8.53
N ASP M 217 -44.71 -21.67 8.71
CA ASP M 217 -43.57 -20.79 8.75
C ASP M 217 -43.58 -20.08 10.05
N LEU M 218 -42.50 -20.13 10.81
CA LEU M 218 -42.47 -19.37 12.06
C LEU M 218 -41.95 -17.97 11.84
N VAL M 219 -40.88 -17.87 11.06
CA VAL M 219 -40.36 -16.56 10.58
C VAL M 219 -40.00 -16.80 9.12
N SER M 220 -40.78 -16.22 8.24
CA SER M 220 -40.66 -16.44 6.78
C SER M 220 -39.35 -15.98 6.23
N GLN M 221 -38.88 -14.85 6.73
CA GLN M 221 -37.61 -14.32 6.32
C GLN M 221 -37.02 -13.43 7.39
N GLU M 222 -35.76 -13.67 7.74
CA GLU M 222 -35.07 -12.76 8.56
C GLU M 222 -33.80 -12.36 7.78
N GLU M 223 -33.43 -11.09 7.82
CA GLU M 223 -32.23 -10.62 7.10
C GLU M 223 -31.34 -10.06 8.14
N ASN M 224 -30.17 -10.63 8.22
CA ASN M 224 -29.23 -10.22 9.21
C ASN M 224 -27.95 -10.00 8.47
N GLY M 225 -27.67 -8.73 8.21
CA GLY M 225 -26.64 -8.37 7.30
C GLY M 225 -26.80 -9.05 5.95
N GLN M 226 -25.74 -9.77 5.58
CA GLN M 226 -25.69 -10.47 4.36
C GLN M 226 -26.34 -11.87 4.36
N GLN M 227 -26.89 -12.26 5.45
CA GLN M 227 -27.48 -13.60 5.56
C GLN M 227 -28.97 -13.54 5.47
N GLN M 228 -29.57 -14.59 4.91
CA GLN M 228 -31.00 -14.74 4.97
C GLN M 228 -31.37 -16.00 5.71
N LYS M 229 -32.37 -15.92 6.60
CA LYS M 229 -32.76 -17.04 7.43
C LYS M 229 -34.28 -17.27 7.47
N TYR M 230 -34.64 -18.53 7.31
CA TYR M 230 -35.97 -19.00 7.38
C TYR M 230 -36.12 -19.91 8.62
N LEU M 231 -37.17 -19.71 9.41
CA LEU M 231 -37.47 -20.57 10.56
C LEU M 231 -38.86 -21.14 10.37
N GLY M 232 -39.01 -22.46 10.29
CA GLY M 232 -40.31 -23.09 10.12
C GLY M 232 -40.41 -24.58 10.40
N VAL M 233 -41.33 -25.23 9.71
CA VAL M 233 -41.77 -26.60 10.05
C VAL M 233 -41.84 -27.43 8.84
N CYS M 234 -41.20 -28.59 8.86
CA CYS M 234 -41.27 -29.45 7.71
C CYS M 234 -41.82 -30.84 8.12
N ARG M 235 -42.11 -31.64 7.11
CA ARG M 235 -42.54 -33.01 7.31
C ARG M 235 -42.28 -33.83 6.12
N LEU M 236 -41.48 -34.87 6.29
CA LEU M 236 -41.14 -35.72 5.19
C LEU M 236 -42.44 -36.38 4.62
N PRO M 237 -42.41 -36.76 3.35
CA PRO M 237 -43.60 -37.39 2.80
C PRO M 237 -43.78 -38.80 3.41
N GLY M 238 -45.04 -39.23 3.54
CA GLY M 238 -45.39 -40.64 3.78
C GLY M 238 -46.14 -40.76 5.11
N PRO M 239 -46.63 -41.97 5.41
CA PRO M 239 -47.48 -42.17 6.59
C PRO M 239 -46.74 -42.08 7.96
N GLY M 240 -47.37 -41.43 8.95
CA GLY M 240 -46.85 -41.30 10.32
C GLY M 240 -45.60 -40.45 10.59
N ARG M 241 -45.19 -39.64 9.63
CA ARG M 241 -44.02 -38.77 9.80
C ARG M 241 -44.35 -37.67 10.75
N ARG M 242 -43.39 -37.32 11.59
CA ARG M 242 -43.57 -36.20 12.47
C ARG M 242 -43.23 -34.87 11.77
N HIS M 243 -43.92 -33.81 12.19
CA HIS M 243 -43.54 -32.45 11.90
C HIS M 243 -42.27 -32.11 12.69
N ARG M 244 -41.29 -31.54 12.00
CA ARG M 244 -39.96 -31.17 12.57
C ARG M 244 -39.63 -29.70 12.35
N ARG M 245 -38.86 -29.18 13.30
CA ARG M 245 -38.38 -27.81 13.26
C ARG M 245 -37.18 -27.76 12.29
N LEU M 246 -37.30 -26.87 11.30
CA LEU M 246 -36.33 -26.70 10.22
C LEU M 246 -35.95 -25.22 10.08
N ASP M 247 -34.64 -24.95 10.03
CA ASP M 247 -34.11 -23.62 9.69
C ASP M 247 -33.30 -23.76 8.38
N ILE M 248 -33.39 -22.76 7.52
CA ILE M 248 -32.60 -22.70 6.35
C ILE M 248 -31.89 -21.36 6.33
N ILE M 249 -30.56 -21.36 6.13
CA ILE M 249 -29.76 -20.16 6.16
C ILE M 249 -28.94 -20.03 4.90
N VAL M 250 -29.07 -18.90 4.21
CA VAL M 250 -28.33 -18.62 2.95
C VAL M 250 -27.38 -17.52 3.19
N VAL M 251 -26.13 -17.82 2.93
CA VAL M 251 -24.98 -17.00 3.34
C VAL M 251 -24.00 -16.86 2.15
N PRO M 252 -23.34 -15.69 2.03
CA PRO M 252 -22.25 -15.54 1.01
C PRO M 252 -21.05 -16.35 1.42
N TYR M 253 -20.26 -16.80 0.46
CA TYR M 253 -19.11 -17.61 0.73
C TYR M 253 -18.10 -17.04 1.71
N SER M 254 -17.91 -15.72 1.74
CA SER M 254 -16.94 -15.16 2.68
C SER M 254 -17.32 -15.34 4.16
N GLU M 255 -18.61 -15.52 4.42
CA GLU M 255 -19.09 -15.76 5.79
C GLU M 255 -19.29 -17.26 6.17
N PHE M 256 -18.97 -18.16 5.27
CA PHE M 256 -19.34 -19.57 5.40
C PHE M 256 -18.66 -20.25 6.60
N ALA M 257 -17.37 -20.01 6.80
CA ALA M 257 -16.71 -20.67 7.95
C ALA M 257 -17.31 -20.23 9.28
N CYS M 258 -17.57 -18.95 9.40
CA CYS M 258 -18.13 -18.42 10.62
C CYS M 258 -19.57 -18.84 10.81
N ALA M 259 -20.37 -18.92 9.74
CA ALA M 259 -21.75 -19.43 9.87
C ALA M 259 -21.72 -20.93 10.23
N LEU M 260 -20.86 -21.67 9.60
CA LEU M 260 -20.68 -23.09 9.91
C LEU M 260 -20.36 -23.29 11.40
N LEU M 261 -19.43 -22.51 11.90
CA LEU M 261 -19.03 -22.58 13.30
C LEU M 261 -20.18 -22.26 14.22
N TYR M 262 -20.93 -21.21 13.90
CA TYR M 262 -21.99 -20.74 14.76
C TYR M 262 -23.16 -21.71 14.81
N PHE M 263 -23.57 -22.19 13.65
CA PHE M 263 -24.75 -23.05 13.55
C PHE M 263 -24.47 -24.53 13.92
N THR M 264 -23.21 -24.94 13.93
CA THR M 264 -22.82 -26.24 14.43
C THR M 264 -22.76 -26.22 15.95
N GLY M 265 -22.40 -25.10 16.56
CA GLY M 265 -22.43 -25.01 18.01
C GLY M 265 -21.45 -25.98 18.67
N SER M 266 -21.75 -26.46 19.91
CA SER M 266 -23.00 -26.18 20.62
C SER M 266 -23.01 -24.76 21.10
N ALA M 267 -24.13 -24.37 21.70
CA ALA M 267 -24.27 -23.06 22.26
C ALA M 267 -23.22 -22.81 23.29
N HIS M 268 -22.87 -23.84 24.06
CA HIS M 268 -21.82 -23.67 25.08
C HIS M 268 -20.46 -23.47 24.43
N PHE M 269 -20.23 -24.19 23.38
CA PHE M 269 -18.98 -24.08 22.66
C PHE M 269 -18.86 -22.68 22.06
N ASN M 270 -19.89 -22.20 21.37
CA ASN M 270 -19.91 -20.78 20.86
C ASN M 270 -19.65 -19.76 21.95
N ARG M 271 -20.30 -19.93 23.08
CA ARG M 271 -20.14 -18.99 24.20
C ARG M 271 -18.68 -18.93 24.68
N SER M 272 -18.03 -20.08 24.69
CA SER M 272 -16.60 -20.17 25.04
C SER M 272 -15.73 -19.58 23.93
N MET M 273 -16.12 -19.74 22.67
CA MET M 273 -15.40 -19.05 21.59
C MET M 273 -15.55 -17.55 21.68
N ARG M 274 -16.75 -17.05 21.96
CA ARG M 274 -16.96 -15.65 22.05
C ARG M 274 -16.12 -15.07 23.20
N ALA M 275 -16.00 -15.79 24.31
CA ALA M 275 -15.32 -15.26 25.45
C ALA M 275 -13.82 -15.24 25.16
N LEU M 276 -13.33 -16.26 24.49
CA LEU M 276 -11.95 -16.27 24.12
C LEU M 276 -11.62 -15.15 23.15
N ALA M 277 -12.43 -14.97 22.11
CA ALA M 277 -12.31 -13.77 21.25
C ALA M 277 -12.28 -12.49 22.08
N LYS M 278 -13.20 -12.38 23.04
CA LYS M 278 -13.25 -11.14 23.80
C LYS M 278 -11.91 -10.88 24.50
N THR M 279 -11.21 -11.92 24.93
CA THR M 279 -9.95 -11.70 25.66
C THR M 279 -8.87 -11.30 24.74
N LYS M 280 -9.06 -11.46 23.42
CA LYS M 280 -8.03 -11.06 22.47
C LYS M 280 -8.41 -9.81 21.72
N GLY M 281 -9.29 -9.00 22.27
CA GLY M 281 -9.86 -7.83 21.59
C GLY M 281 -10.63 -8.10 20.29
N MET M 282 -11.33 -9.23 20.23
CA MET M 282 -12.01 -9.64 18.98
C MET M 282 -13.46 -9.98 19.31
N SER M 283 -14.33 -10.06 18.31
CA SER M 283 -15.67 -10.65 18.49
C SER M 283 -15.89 -11.69 17.45
N LEU M 284 -16.77 -12.60 17.78
CA LEU M 284 -17.05 -13.73 16.91
C LEU M 284 -18.56 -13.82 16.77
N SER M 285 -19.05 -13.67 15.55
CA SER M 285 -20.45 -13.88 15.33
C SER M 285 -20.65 -14.96 14.28
N GLU M 286 -21.89 -15.10 13.87
CA GLU M 286 -22.24 -15.90 12.74
C GLU M 286 -21.73 -15.34 11.38
N HIS M 287 -21.33 -14.07 11.32
CA HIS M 287 -20.83 -13.41 10.08
C HIS M 287 -19.32 -13.43 9.98
N ALA M 288 -18.63 -13.23 11.11
CA ALA M 288 -17.26 -12.93 11.08
C ALA M 288 -16.55 -13.00 12.40
N LEU M 289 -15.23 -13.20 12.29
CA LEU M 289 -14.32 -12.90 13.35
C LEU M 289 -13.79 -11.51 13.02
N SER M 290 -13.91 -10.57 13.95
CA SER M 290 -13.56 -9.15 13.69
C SER M 290 -12.71 -8.62 14.81
N THR M 291 -11.88 -7.61 14.55
CA THR M 291 -11.19 -6.94 15.61
C THR M 291 -12.20 -6.00 16.30
N ALA M 292 -11.70 -5.31 17.31
CA ALA M 292 -12.48 -4.40 18.21
C ALA M 292 -13.42 -3.41 17.54
N VAL M 293 -14.59 -3.21 18.12
CA VAL M 293 -15.51 -2.17 17.61
C VAL M 293 -14.88 -0.75 17.76
N VAL M 294 -15.01 0.05 16.69
CA VAL M 294 -14.47 1.44 16.59
C VAL M 294 -15.15 2.47 17.53
N ARG M 295 -14.34 3.45 17.98
CA ARG M 295 -14.72 4.45 18.98
C ARG M 295 -14.25 5.84 18.53
N HIS M 298 -13.02 10.62 25.10
CA HIS M 298 -13.87 9.47 24.87
C HIS M 298 -15.11 9.81 24.00
N GLY M 299 -14.94 10.55 22.90
CA GLY M 299 -15.97 10.60 21.84
C GLY M 299 -16.03 9.22 21.22
N CYS M 300 -16.87 8.35 21.79
CA CYS M 300 -16.70 6.89 21.66
C CYS M 300 -17.98 6.10 21.33
N LYS M 301 -17.77 4.84 20.89
CA LYS M 301 -18.77 3.84 20.38
C LYS M 301 -19.02 3.96 18.85
N VAL M 302 -19.83 3.06 18.32
CA VAL M 302 -20.38 3.18 16.93
C VAL M 302 -19.42 3.13 15.68
N GLY M 303 -19.27 1.91 15.16
CA GLY M 303 -18.56 1.56 13.91
C GLY M 303 -18.10 0.09 14.02
N PRO M 304 -18.49 -0.78 13.09
CA PRO M 304 -18.05 -2.19 13.29
C PRO M 304 -16.51 -2.43 13.18
N GLY M 305 -15.97 -3.41 13.88
CA GLY M 305 -14.59 -3.68 13.74
C GLY M 305 -14.30 -4.21 12.35
N ARG M 306 -13.05 -4.25 12.03
CA ARG M 306 -12.56 -4.85 10.81
C ARG M 306 -12.59 -6.42 10.83
N VAL M 307 -13.10 -6.99 9.75
CA VAL M 307 -13.24 -8.44 9.59
C VAL M 307 -11.91 -9.05 9.29
N LEU M 308 -11.58 -10.14 9.96
CA LEU M 308 -10.37 -10.92 9.69
C LEU M 308 -10.82 -12.05 8.79
N PRO M 309 -10.43 -12.05 7.51
CA PRO M 309 -10.96 -13.10 6.63
C PRO M 309 -10.60 -14.52 7.11
N THR M 310 -11.58 -15.40 7.01
CA THR M 310 -11.49 -16.77 7.54
C THR M 310 -12.13 -17.67 6.53
N PRO M 311 -11.32 -18.20 5.60
CA PRO M 311 -11.90 -19.03 4.57
C PRO M 311 -12.34 -20.38 5.07
N THR M 312 -11.80 -20.88 6.18
CA THR M 312 -12.33 -22.18 6.71
C THR M 312 -12.43 -22.05 8.20
N GLU M 313 -13.15 -23.00 8.81
CA GLU M 313 -13.26 -23.04 10.27
C GLU M 313 -11.89 -22.99 10.91
N LYS M 314 -10.91 -23.68 10.32
CA LYS M 314 -9.57 -23.80 10.91
C LYS M 314 -8.91 -22.46 11.05
N ASP M 315 -9.24 -21.54 10.14
CA ASP M 315 -8.66 -20.21 10.24
C ASP M 315 -9.19 -19.45 11.45
N VAL M 316 -10.42 -19.73 11.88
CA VAL M 316 -10.99 -19.01 13.02
C VAL M 316 -10.27 -19.51 14.28
N PHE M 317 -10.19 -20.80 14.41
CA PHE M 317 -9.44 -21.38 15.49
C PHE M 317 -7.99 -20.92 15.52
N ARG M 318 -7.30 -20.93 14.38
CA ARG M 318 -5.92 -20.46 14.36
C ARG M 318 -5.82 -19.03 14.82
N LEU M 319 -6.70 -18.18 14.31
CA LEU M 319 -6.61 -16.76 14.70
C LEU M 319 -6.97 -16.57 16.17
N LEU M 320 -7.73 -17.47 16.78
CA LEU M 320 -7.96 -17.33 18.21
C LEU M 320 -6.91 -18.07 19.03
N GLY M 321 -5.93 -18.70 18.39
CA GLY M 321 -4.90 -19.49 19.08
C GLY M 321 -5.39 -20.78 19.73
N LEU M 322 -6.50 -21.29 19.30
CA LEU M 322 -7.07 -22.51 19.83
C LEU M 322 -6.71 -23.64 18.87
N PRO M 323 -6.33 -24.81 19.38
CA PRO M 323 -6.16 -25.94 18.47
C PRO M 323 -7.51 -26.35 17.89
N TYR M 324 -7.52 -26.73 16.64
CA TYR M 324 -8.73 -27.07 15.93
C TYR M 324 -9.49 -28.20 16.57
N ARG M 325 -10.81 -28.05 16.68
CA ARG M 325 -11.68 -29.09 17.15
C ARG M 325 -12.61 -29.44 16.03
N GLU M 326 -12.63 -30.70 15.63
CA GLU M 326 -13.67 -31.29 14.82
C GLU M 326 -15.07 -31.05 15.40
N PRO M 327 -16.09 -31.00 14.53
CA PRO M 327 -17.45 -30.79 15.03
C PRO M 327 -17.85 -31.70 16.18
N ALA M 328 -17.45 -32.98 16.07
CA ALA M 328 -17.79 -33.98 17.10
C ALA M 328 -17.18 -33.74 18.50
N GLU M 329 -16.14 -32.95 18.57
CA GLU M 329 -15.51 -32.53 19.79
C GLU M 329 -16.04 -31.18 20.29
N ARG M 330 -17.18 -30.71 19.85
CA ARG M 330 -17.57 -29.32 20.22
C ARG M 330 -18.82 -29.26 21.08
N ASP M 331 -19.06 -30.28 21.88
CA ASP M 331 -20.25 -30.18 22.73
C ASP M 331 -19.94 -29.17 23.78
N TRP M 332 -18.67 -29.08 24.16
CA TRP M 332 -18.18 -28.01 25.01
C TRP M 332 -16.67 -27.99 24.90
N LEU M 333 -16.06 -26.97 25.45
CA LEU M 333 -14.64 -26.79 25.44
C LEU M 333 -14.02 -26.86 26.86
N GLU M 334 -13.17 -27.85 27.15
CA GLU M 334 -12.22 -27.77 28.29
C GLU M 334 -10.88 -28.36 27.89
N HIS M 335 -10.78 -29.70 27.92
CA HIS M 335 -9.61 -30.46 27.42
C HIS M 335 -10.05 -31.73 26.71
#